data_2K2X
#
_entry.id   2K2X
#
_entity_poly.entity_id   1
_entity_poly.type   'polypeptide(L)'
_entity_poly.pdbx_seq_one_letter_code
;NECVSKGFGCLPQSDCPQEARLSYGGCSTVCCDLSKLTGCKGKGGECNPLDRQCKELQAESASCGKGQKCCVWLH
;
_entity_poly.pdbx_strand_id   A
#
# COMPACT_ATOMS: atom_id res chain seq x y z
N ASN A 1 11.35 -13.64 16.58
CA ASN A 1 10.74 -12.46 15.92
C ASN A 1 10.72 -12.66 14.41
N GLU A 2 9.51 -12.78 13.85
CA GLU A 2 9.27 -12.96 12.43
C GLU A 2 8.87 -11.63 11.77
N CYS A 3 7.95 -10.88 12.40
CA CYS A 3 7.42 -9.61 11.88
C CYS A 3 8.49 -8.51 11.79
N VAL A 4 9.54 -8.58 12.63
CA VAL A 4 10.75 -7.77 12.52
C VAL A 4 11.51 -8.12 11.22
N SER A 5 11.78 -9.42 11.00
CA SER A 5 12.55 -9.93 9.87
C SER A 5 11.87 -9.67 8.53
N LYS A 6 10.52 -9.64 8.49
CA LYS A 6 9.72 -9.35 7.30
C LYS A 6 9.50 -7.84 7.10
N GLY A 7 9.45 -7.05 8.19
CA GLY A 7 9.35 -5.60 8.16
C GLY A 7 7.90 -5.09 8.25
N PHE A 8 7.19 -5.45 9.33
CA PHE A 8 5.85 -5.00 9.69
C PHE A 8 5.81 -4.45 11.14
N GLY A 9 4.61 -4.02 11.57
CA GLY A 9 4.36 -3.47 12.91
C GLY A 9 3.79 -4.52 13.88
N CYS A 10 3.56 -4.08 15.13
CA CYS A 10 3.01 -4.86 16.24
C CYS A 10 1.82 -4.15 16.91
N LEU A 11 1.05 -3.37 16.14
CA LEU A 11 -0.13 -2.65 16.63
C LEU A 11 -1.17 -3.63 17.21
N PRO A 12 -1.95 -3.22 18.22
CA PRO A 12 -2.95 -4.07 18.84
C PRO A 12 -4.16 -4.30 17.93
N GLN A 13 -4.94 -5.32 18.29
CA GLN A 13 -6.17 -5.75 17.61
C GLN A 13 -7.23 -4.63 17.57
N SER A 14 -7.25 -3.74 18.58
CA SER A 14 -8.17 -2.60 18.64
C SER A 14 -7.79 -1.49 17.63
N ASP A 15 -6.49 -1.28 17.38
CA ASP A 15 -5.99 -0.21 16.52
C ASP A 15 -6.08 -0.62 15.05
N CYS A 16 -5.31 -1.64 14.63
CA CYS A 16 -5.37 -2.19 13.28
C CYS A 16 -6.68 -2.96 13.05
N PRO A 17 -7.15 -3.07 11.78
CA PRO A 17 -8.38 -3.77 11.43
C PRO A 17 -8.19 -5.30 11.49
N GLN A 18 -9.29 -6.04 11.31
CA GLN A 18 -9.36 -7.50 11.45
C GLN A 18 -8.69 -8.25 10.29
N GLU A 19 -8.50 -7.56 9.16
CA GLU A 19 -7.96 -8.07 7.90
C GLU A 19 -6.44 -7.95 7.80
N ALA A 20 -5.86 -6.87 8.34
CA ALA A 20 -4.43 -6.60 8.37
C ALA A 20 -3.64 -7.51 9.32
N ARG A 21 -4.33 -8.30 10.15
CA ARG A 21 -3.77 -9.20 11.15
C ARG A 21 -3.04 -10.37 10.49
N LEU A 22 -1.71 -10.29 10.43
CA LEU A 22 -0.83 -11.35 9.92
C LEU A 22 -0.76 -12.53 10.90
N SER A 23 -0.29 -13.67 10.41
CA SER A 23 -0.21 -14.95 11.13
C SER A 23 1.15 -15.19 11.81
N TYR A 24 2.15 -14.36 11.49
CA TYR A 24 3.50 -14.36 12.05
C TYR A 24 3.51 -14.01 13.54
N GLY A 25 4.67 -14.20 14.20
CA GLY A 25 4.84 -14.03 15.64
C GLY A 25 5.97 -13.06 16.02
N GLY A 26 6.18 -12.90 17.33
CA GLY A 26 7.22 -12.12 17.97
C GLY A 26 6.75 -10.77 18.53
N CYS A 27 5.57 -10.28 18.11
CA CYS A 27 4.96 -9.04 18.61
C CYS A 27 4.40 -9.19 20.04
N SER A 28 3.80 -8.11 20.55
CA SER A 28 3.23 -8.06 21.91
C SER A 28 1.75 -8.39 21.93
N THR A 29 1.09 -8.29 20.76
CA THR A 29 -0.36 -8.43 20.59
C THR A 29 -0.64 -9.18 19.29
N VAL A 30 -0.44 -8.51 18.14
CA VAL A 30 -0.70 -9.02 16.80
C VAL A 30 0.18 -8.23 15.81
N CYS A 31 0.60 -8.87 14.72
CA CYS A 31 1.32 -8.21 13.64
C CYS A 31 0.33 -7.57 12.66
N CYS A 32 0.71 -6.42 12.09
CA CYS A 32 -0.13 -5.62 11.21
C CYS A 32 0.66 -5.17 9.97
N ASP A 33 0.20 -5.56 8.78
CA ASP A 33 0.85 -5.26 7.49
C ASP A 33 0.75 -3.77 7.12
N LEU A 34 1.73 -2.97 7.57
CA LEU A 34 1.81 -1.53 7.33
C LEU A 34 2.02 -1.19 5.84
N SER A 35 2.57 -2.14 5.06
CA SER A 35 2.75 -2.06 3.61
C SER A 35 1.42 -2.01 2.86
N LYS A 36 0.33 -2.48 3.48
CA LYS A 36 -0.97 -2.72 2.87
C LYS A 36 -2.11 -2.05 3.64
N LEU A 37 -1.76 -1.28 4.68
CA LEU A 37 -2.68 -0.54 5.55
C LEU A 37 -3.03 0.82 4.95
N THR A 38 -2.02 1.51 4.40
CA THR A 38 -2.10 2.88 3.87
C THR A 38 -2.26 2.87 2.35
N GLY A 39 -1.18 2.68 1.60
CA GLY A 39 -1.17 2.75 0.13
C GLY A 39 0.26 2.92 -0.40
N CYS A 40 0.46 3.95 -1.25
CA CYS A 40 1.73 4.26 -1.89
C CYS A 40 2.85 4.50 -0.86
N LYS A 41 2.54 5.22 0.23
CA LYS A 41 3.43 5.49 1.37
C LYS A 41 3.85 4.22 2.13
N GLY A 42 3.06 3.14 2.07
CA GLY A 42 3.23 1.92 2.85
C GLY A 42 4.60 1.24 2.68
N LYS A 43 5.16 1.30 1.46
CA LYS A 43 6.52 0.89 1.12
C LYS A 43 7.36 2.02 0.52
N GLY A 44 6.73 3.08 -0.01
CA GLY A 44 7.38 4.34 -0.36
C GLY A 44 6.82 4.94 -1.66
N GLY A 45 6.51 4.08 -2.64
CA GLY A 45 5.81 4.45 -3.86
C GLY A 45 6.71 5.03 -4.94
N GLU A 46 6.13 5.20 -6.14
CA GLU A 46 6.82 5.65 -7.34
C GLU A 46 5.84 6.33 -8.29
N CYS A 47 6.21 7.54 -8.74
CA CYS A 47 5.63 8.20 -9.89
C CYS A 47 6.39 7.77 -11.15
N ASN A 48 5.65 7.32 -12.17
CA ASN A 48 6.12 7.08 -13.53
C ASN A 48 5.15 7.75 -14.52
N PRO A 49 5.60 8.01 -15.76
CA PRO A 49 4.86 8.81 -16.74
C PRO A 49 3.53 8.18 -17.16
N LEU A 50 2.62 9.00 -17.70
CA LEU A 50 1.35 8.57 -18.25
C LEU A 50 1.51 7.62 -19.45
N ASP A 51 2.68 7.63 -20.10
CA ASP A 51 3.06 6.73 -21.19
C ASP A 51 3.28 5.29 -20.69
N ARG A 52 3.67 5.11 -19.42
CA ARG A 52 3.98 3.80 -18.84
C ARG A 52 2.78 3.30 -18.03
N GLN A 53 2.17 2.22 -18.54
CA GLN A 53 1.02 1.56 -17.94
C GLN A 53 1.46 0.76 -16.72
N CYS A 54 0.96 1.13 -15.54
CA CYS A 54 1.41 0.64 -14.25
C CYS A 54 0.21 0.53 -13.28
N LYS A 55 -0.07 1.58 -12.48
CA LYS A 55 -1.16 1.65 -11.51
C LYS A 55 -1.56 3.12 -11.29
N GLU A 56 -2.79 3.37 -10.81
CA GLU A 56 -3.37 4.70 -10.60
C GLU A 56 -3.97 4.81 -9.21
N LEU A 57 -3.65 5.91 -8.52
CA LEU A 57 -3.97 6.15 -7.12
C LEU A 57 -3.94 7.65 -6.82
N GLN A 58 -5.13 8.25 -6.71
CA GLN A 58 -5.35 9.69 -6.49
C GLN A 58 -4.86 10.23 -5.13
N ALA A 59 -4.42 9.36 -4.22
CA ALA A 59 -4.04 9.72 -2.86
C ALA A 59 -2.78 10.60 -2.79
N GLU A 60 -1.81 10.40 -3.68
CA GLU A 60 -0.48 11.00 -3.62
C GLU A 60 -0.02 11.49 -4.98
N SER A 61 -0.14 10.64 -6.00
CA SER A 61 0.27 10.96 -7.37
C SER A 61 -0.60 12.04 -8.04
N ALA A 62 -1.74 12.44 -7.46
CA ALA A 62 -2.65 13.43 -8.05
C ALA A 62 -2.02 14.80 -8.33
N SER A 63 -0.90 15.13 -7.67
CA SER A 63 -0.11 16.34 -7.92
C SER A 63 1.36 16.03 -8.23
N CYS A 64 1.63 14.91 -8.91
CA CYS A 64 2.97 14.55 -9.37
C CYS A 64 3.41 15.28 -10.65
N GLY A 65 2.46 15.93 -11.36
CA GLY A 65 2.69 16.63 -12.61
C GLY A 65 3.05 15.65 -13.73
N LYS A 66 4.35 15.59 -14.06
CA LYS A 66 4.93 14.62 -14.99
C LYS A 66 4.93 13.22 -14.34
N GLY A 67 3.88 12.44 -14.61
CA GLY A 67 3.75 11.06 -14.17
C GLY A 67 2.97 10.93 -12.87
N GLN A 68 1.71 11.39 -12.91
CA GLN A 68 0.71 11.34 -11.83
C GLN A 68 0.09 9.95 -11.59
N LYS A 69 0.91 8.93 -11.74
CA LYS A 69 0.59 7.52 -11.53
C LYS A 69 1.46 6.90 -10.44
N CYS A 70 0.87 6.79 -9.25
CA CYS A 70 1.44 6.12 -8.07
C CYS A 70 1.40 4.59 -8.25
N CYS A 71 2.56 3.96 -8.10
CA CYS A 71 2.76 2.51 -8.11
C CYS A 71 3.52 2.08 -6.86
N VAL A 72 3.05 1.00 -6.23
CA VAL A 72 3.69 0.36 -5.08
C VAL A 72 3.36 -1.13 -5.09
N TRP A 73 4.28 -1.95 -4.52
CA TRP A 73 4.17 -3.40 -4.39
C TRP A 73 4.62 -3.84 -2.98
N LEU A 74 4.64 -5.15 -2.74
CA LEU A 74 5.07 -5.76 -1.48
C LEU A 74 6.55 -5.45 -1.21
N HIS A 75 7.42 -5.61 -2.22
CA HIS A 75 8.84 -5.25 -2.17
C HIS A 75 9.04 -3.74 -2.24
N ASN A 1 5.53 -15.20 11.91
CA ASN A 1 4.37 -14.28 11.96
C ASN A 1 3.67 -14.28 10.61
N GLU A 2 2.42 -14.77 10.59
CA GLU A 2 1.62 -14.95 9.38
C GLU A 2 1.30 -13.63 8.68
N CYS A 3 1.16 -12.54 9.47
CA CYS A 3 1.06 -11.16 9.01
C CYS A 3 2.23 -10.80 8.09
N VAL A 4 3.47 -10.91 8.60
CA VAL A 4 4.72 -10.58 7.89
C VAL A 4 4.93 -11.51 6.70
N SER A 5 4.53 -12.79 6.80
CA SER A 5 4.65 -13.79 5.74
C SER A 5 3.75 -13.51 4.54
N LYS A 6 2.73 -12.65 4.69
CA LYS A 6 1.85 -12.16 3.63
C LYS A 6 2.22 -10.73 3.19
N GLY A 7 3.14 -10.06 3.89
CA GLY A 7 3.68 -8.74 3.59
C GLY A 7 3.10 -7.61 4.43
N PHE A 8 2.18 -7.94 5.35
CA PHE A 8 1.49 -7.02 6.25
C PHE A 8 2.32 -6.78 7.53
N GLY A 9 1.82 -5.90 8.39
CA GLY A 9 2.47 -5.49 9.64
C GLY A 9 1.65 -5.82 10.89
N CYS A 10 2.18 -5.39 12.04
CA CYS A 10 1.55 -5.47 13.34
C CYS A 10 1.62 -4.11 14.03
N LEU A 11 0.76 -3.17 13.58
CA LEU A 11 0.54 -1.87 14.21
C LEU A 11 -0.29 -2.06 15.51
N PRO A 12 -0.30 -1.06 16.42
CA PRO A 12 -1.21 -1.07 17.56
C PRO A 12 -2.65 -0.85 17.11
N GLN A 13 -3.61 -1.19 17.97
CA GLN A 13 -5.03 -0.89 17.78
C GLN A 13 -5.28 0.63 17.76
N SER A 14 -4.42 1.41 18.44
CA SER A 14 -4.51 2.86 18.53
C SER A 14 -4.22 3.58 17.20
N ASP A 15 -3.60 2.92 16.21
CA ASP A 15 -3.25 3.49 14.91
C ASP A 15 -3.88 2.70 13.76
N CYS A 16 -3.89 1.36 13.81
CA CYS A 16 -4.60 0.50 12.86
C CYS A 16 -6.11 0.68 13.02
N PRO A 17 -6.86 1.13 11.99
CA PRO A 17 -8.31 1.26 12.03
C PRO A 17 -8.99 -0.11 12.09
N GLN A 18 -10.27 -0.15 12.47
CA GLN A 18 -11.03 -1.36 12.78
C GLN A 18 -11.39 -2.18 11.52
N GLU A 19 -11.05 -1.68 10.33
CA GLU A 19 -11.31 -2.23 9.01
C GLU A 19 -10.08 -2.95 8.45
N ALA A 20 -8.87 -2.44 8.69
CA ALA A 20 -7.61 -2.99 8.22
C ALA A 20 -7.13 -4.20 9.03
N ARG A 21 -7.71 -4.47 10.21
CA ARG A 21 -7.34 -5.57 11.10
C ARG A 21 -7.69 -6.92 10.46
N LEU A 22 -6.66 -7.76 10.28
CA LEU A 22 -6.76 -9.12 9.76
C LEU A 22 -7.06 -10.12 10.89
N SER A 23 -7.21 -11.40 10.52
CA SER A 23 -7.51 -12.51 11.43
C SER A 23 -6.27 -13.37 11.75
N TYR A 24 -5.10 -13.03 11.18
CA TYR A 24 -3.82 -13.70 11.40
C TYR A 24 -3.26 -13.51 12.83
N GLY A 25 -2.14 -14.19 13.10
CA GLY A 25 -1.40 -14.14 14.36
C GLY A 25 0.09 -13.85 14.16
N GLY A 26 0.82 -13.87 15.29
CA GLY A 26 2.25 -13.60 15.39
C GLY A 26 2.56 -12.19 15.89
N CYS A 27 1.56 -11.29 15.96
CA CYS A 27 1.70 -9.92 16.44
C CYS A 27 1.85 -9.83 17.96
N SER A 28 2.07 -8.61 18.46
CA SER A 28 2.14 -8.28 19.88
C SER A 28 0.89 -7.53 20.36
N THR A 29 0.07 -7.02 19.43
CA THR A 29 -1.17 -6.27 19.69
C THR A 29 -2.26 -6.71 18.70
N VAL A 30 -2.12 -6.37 17.41
CA VAL A 30 -3.05 -6.70 16.34
C VAL A 30 -2.33 -6.66 14.98
N CYS A 31 -2.84 -7.39 13.97
CA CYS A 31 -2.37 -7.31 12.58
C CYS A 31 -2.96 -6.08 11.89
N CYS A 32 -2.36 -5.65 10.77
CA CYS A 32 -2.84 -4.53 9.96
C CYS A 32 -2.44 -4.71 8.49
N ASP A 33 -3.45 -4.83 7.61
CA ASP A 33 -3.30 -4.97 6.17
C ASP A 33 -2.82 -3.65 5.55
N LEU A 34 -1.51 -3.56 5.29
CA LEU A 34 -0.85 -2.36 4.77
C LEU A 34 -1.03 -2.18 3.26
N SER A 35 -1.43 -3.23 2.54
CA SER A 35 -1.60 -3.23 1.08
C SER A 35 -2.82 -2.39 0.67
N LYS A 36 -3.88 -2.36 1.49
CA LYS A 36 -5.10 -1.59 1.27
C LYS A 36 -5.14 -0.29 2.10
N LEU A 37 -4.02 0.06 2.75
CA LEU A 37 -3.86 1.22 3.61
C LEU A 37 -3.13 2.35 2.89
N THR A 38 -2.12 2.00 2.09
CA THR A 38 -1.24 2.95 1.39
C THR A 38 -1.64 3.08 -0.08
N GLY A 39 -0.96 2.37 -1.00
CA GLY A 39 -1.23 2.42 -2.44
C GLY A 39 -0.04 1.95 -3.27
N CYS A 40 0.75 2.90 -3.79
CA CYS A 40 1.97 2.63 -4.56
C CYS A 40 3.08 2.05 -3.68
N LYS A 41 3.04 2.31 -2.37
CA LYS A 41 3.94 1.75 -1.33
C LYS A 41 5.42 2.18 -1.49
N GLY A 42 5.70 3.19 -2.34
CA GLY A 42 7.02 3.74 -2.61
C GLY A 42 7.36 4.93 -1.71
N LYS A 43 8.23 5.82 -2.21
CA LYS A 43 8.64 7.06 -1.53
C LYS A 43 7.48 8.04 -1.34
N GLY A 44 6.43 7.95 -2.16
CA GLY A 44 5.20 8.72 -2.03
C GLY A 44 4.32 8.66 -3.29
N GLY A 45 4.93 8.62 -4.48
CA GLY A 45 4.25 8.50 -5.76
C GLY A 45 3.56 9.79 -6.22
N GLU A 46 3.17 9.82 -7.50
CA GLU A 46 2.63 11.00 -8.17
C GLU A 46 1.65 10.64 -9.30
N CYS A 47 0.93 11.67 -9.79
CA CYS A 47 -0.08 11.57 -10.85
C CYS A 47 0.56 11.70 -12.24
N ASN A 48 1.40 10.72 -12.61
CA ASN A 48 1.99 10.61 -13.94
C ASN A 48 0.93 10.18 -14.97
N PRO A 49 1.16 10.43 -16.27
CA PRO A 49 0.17 10.22 -17.33
C PRO A 49 -0.11 8.72 -17.56
N LEU A 50 -1.29 8.42 -18.11
CA LEU A 50 -1.69 7.06 -18.52
C LEU A 50 -0.80 6.48 -19.62
N ASP A 51 -0.09 7.33 -20.37
CA ASP A 51 0.86 6.96 -21.41
C ASP A 51 2.16 6.36 -20.84
N ARG A 52 2.42 6.52 -19.53
CA ARG A 52 3.60 5.96 -18.88
C ARG A 52 3.37 4.48 -18.55
N GLN A 53 4.43 3.67 -18.74
CA GLN A 53 4.42 2.24 -18.42
C GLN A 53 4.65 2.07 -16.92
N CYS A 54 3.55 1.80 -16.19
CA CYS A 54 3.54 1.59 -14.75
C CYS A 54 2.30 0.78 -14.35
N LYS A 55 2.19 0.43 -13.06
CA LYS A 55 0.98 -0.18 -12.48
C LYS A 55 -0.09 0.91 -12.26
N GLU A 56 -1.36 0.50 -12.15
CA GLU A 56 -2.49 1.36 -11.79
C GLU A 56 -3.23 0.77 -10.59
N LEU A 57 -3.71 1.67 -9.73
CA LEU A 57 -4.47 1.44 -8.52
C LEU A 57 -5.71 2.35 -8.48
N GLN A 58 -6.62 2.10 -7.54
CA GLN A 58 -7.85 2.86 -7.29
C GLN A 58 -7.69 3.78 -6.06
N ALA A 59 -6.55 3.71 -5.36
CA ALA A 59 -6.25 4.45 -4.16
C ALA A 59 -5.88 5.90 -4.47
N GLU A 60 -4.62 6.15 -4.83
CA GLU A 60 -4.06 7.48 -5.03
C GLU A 60 -4.52 8.13 -6.34
N SER A 61 -4.76 7.32 -7.38
CA SER A 61 -5.19 7.77 -8.70
C SER A 61 -6.58 8.42 -8.67
N ALA A 62 -7.43 8.07 -7.70
CA ALA A 62 -8.78 8.63 -7.55
C ALA A 62 -8.78 10.12 -7.12
N SER A 63 -7.68 10.63 -6.54
CA SER A 63 -7.50 12.03 -6.17
C SER A 63 -7.48 12.91 -7.41
N CYS A 64 -6.55 12.62 -8.33
CA CYS A 64 -6.46 13.28 -9.63
C CYS A 64 -7.63 12.86 -10.56
N GLY A 65 -8.29 11.71 -10.33
CA GLY A 65 -9.50 11.24 -11.01
C GLY A 65 -9.20 10.29 -12.16
N LYS A 66 -9.12 10.83 -13.39
CA LYS A 66 -8.70 10.14 -14.61
C LYS A 66 -7.78 11.01 -15.48
N GLY A 67 -7.09 10.37 -16.42
CA GLY A 67 -6.00 10.95 -17.22
C GLY A 67 -4.61 10.61 -16.66
N GLN A 68 -4.53 10.14 -15.40
CA GLN A 68 -3.31 9.77 -14.71
C GLN A 68 -3.32 8.31 -14.22
N LYS A 69 -2.20 7.91 -13.61
CA LYS A 69 -1.97 6.70 -12.84
C LYS A 69 -0.92 6.98 -11.77
N CYS A 70 -0.91 6.19 -10.69
CA CYS A 70 0.15 6.26 -9.69
C CYS A 70 1.43 5.62 -10.25
N CYS A 71 2.57 6.32 -10.08
CA CYS A 71 3.91 5.82 -10.42
C CYS A 71 4.97 6.55 -9.59
N VAL A 72 6.18 5.99 -9.53
CA VAL A 72 7.34 6.58 -8.86
C VAL A 72 8.65 6.05 -9.48
N TRP A 73 9.78 6.73 -9.20
CA TRP A 73 11.13 6.39 -9.64
C TRP A 73 12.15 6.39 -8.50
N LEU A 74 13.43 6.22 -8.84
CA LEU A 74 14.59 6.24 -7.95
C LEU A 74 15.50 7.42 -8.31
N HIS A 75 16.24 7.96 -7.32
CA HIS A 75 17.22 9.05 -7.43
C HIS A 75 16.73 10.22 -8.30
N ASN A 1 0.38 -15.45 14.61
CA ASN A 1 0.17 -14.06 14.16
C ASN A 1 -0.07 -14.03 12.65
N GLU A 2 -1.33 -13.86 12.25
CA GLU A 2 -1.75 -13.91 10.85
C GLU A 2 -1.31 -12.66 10.07
N CYS A 3 -1.46 -11.47 10.68
CA CYS A 3 -1.08 -10.19 10.08
C CYS A 3 0.43 -10.12 9.81
N VAL A 4 1.24 -10.69 10.71
CA VAL A 4 2.71 -10.74 10.60
C VAL A 4 3.11 -11.67 9.44
N SER A 5 2.48 -12.84 9.31
CA SER A 5 2.73 -13.80 8.24
C SER A 5 2.42 -13.22 6.86
N LYS A 6 1.29 -12.50 6.73
CA LYS A 6 0.88 -11.80 5.51
C LYS A 6 1.83 -10.64 5.14
N GLY A 7 2.59 -10.10 6.12
CA GLY A 7 3.58 -9.06 5.94
C GLY A 7 3.11 -7.65 6.32
N PHE A 8 1.87 -7.51 6.83
CA PHE A 8 1.30 -6.26 7.34
C PHE A 8 1.93 -5.86 8.69
N GLY A 9 1.48 -4.73 9.27
CA GLY A 9 1.96 -4.16 10.52
C GLY A 9 0.91 -4.17 11.63
N CYS A 10 1.37 -3.82 12.85
CA CYS A 10 0.55 -3.68 14.05
C CYS A 10 0.63 -2.25 14.58
N LEU A 11 0.13 -1.30 13.76
CA LEU A 11 0.02 0.11 14.11
C LEU A 11 -1.06 0.31 15.18
N PRO A 12 -1.02 1.39 15.98
CA PRO A 12 -2.05 1.71 16.95
C PRO A 12 -3.34 2.14 16.24
N GLN A 13 -4.46 2.08 16.97
CA GLN A 13 -5.76 2.58 16.52
C GLN A 13 -5.73 4.10 16.31
N SER A 14 -4.80 4.81 16.97
CA SER A 14 -4.54 6.22 16.77
C SER A 14 -4.10 6.50 15.32
N ASP A 15 -3.03 5.83 14.87
CA ASP A 15 -2.37 6.14 13.60
C ASP A 15 -3.05 5.43 12.42
N CYS A 16 -3.37 4.13 12.56
CA CYS A 16 -4.05 3.36 11.54
C CYS A 16 -5.49 3.89 11.33
N PRO A 17 -5.88 4.26 10.09
CA PRO A 17 -7.24 4.65 9.78
C PRO A 17 -8.20 3.45 9.87
N GLN A 18 -9.51 3.73 9.98
CA GLN A 18 -10.54 2.75 10.29
C GLN A 18 -10.95 1.87 9.10
N GLU A 19 -10.34 2.10 7.94
CA GLU A 19 -10.54 1.40 6.67
C GLU A 19 -9.44 0.39 6.36
N ALA A 20 -8.19 0.69 6.73
CA ALA A 20 -7.04 -0.20 6.59
C ALA A 20 -7.05 -1.38 7.59
N ARG A 21 -7.91 -1.35 8.62
CA ARG A 21 -8.01 -2.37 9.66
C ARG A 21 -8.54 -3.68 9.07
N LEU A 22 -7.75 -4.75 9.20
CA LEU A 22 -8.02 -6.07 8.64
C LEU A 22 -8.94 -6.91 9.54
N SER A 23 -9.40 -8.04 8.99
CA SER A 23 -10.21 -9.04 9.68
C SER A 23 -9.35 -10.06 10.46
N TYR A 24 -8.05 -10.12 10.16
CA TYR A 24 -7.05 -10.97 10.79
C TYR A 24 -6.68 -10.46 12.19
N GLY A 25 -5.88 -11.26 12.92
CA GLY A 25 -5.27 -10.92 14.21
C GLY A 25 -3.78 -11.26 14.23
N GLY A 26 -3.14 -11.00 15.38
CA GLY A 26 -1.71 -11.24 15.60
C GLY A 26 -0.93 -9.99 16.05
N CYS A 27 -1.62 -9.04 16.70
CA CYS A 27 -1.09 -7.73 17.08
C CYS A 27 -1.36 -7.44 18.58
N SER A 28 -0.91 -6.26 19.04
CA SER A 28 -1.08 -5.81 20.42
C SER A 28 -2.17 -4.74 20.56
N THR A 29 -2.66 -4.19 19.44
CA THR A 29 -3.69 -3.15 19.40
C THR A 29 -4.67 -3.45 18.26
N VAL A 30 -4.21 -3.36 17.01
CA VAL A 30 -4.97 -3.64 15.79
C VAL A 30 -3.97 -3.91 14.64
N CYS A 31 -4.40 -4.65 13.61
CA CYS A 31 -3.65 -4.79 12.36
C CYS A 31 -3.92 -3.59 11.43
N CYS A 32 -3.02 -3.37 10.46
CA CYS A 32 -3.14 -2.30 9.49
C CYS A 32 -2.54 -2.73 8.15
N ASP A 33 -3.37 -2.77 7.09
CA ASP A 33 -3.00 -3.13 5.73
C ASP A 33 -2.11 -2.04 5.12
N LEU A 34 -0.79 -2.28 5.14
CA LEU A 34 0.22 -1.36 4.62
C LEU A 34 0.30 -1.38 3.08
N SER A 35 -0.30 -2.39 2.42
CA SER A 35 -0.27 -2.60 0.98
C SER A 35 -1.34 -1.80 0.22
N LYS A 36 -2.37 -1.28 0.91
CA LYS A 36 -3.40 -0.41 0.34
C LYS A 36 -3.75 0.78 1.24
N LEU A 37 -2.89 1.12 2.21
CA LEU A 37 -3.05 2.26 3.11
C LEU A 37 -3.10 3.60 2.34
N THR A 38 -2.25 3.74 1.30
CA THR A 38 -2.02 4.98 0.56
C THR A 38 -1.99 4.75 -0.96
N GLY A 39 -2.04 5.85 -1.72
CA GLY A 39 -2.14 5.89 -3.18
C GLY A 39 -1.80 7.29 -3.72
N CYS A 40 -2.36 7.62 -4.89
CA CYS A 40 -2.16 8.90 -5.59
C CYS A 40 -2.53 10.07 -4.66
N LYS A 41 -3.81 10.11 -4.25
CA LYS A 41 -4.38 11.10 -3.34
C LYS A 41 -3.83 11.01 -1.91
N GLY A 42 -3.11 9.94 -1.55
CA GLY A 42 -2.49 9.75 -0.25
C GLY A 42 -1.20 10.56 -0.03
N LYS A 43 -0.73 11.26 -1.09
CA LYS A 43 0.47 12.08 -1.10
C LYS A 43 0.21 13.52 -1.56
N GLY A 44 -0.93 13.78 -2.20
CA GLY A 44 -1.30 15.06 -2.78
C GLY A 44 -1.64 14.95 -4.27
N GLY A 45 -2.25 13.82 -4.68
CA GLY A 45 -2.54 13.48 -6.06
C GLY A 45 -3.44 14.49 -6.78
N GLU A 46 -3.36 14.49 -8.11
CA GLU A 46 -4.05 15.42 -9.00
C GLU A 46 -4.42 14.73 -10.30
N CYS A 47 -5.45 15.24 -10.98
CA CYS A 47 -5.95 14.75 -12.26
C CYS A 47 -5.55 15.73 -13.37
N ASN A 48 -4.65 15.28 -14.26
CA ASN A 48 -3.91 16.08 -15.25
C ASN A 48 -3.79 15.29 -16.57
N PRO A 49 -3.59 15.95 -17.72
CA PRO A 49 -3.66 15.31 -19.05
C PRO A 49 -2.56 14.25 -19.27
N LEU A 50 -2.78 13.36 -20.25
CA LEU A 50 -1.81 12.36 -20.67
C LEU A 50 -0.57 13.00 -21.33
N ASP A 51 -0.68 14.26 -21.78
CA ASP A 51 0.41 15.08 -22.30
C ASP A 51 1.43 15.44 -21.22
N ARG A 52 1.02 15.39 -19.93
CA ARG A 52 1.87 15.56 -18.77
C ARG A 52 2.66 14.28 -18.52
N GLN A 53 3.99 14.39 -18.49
CA GLN A 53 4.91 13.27 -18.27
C GLN A 53 4.83 12.77 -16.83
N CYS A 54 4.16 11.63 -16.65
CA CYS A 54 4.03 10.91 -15.39
C CYS A 54 3.65 9.44 -15.65
N LYS A 55 3.60 8.67 -14.57
CA LYS A 55 3.08 7.30 -14.55
C LYS A 55 1.56 7.33 -14.55
N GLU A 56 0.95 6.39 -15.29
CA GLU A 56 -0.49 6.15 -15.34
C GLU A 56 -0.82 4.90 -14.52
N LEU A 57 -1.85 5.03 -13.67
CA LEU A 57 -2.25 4.06 -12.66
C LEU A 57 -3.76 3.82 -12.71
N GLN A 58 -4.15 2.55 -12.90
CA GLN A 58 -5.52 2.10 -13.14
C GLN A 58 -6.47 2.34 -11.96
N ALA A 59 -5.94 2.60 -10.76
CA ALA A 59 -6.71 2.89 -9.55
C ALA A 59 -7.42 4.26 -9.58
N GLU A 60 -6.93 5.21 -10.39
CA GLU A 60 -7.35 6.62 -10.36
C GLU A 60 -7.50 7.22 -11.75
N SER A 61 -6.62 6.85 -12.68
CA SER A 61 -6.65 7.29 -14.08
C SER A 61 -7.91 6.81 -14.81
N ALA A 62 -8.46 5.65 -14.42
CA ALA A 62 -9.74 5.15 -14.93
C ALA A 62 -10.91 6.06 -14.54
N SER A 63 -10.82 6.71 -13.37
CA SER A 63 -11.79 7.68 -12.87
C SER A 63 -11.61 9.07 -13.50
N CYS A 64 -10.37 9.45 -13.83
CA CYS A 64 -10.05 10.65 -14.62
C CYS A 64 -10.61 10.53 -16.05
N GLY A 65 -10.63 9.32 -16.62
CA GLY A 65 -11.14 9.02 -17.95
C GLY A 65 -10.09 9.21 -19.05
N LYS A 66 -10.42 8.77 -20.28
CA LYS A 66 -9.55 8.86 -21.45
C LYS A 66 -9.21 10.31 -21.80
N GLY A 67 -7.90 10.60 -21.91
CA GLY A 67 -7.33 11.91 -22.19
C GLY A 67 -6.51 12.48 -21.04
N GLN A 68 -6.72 11.98 -19.81
CA GLN A 68 -6.01 12.36 -18.59
C GLN A 68 -5.66 11.14 -17.72
N LYS A 69 -4.97 11.41 -16.61
CA LYS A 69 -4.44 10.45 -15.65
C LYS A 69 -4.34 11.04 -14.24
N CYS A 70 -3.99 10.21 -13.25
CA CYS A 70 -3.51 10.67 -11.95
C CYS A 70 -1.99 10.78 -11.96
N CYS A 71 -1.45 11.74 -11.21
CA CYS A 71 -0.02 11.91 -10.97
C CYS A 71 0.22 12.40 -9.54
N VAL A 72 1.46 12.23 -9.06
CA VAL A 72 1.93 12.60 -7.72
C VAL A 72 3.17 13.49 -7.86
N TRP A 73 3.45 14.30 -6.82
CA TRP A 73 4.58 15.22 -6.74
C TRP A 73 5.37 15.04 -5.43
N LEU A 74 6.37 15.90 -5.24
CA LEU A 74 7.24 15.94 -4.07
C LEU A 74 7.38 17.39 -3.57
N HIS A 75 7.96 17.56 -2.38
CA HIS A 75 8.26 18.85 -1.77
C HIS A 75 9.24 19.65 -2.63
N ASN A 1 11.87 -13.44 13.45
CA ASN A 1 10.58 -12.71 13.39
C ASN A 1 10.29 -12.33 11.94
N GLU A 2 9.56 -13.20 11.22
CA GLU A 2 9.27 -13.04 9.80
C GLU A 2 8.38 -11.81 9.52
N CYS A 3 7.38 -11.59 10.37
CA CYS A 3 6.41 -10.50 10.24
C CYS A 3 7.09 -9.12 10.34
N VAL A 4 8.12 -9.00 11.19
CA VAL A 4 8.94 -7.81 11.36
C VAL A 4 9.95 -7.66 10.21
N SER A 5 10.58 -8.77 9.78
CA SER A 5 11.58 -8.81 8.72
C SER A 5 11.02 -8.35 7.37
N LYS A 6 9.80 -8.80 7.02
CA LYS A 6 9.07 -8.43 5.82
C LYS A 6 8.59 -6.95 5.85
N GLY A 7 8.63 -6.28 7.00
CA GLY A 7 8.39 -4.86 7.16
C GLY A 7 6.99 -4.50 7.65
N PHE A 8 6.13 -5.49 7.93
CA PHE A 8 4.75 -5.31 8.38
C PHE A 8 4.69 -4.87 9.86
N GLY A 9 3.47 -4.58 10.32
CA GLY A 9 3.17 -4.14 11.69
C GLY A 9 2.57 -5.24 12.53
N CYS A 10 2.35 -4.93 13.82
CA CYS A 10 1.75 -5.80 14.82
C CYS A 10 0.69 -5.01 15.59
N LEU A 11 -0.39 -4.63 14.88
CA LEU A 11 -1.56 -3.97 15.46
C LEU A 11 -2.39 -4.98 16.29
N PRO A 12 -3.22 -4.53 17.25
CA PRO A 12 -4.11 -5.41 18.01
C PRO A 12 -5.24 -5.96 17.13
N GLN A 13 -5.94 -6.99 17.62
CA GLN A 13 -7.07 -7.61 16.92
C GLN A 13 -8.21 -6.59 16.70
N SER A 14 -8.38 -5.64 17.62
CA SER A 14 -9.43 -4.61 17.54
C SER A 14 -9.21 -3.65 16.35
N ASP A 15 -7.97 -3.18 16.16
CA ASP A 15 -7.61 -2.22 15.10
C ASP A 15 -7.42 -2.92 13.75
N CYS A 16 -6.63 -3.99 13.70
CA CYS A 16 -6.34 -4.75 12.48
C CYS A 16 -7.61 -5.47 11.98
N PRO A 17 -8.04 -5.26 10.72
CA PRO A 17 -9.13 -6.03 10.12
C PRO A 17 -8.70 -7.48 9.90
N GLN A 18 -9.67 -8.39 9.74
CA GLN A 18 -9.44 -9.84 9.72
C GLN A 18 -8.76 -10.31 8.42
N GLU A 19 -8.82 -9.49 7.37
CA GLU A 19 -8.25 -9.72 6.05
C GLU A 19 -6.74 -9.47 6.01
N ALA A 20 -6.27 -8.41 6.67
CA ALA A 20 -4.86 -8.02 6.72
C ALA A 20 -3.99 -8.92 7.61
N ARG A 21 -4.61 -9.83 8.39
CA ARG A 21 -3.91 -10.76 9.30
C ARG A 21 -3.16 -11.83 8.50
N LEU A 22 -1.82 -11.78 8.59
CA LEU A 22 -0.90 -12.67 7.88
C LEU A 22 -0.68 -13.98 8.64
N SER A 23 0.00 -14.93 7.97
CA SER A 23 0.33 -16.25 8.51
C SER A 23 1.59 -16.25 9.40
N TYR A 24 2.39 -15.18 9.36
CA TYR A 24 3.66 -15.05 10.08
C TYR A 24 3.46 -14.82 11.59
N GLY A 25 4.60 -14.81 12.31
CA GLY A 25 4.67 -14.56 13.74
C GLY A 25 5.83 -13.62 14.10
N GLY A 26 5.99 -13.41 15.42
CA GLY A 26 6.95 -12.48 16.02
C GLY A 26 6.28 -11.24 16.62
N CYS A 27 4.96 -11.07 16.47
CA CYS A 27 4.17 -10.03 17.09
C CYS A 27 3.86 -10.35 18.57
N SER A 28 3.19 -9.39 19.24
CA SER A 28 2.72 -9.50 20.61
C SER A 28 1.18 -9.55 20.69
N THR A 29 0.51 -9.34 19.55
CA THR A 29 -0.94 -9.40 19.37
C THR A 29 -1.28 -10.26 18.16
N VAL A 30 -1.07 -9.72 16.94
CA VAL A 30 -1.34 -10.33 15.65
C VAL A 30 -0.62 -9.51 14.56
N CYS A 31 -0.25 -10.16 13.45
CA CYS A 31 0.29 -9.47 12.27
C CYS A 31 -0.77 -8.62 11.58
N CYS A 32 -0.32 -7.58 10.87
CA CYS A 32 -1.18 -6.73 10.05
C CYS A 32 -0.38 -6.17 8.87
N ASP A 33 -0.75 -6.58 7.65
CA ASP A 33 -0.13 -6.12 6.41
C ASP A 33 -0.49 -4.65 6.16
N LEU A 34 0.46 -3.75 6.44
CA LEU A 34 0.32 -2.32 6.27
C LEU A 34 0.24 -1.92 4.78
N SER A 35 0.75 -2.77 3.87
CA SER A 35 0.73 -2.58 2.43
C SER A 35 -0.60 -3.03 1.79
N LYS A 36 -1.52 -3.67 2.56
CA LYS A 36 -2.83 -4.14 2.09
C LYS A 36 -3.99 -3.58 2.93
N LEU A 37 -3.71 -2.58 3.78
CA LEU A 37 -4.68 -1.94 4.66
C LEU A 37 -5.57 -0.94 3.90
N THR A 38 -4.99 -0.17 2.97
CA THR A 38 -5.62 0.93 2.25
C THR A 38 -5.55 0.69 0.74
N GLY A 39 -4.35 0.79 0.14
CA GLY A 39 -4.12 0.61 -1.30
C GLY A 39 -4.84 1.66 -2.15
N CYS A 40 -5.25 1.26 -3.36
CA CYS A 40 -6.10 2.05 -4.24
C CYS A 40 -7.48 2.36 -3.61
N LYS A 41 -8.03 1.36 -2.91
CA LYS A 41 -9.26 1.35 -2.11
C LYS A 41 -10.56 1.34 -2.94
N GLY A 42 -10.49 1.43 -4.28
CA GLY A 42 -11.64 1.39 -5.18
C GLY A 42 -11.87 0.02 -5.84
N LYS A 43 -10.87 -0.87 -5.84
CA LYS A 43 -10.92 -2.20 -6.45
C LYS A 43 -10.34 -3.30 -5.56
N GLY A 44 -9.27 -3.02 -4.80
CA GLY A 44 -8.50 -4.01 -4.06
C GLY A 44 -7.09 -4.19 -4.63
N GLY A 45 -6.49 -3.11 -5.18
CA GLY A 45 -5.15 -3.09 -5.77
C GLY A 45 -4.16 -2.27 -4.93
N GLU A 46 -2.91 -2.21 -5.39
CA GLU A 46 -1.77 -1.63 -4.67
C GLU A 46 -1.14 -0.46 -5.44
N CYS A 47 -0.28 0.31 -4.75
CA CYS A 47 0.32 1.54 -5.26
C CYS A 47 1.66 1.33 -5.98
N ASN A 48 2.53 0.48 -5.39
CA ASN A 48 3.87 0.11 -5.89
C ASN A 48 4.81 1.31 -6.15
N PRO A 49 6.11 1.07 -6.42
CA PRO A 49 7.05 2.13 -6.78
C PRO A 49 6.73 2.70 -8.17
N LEU A 50 7.02 3.99 -8.36
CA LEU A 50 6.84 4.71 -9.62
C LEU A 50 7.66 4.11 -10.78
N ASP A 51 8.75 3.41 -10.45
CA ASP A 51 9.69 2.82 -11.38
C ASP A 51 9.17 1.50 -12.00
N ARG A 52 8.04 0.97 -11.50
CA ARG A 52 7.32 -0.17 -12.10
C ARG A 52 6.55 0.30 -13.35
N GLN A 53 6.10 -0.66 -14.18
CA GLN A 53 5.34 -0.44 -15.41
C GLN A 53 3.89 -0.86 -15.18
N CYS A 54 3.01 0.13 -15.01
CA CYS A 54 1.58 -0.03 -14.73
C CYS A 54 0.81 1.24 -15.12
N LYS A 55 -0.53 1.15 -15.16
CA LYS A 55 -1.43 2.24 -15.49
C LYS A 55 -1.46 3.32 -14.38
N GLU A 56 -1.92 4.53 -14.74
CA GLU A 56 -2.02 5.70 -13.89
C GLU A 56 -3.40 6.35 -14.05
N LEU A 57 -4.19 6.31 -12.98
CA LEU A 57 -5.58 6.75 -12.94
C LEU A 57 -5.84 7.57 -11.67
N GLN A 58 -5.92 8.89 -11.83
CA GLN A 58 -6.03 9.90 -10.77
C GLN A 58 -7.30 9.74 -9.91
N ALA A 59 -8.27 8.92 -10.33
CA ALA A 59 -9.48 8.58 -9.60
C ALA A 59 -9.22 7.87 -8.26
N GLU A 60 -8.24 6.95 -8.22
CA GLU A 60 -7.92 6.12 -7.05
C GLU A 60 -6.49 6.35 -6.58
N SER A 61 -5.56 6.48 -7.54
CA SER A 61 -4.12 6.56 -7.29
C SER A 61 -3.68 7.87 -6.62
N ALA A 62 -4.51 8.93 -6.61
CA ALA A 62 -4.18 10.23 -6.05
C ALA A 62 -3.99 10.24 -4.52
N SER A 63 -4.29 9.13 -3.83
CA SER A 63 -4.11 8.94 -2.39
C SER A 63 -3.02 7.91 -2.02
N CYS A 64 -2.10 7.57 -2.95
CA CYS A 64 -0.94 6.71 -2.70
C CYS A 64 0.06 7.38 -1.76
N GLY A 65 0.94 8.25 -2.28
CA GLY A 65 1.97 8.95 -1.53
C GLY A 65 3.41 8.51 -1.84
N LYS A 66 3.60 7.24 -2.23
CA LYS A 66 4.88 6.69 -2.70
C LYS A 66 4.73 5.81 -3.95
N GLY A 67 3.81 6.19 -4.83
CA GLY A 67 3.53 5.45 -6.06
C GLY A 67 2.69 6.24 -7.06
N GLN A 68 1.62 6.90 -6.59
CA GLN A 68 0.55 7.60 -7.33
C GLN A 68 0.07 6.95 -8.63
N LYS A 69 0.24 5.63 -8.69
CA LYS A 69 -0.17 4.75 -9.76
C LYS A 69 -0.98 3.60 -9.16
N CYS A 70 -2.16 3.34 -9.72
CA CYS A 70 -3.01 2.22 -9.33
C CYS A 70 -3.04 1.19 -10.47
N CYS A 71 -2.76 -0.07 -10.12
CA CYS A 71 -2.61 -1.18 -11.05
C CYS A 71 -3.47 -2.34 -10.55
N VAL A 72 -4.43 -2.78 -11.40
CA VAL A 72 -5.47 -3.75 -11.07
C VAL A 72 -5.57 -4.74 -12.22
N TRP A 73 -5.15 -5.99 -11.97
CA TRP A 73 -5.14 -7.08 -12.94
C TRP A 73 -6.53 -7.71 -13.08
N LEU A 74 -6.62 -8.76 -13.90
CA LEU A 74 -7.85 -9.50 -14.19
C LEU A 74 -7.56 -11.01 -14.21
N HIS A 75 -8.60 -11.81 -13.89
CA HIS A 75 -8.55 -13.27 -13.92
C HIS A 75 -8.50 -13.79 -15.36
N ASN A 1 2.99 -13.54 16.25
CA ASN A 1 2.86 -12.56 15.15
C ASN A 1 3.16 -13.22 13.81
N GLU A 2 2.30 -12.96 12.82
CA GLU A 2 2.35 -13.62 11.50
C GLU A 2 2.67 -12.62 10.38
N CYS A 3 2.05 -11.44 10.41
CA CYS A 3 2.39 -10.36 9.48
C CYS A 3 3.83 -9.87 9.68
N VAL A 4 4.29 -9.78 10.94
CA VAL A 4 5.68 -9.44 11.29
C VAL A 4 6.64 -10.56 10.85
N SER A 5 6.22 -11.83 10.94
CA SER A 5 7.02 -12.99 10.53
C SER A 5 7.28 -13.01 9.01
N LYS A 6 6.30 -12.54 8.21
CA LYS A 6 6.42 -12.41 6.76
C LYS A 6 7.19 -11.14 6.34
N GLY A 7 7.15 -10.08 7.18
CA GLY A 7 7.79 -8.78 6.94
C GLY A 7 6.81 -7.65 6.63
N PHE A 8 5.50 -7.93 6.58
CA PHE A 8 4.43 -6.94 6.46
C PHE A 8 4.27 -6.11 7.75
N GLY A 9 3.36 -5.12 7.72
CA GLY A 9 3.12 -4.17 8.79
C GLY A 9 1.78 -4.38 9.50
N CYS A 10 1.53 -3.53 10.51
CA CYS A 10 0.34 -3.52 11.35
C CYS A 10 -0.22 -2.09 11.47
N LEU A 11 -0.48 -1.44 10.32
CA LEU A 11 -1.03 -0.09 10.22
C LEU A 11 -2.46 -0.03 10.76
N PRO A 12 -2.98 1.17 11.12
CA PRO A 12 -4.39 1.34 11.48
C PRO A 12 -5.29 1.17 10.25
N GLN A 13 -6.56 0.85 10.50
CA GLN A 13 -7.61 0.72 9.49
C GLN A 13 -7.87 2.06 8.77
N SER A 14 -7.58 3.20 9.41
CA SER A 14 -7.72 4.54 8.86
C SER A 14 -6.65 4.87 7.80
N ASP A 15 -5.52 4.15 7.76
CA ASP A 15 -4.43 4.36 6.81
C ASP A 15 -4.40 3.24 5.77
N CYS A 16 -4.35 1.97 6.23
CA CYS A 16 -4.38 0.79 5.39
C CYS A 16 -5.74 0.69 4.67
N PRO A 17 -5.79 0.68 3.32
CA PRO A 17 -7.02 0.51 2.56
C PRO A 17 -7.58 -0.90 2.74
N GLN A 18 -8.85 -1.11 2.34
CA GLN A 18 -9.60 -2.33 2.62
C GLN A 18 -9.12 -3.55 1.81
N GLU A 19 -8.32 -3.29 0.77
CA GLU A 19 -7.74 -4.23 -0.16
C GLU A 19 -6.42 -4.83 0.37
N ALA A 20 -5.57 -4.01 0.99
CA ALA A 20 -4.25 -4.39 1.50
C ALA A 20 -4.31 -5.22 2.80
N ARG A 21 -5.50 -5.37 3.39
CA ARG A 21 -5.73 -6.10 4.64
C ARG A 21 -5.61 -7.60 4.44
N LEU A 22 -4.51 -8.18 4.95
CA LEU A 22 -4.22 -9.61 4.91
C LEU A 22 -5.12 -10.42 5.87
N SER A 23 -5.09 -11.74 5.72
CA SER A 23 -5.87 -12.70 6.50
C SER A 23 -5.16 -13.17 7.77
N TYR A 24 -3.85 -12.89 7.88
CA TYR A 24 -2.99 -13.16 9.03
C TYR A 24 -3.38 -12.33 10.26
N GLY A 25 -2.75 -12.62 11.39
CA GLY A 25 -3.04 -12.00 12.70
C GLY A 25 -1.79 -11.67 13.51
N GLY A 26 -2.01 -11.19 14.73
CA GLY A 26 -1.00 -10.79 15.70
C GLY A 26 -0.81 -9.27 15.80
N CYS A 27 -1.37 -8.49 14.87
CA CYS A 27 -1.31 -7.03 14.86
C CYS A 27 -2.13 -6.39 15.99
N SER A 28 -2.03 -5.05 16.09
CA SER A 28 -2.65 -4.22 17.11
C SER A 28 -3.93 -3.54 16.61
N THR A 29 -4.14 -3.55 15.28
CA THR A 29 -5.28 -2.97 14.58
C THR A 29 -5.66 -3.89 13.43
N VAL A 30 -4.84 -3.91 12.37
CA VAL A 30 -5.02 -4.72 11.16
C VAL A 30 -3.68 -4.87 10.45
N CYS A 31 -3.48 -5.95 9.68
CA CYS A 31 -2.32 -6.11 8.82
C CYS A 31 -2.40 -5.19 7.60
N CYS A 32 -1.24 -4.96 6.96
CA CYS A 32 -1.13 -4.25 5.68
C CYS A 32 0.09 -4.76 4.91
N ASP A 33 -0.11 -5.29 3.69
CA ASP A 33 0.96 -5.77 2.82
C ASP A 33 1.78 -4.60 2.25
N LEU A 34 2.88 -4.24 2.94
CA LEU A 34 3.72 -3.09 2.62
C LEU A 34 4.41 -3.23 1.26
N SER A 35 4.83 -4.46 0.90
CA SER A 35 5.45 -4.77 -0.39
C SER A 35 4.49 -4.54 -1.55
N LYS A 36 3.18 -4.72 -1.35
CA LYS A 36 2.15 -4.60 -2.39
C LYS A 36 1.39 -3.27 -2.33
N LEU A 37 1.76 -2.39 -1.40
CA LEU A 37 1.07 -1.14 -1.10
C LEU A 37 1.25 -0.12 -2.24
N THR A 38 2.51 0.12 -2.62
CA THR A 38 3.00 1.09 -3.59
C THR A 38 2.24 2.42 -3.56
N GLY A 39 2.64 3.26 -2.60
CA GLY A 39 2.07 4.58 -2.38
C GLY A 39 2.50 5.58 -3.43
N CYS A 40 1.90 6.77 -3.38
CA CYS A 40 2.06 7.85 -4.35
C CYS A 40 2.85 9.02 -3.76
N LYS A 41 2.57 9.37 -2.49
CA LYS A 41 3.12 10.50 -1.75
C LYS A 41 4.65 10.46 -1.62
N GLY A 42 5.25 9.27 -1.47
CA GLY A 42 6.66 9.06 -1.14
C GLY A 42 7.59 9.52 -2.25
N LYS A 43 7.64 8.77 -3.35
CA LYS A 43 8.43 9.08 -4.53
C LYS A 43 7.88 10.31 -5.29
N GLY A 44 6.59 10.61 -5.13
CA GLY A 44 5.85 11.63 -5.86
C GLY A 44 5.29 11.12 -7.20
N GLY A 45 5.93 10.10 -7.81
CA GLY A 45 5.52 9.49 -9.07
C GLY A 45 5.77 10.37 -10.30
N GLU A 46 5.24 9.92 -11.45
CA GLU A 46 5.36 10.58 -12.76
C GLU A 46 4.01 10.75 -13.44
N CYS A 47 3.99 11.40 -14.62
CA CYS A 47 2.80 11.76 -15.37
C CYS A 47 2.68 10.89 -16.63
N ASN A 48 1.80 9.88 -16.54
CA ASN A 48 1.60 8.76 -17.47
C ASN A 48 0.11 8.60 -17.82
N PRO A 49 -0.24 8.02 -18.99
CA PRO A 49 -1.61 8.01 -19.51
C PRO A 49 -2.57 7.15 -18.66
N LEU A 50 -3.87 7.38 -18.84
CA LEU A 50 -4.92 6.52 -18.30
C LEU A 50 -4.91 5.12 -18.94
N ASP A 51 -4.32 4.99 -20.14
CA ASP A 51 -4.12 3.73 -20.85
C ASP A 51 -3.07 2.83 -20.17
N ARG A 52 -2.21 3.40 -19.30
CA ARG A 52 -1.29 2.66 -18.44
C ARG A 52 -2.10 1.91 -17.38
N GLN A 53 -1.66 0.71 -16.98
CA GLN A 53 -2.32 -0.09 -15.94
C GLN A 53 -1.73 0.25 -14.58
N CYS A 54 -2.47 1.08 -13.82
CA CYS A 54 -2.09 1.59 -12.50
C CYS A 54 -3.32 2.17 -11.76
N LYS A 55 -3.11 2.61 -10.51
CA LYS A 55 -4.17 3.02 -9.59
C LYS A 55 -4.03 4.51 -9.21
N GLU A 56 -4.97 5.31 -9.71
CA GLU A 56 -5.08 6.75 -9.55
C GLU A 56 -5.33 7.21 -8.10
N LEU A 57 -5.30 8.55 -7.88
CA LEU A 57 -5.76 9.25 -6.68
C LEU A 57 -6.30 10.62 -7.06
N GLN A 58 -7.52 10.96 -6.59
CA GLN A 58 -8.02 12.33 -6.64
C GLN A 58 -7.22 13.32 -5.78
N ALA A 59 -6.33 12.82 -4.90
CA ALA A 59 -5.31 13.57 -4.20
C ALA A 59 -4.14 13.91 -5.13
N GLU A 60 -3.32 12.91 -5.49
CA GLU A 60 -2.02 13.11 -6.13
C GLU A 60 -2.11 13.26 -7.65
N SER A 61 -2.84 12.35 -8.31
CA SER A 61 -2.94 12.27 -9.77
C SER A 61 -3.75 13.43 -10.39
N ALA A 62 -4.37 14.28 -9.57
CA ALA A 62 -5.11 15.47 -9.99
C ALA A 62 -4.23 16.58 -10.58
N SER A 63 -2.90 16.51 -10.40
CA SER A 63 -1.94 17.54 -10.81
C SER A 63 -1.89 17.71 -12.34
N CYS A 64 -1.65 16.61 -13.09
CA CYS A 64 -1.70 16.63 -14.56
C CYS A 64 -3.14 16.68 -15.09
N GLY A 65 -4.16 16.40 -14.27
CA GLY A 65 -5.57 16.50 -14.66
C GLY A 65 -6.07 15.29 -15.44
N LYS A 66 -7.11 15.51 -16.25
CA LYS A 66 -7.75 14.49 -17.10
C LYS A 66 -6.74 13.92 -18.10
N GLY A 67 -6.37 12.65 -17.90
CA GLY A 67 -5.36 11.93 -18.66
C GLY A 67 -4.24 11.34 -17.79
N GLN A 68 -4.28 11.53 -16.45
CA GLN A 68 -3.27 11.09 -15.51
C GLN A 68 -3.85 10.12 -14.47
N LYS A 69 -2.99 9.20 -14.00
CA LYS A 69 -3.16 8.36 -12.83
C LYS A 69 -1.82 8.22 -12.09
N CYS A 70 -1.87 8.03 -10.77
CA CYS A 70 -0.68 7.72 -9.97
C CYS A 70 -0.10 6.38 -10.42
N CYS A 71 1.23 6.36 -10.64
CA CYS A 71 1.97 5.15 -10.98
C CYS A 71 3.45 5.32 -10.62
N VAL A 72 3.93 4.51 -9.66
CA VAL A 72 5.35 4.38 -9.33
C VAL A 72 5.65 2.97 -8.77
N TRP A 73 6.94 2.60 -8.82
CA TRP A 73 7.47 1.28 -8.46
C TRP A 73 8.60 1.37 -7.43
N LEU A 74 9.16 0.21 -7.06
CA LEU A 74 10.33 0.06 -6.20
C LEU A 74 11.56 -0.09 -7.10
N HIS A 75 12.63 0.65 -6.78
CA HIS A 75 13.86 0.81 -7.55
C HIS A 75 13.58 1.10 -9.03
N ASN A 1 7.08 -9.95 21.91
CA ASN A 1 6.38 -9.56 20.67
C ASN A 1 7.36 -9.60 19.49
N GLU A 2 7.25 -10.65 18.68
CA GLU A 2 8.06 -10.84 17.47
C GLU A 2 7.75 -9.76 16.43
N CYS A 3 6.47 -9.46 16.19
CA CYS A 3 6.00 -8.56 15.13
C CYS A 3 6.47 -7.11 15.32
N VAL A 4 6.52 -6.64 16.58
CA VAL A 4 7.05 -5.34 16.97
C VAL A 4 8.56 -5.26 16.70
N SER A 5 9.30 -6.29 17.08
CA SER A 5 10.74 -6.41 16.91
C SER A 5 11.17 -6.43 15.43
N LYS A 6 10.41 -7.14 14.59
CA LYS A 6 10.61 -7.26 13.15
C LYS A 6 10.30 -5.96 12.40
N GLY A 7 9.40 -5.11 12.94
CA GLY A 7 9.06 -3.81 12.39
C GLY A 7 7.79 -3.81 11.54
N PHE A 8 6.72 -4.50 12.00
CA PHE A 8 5.41 -4.55 11.35
C PHE A 8 4.29 -4.04 12.29
N GLY A 9 3.07 -3.96 11.77
CA GLY A 9 1.91 -3.37 12.43
C GLY A 9 1.00 -4.39 13.11
N CYS A 10 0.03 -3.88 13.89
CA CYS A 10 -0.96 -4.66 14.62
C CYS A 10 -2.39 -4.19 14.30
N LEU A 11 -2.65 -3.89 13.02
CA LEU A 11 -3.98 -3.54 12.50
C LEU A 11 -5.01 -4.63 12.81
N PRO A 12 -6.30 -4.29 12.90
CA PRO A 12 -7.36 -5.26 13.12
C PRO A 12 -7.56 -6.14 11.88
N GLN A 13 -8.12 -7.35 12.10
CA GLN A 13 -8.54 -8.26 11.05
C GLN A 13 -9.71 -7.69 10.22
N SER A 14 -10.43 -6.70 10.77
CA SER A 14 -11.49 -5.94 10.10
C SER A 14 -10.95 -4.89 9.12
N ASP A 15 -9.62 -4.64 9.08
CA ASP A 15 -8.96 -3.64 8.25
C ASP A 15 -7.98 -4.31 7.29
N CYS A 16 -6.90 -4.92 7.79
CA CYS A 16 -5.84 -5.47 6.97
C CYS A 16 -6.34 -6.67 6.12
N PRO A 17 -5.78 -6.85 4.91
CA PRO A 17 -6.19 -7.91 3.99
C PRO A 17 -5.70 -9.28 4.47
N GLN A 18 -6.24 -10.34 3.85
CA GLN A 18 -6.08 -11.74 4.25
C GLN A 18 -4.77 -12.37 3.74
N GLU A 19 -3.86 -11.55 3.21
CA GLU A 19 -2.62 -11.95 2.53
C GLU A 19 -1.36 -11.35 3.19
N ALA A 20 -1.45 -10.12 3.71
CA ALA A 20 -0.40 -9.46 4.49
C ALA A 20 -0.20 -10.09 5.89
N ARG A 21 -1.07 -11.03 6.30
CA ARG A 21 -1.10 -11.65 7.62
C ARG A 21 0.08 -12.60 7.81
N LEU A 22 1.04 -12.20 8.65
CA LEU A 22 2.30 -12.91 8.94
C LEU A 22 2.08 -14.17 9.79
N SER A 23 3.15 -14.97 9.91
CA SER A 23 3.20 -16.19 10.70
C SER A 23 3.57 -15.94 12.17
N TYR A 24 4.15 -14.77 12.47
CA TYR A 24 4.59 -14.34 13.78
C TYR A 24 3.40 -14.02 14.71
N GLY A 25 3.72 -13.76 16.00
CA GLY A 25 2.81 -13.24 17.00
C GLY A 25 3.48 -12.10 17.78
N GLY A 26 2.66 -11.14 18.24
CA GLY A 26 3.13 -9.95 18.94
C GLY A 26 2.16 -8.77 18.87
N CYS A 27 0.86 -9.01 18.64
CA CYS A 27 -0.16 -8.00 18.38
C CYS A 27 -1.46 -8.28 19.16
N SER A 28 -2.42 -7.35 19.03
CA SER A 28 -3.72 -7.41 19.70
C SER A 28 -4.76 -8.16 18.86
N THR A 29 -4.51 -8.30 17.55
CA THR A 29 -5.47 -8.76 16.56
C THR A 29 -4.78 -9.64 15.51
N VAL A 30 -3.89 -9.06 14.71
CA VAL A 30 -3.13 -9.75 13.67
C VAL A 30 -1.89 -8.92 13.30
N CYS A 31 -0.77 -9.62 13.06
CA CYS A 31 0.47 -9.03 12.58
C CYS A 31 0.37 -8.79 11.07
N CYS A 32 0.19 -7.52 10.68
CA CYS A 32 0.03 -7.11 9.29
C CYS A 32 1.34 -6.54 8.73
N ASP A 33 1.89 -7.20 7.70
CA ASP A 33 3.13 -6.84 7.00
C ASP A 33 2.94 -5.52 6.25
N LEU A 34 3.42 -4.41 6.83
CA LEU A 34 3.31 -3.07 6.26
C LEU A 34 4.28 -2.84 5.10
N SER A 35 5.34 -3.66 4.95
CA SER A 35 6.37 -3.50 3.93
C SER A 35 5.87 -3.86 2.52
N LYS A 36 4.80 -4.65 2.42
CA LYS A 36 4.12 -5.02 1.18
C LYS A 36 2.73 -4.39 1.03
N LEU A 37 2.29 -3.64 2.05
CA LEU A 37 0.99 -2.97 2.11
C LEU A 37 1.07 -1.55 1.53
N THR A 38 2.13 -0.83 1.88
CA THR A 38 2.40 0.55 1.46
C THR A 38 3.48 0.59 0.36
N GLY A 39 3.68 1.78 -0.24
CA GLY A 39 4.62 2.03 -1.32
C GLY A 39 4.03 1.73 -2.70
N CYS A 40 4.67 2.26 -3.75
CA CYS A 40 4.22 2.17 -5.13
C CYS A 40 4.25 0.71 -5.60
N LYS A 41 5.38 0.05 -5.36
CA LYS A 41 5.62 -1.37 -5.65
C LYS A 41 4.84 -2.33 -4.73
N GLY A 42 4.26 -1.84 -3.62
CA GLY A 42 3.61 -2.62 -2.57
C GLY A 42 2.36 -3.31 -3.07
N LYS A 43 1.27 -2.56 -3.23
CA LYS A 43 0.05 -3.02 -3.90
C LYS A 43 0.29 -3.23 -5.40
N GLY A 44 1.27 -2.52 -5.97
CA GLY A 44 1.64 -2.54 -7.38
C GLY A 44 1.29 -1.24 -8.11
N GLY A 45 0.54 -0.33 -7.46
CA GLY A 45 0.13 0.96 -7.99
C GLY A 45 -1.02 0.84 -9.00
N GLU A 46 -1.77 1.94 -9.15
CA GLU A 46 -2.90 2.03 -10.06
C GLU A 46 -2.45 2.57 -11.43
N CYS A 47 -3.02 1.99 -12.49
CA CYS A 47 -2.72 2.30 -13.89
C CYS A 47 -3.55 3.48 -14.45
N ASN A 48 -4.30 4.18 -13.57
CA ASN A 48 -5.13 5.35 -13.84
C ASN A 48 -4.43 6.43 -14.69
N PRO A 49 -5.18 7.22 -15.50
CA PRO A 49 -4.61 8.13 -16.49
C PRO A 49 -3.79 9.26 -15.85
N LEU A 50 -2.91 9.86 -16.66
CA LEU A 50 -2.19 11.07 -16.29
C LEU A 50 -3.12 12.26 -16.04
N ASP A 51 -4.34 12.22 -16.56
CA ASP A 51 -5.38 13.22 -16.39
C ASP A 51 -6.09 13.14 -15.03
N ARG A 52 -6.00 12.01 -14.30
CA ARG A 52 -6.61 11.81 -12.97
C ARG A 52 -5.93 12.71 -11.93
N GLN A 53 -6.66 12.97 -10.82
CA GLN A 53 -6.28 13.89 -9.75
C GLN A 53 -5.12 13.40 -8.86
N CYS A 54 -4.68 12.13 -9.03
CA CYS A 54 -3.53 11.54 -8.35
C CYS A 54 -2.24 12.30 -8.70
N LYS A 55 -1.24 12.21 -7.81
CA LYS A 55 0.09 12.78 -7.99
C LYS A 55 1.12 12.01 -7.15
N GLU A 56 2.11 11.40 -7.82
CA GLU A 56 3.25 10.71 -7.19
C GLU A 56 4.42 10.61 -8.19
N LEU A 57 5.43 9.81 -7.85
CA LEU A 57 6.53 9.42 -8.70
C LEU A 57 6.09 8.68 -9.97
N GLN A 58 6.97 8.69 -11.00
CA GLN A 58 6.82 7.96 -12.25
C GLN A 58 7.89 6.88 -12.45
N ALA A 59 8.94 6.84 -11.61
CA ALA A 59 10.06 5.91 -11.73
C ALA A 59 9.60 4.45 -11.70
N GLU A 60 8.89 4.05 -10.64
CA GLU A 60 8.37 2.69 -10.47
C GLU A 60 7.00 2.51 -11.14
N SER A 61 6.24 3.61 -11.27
CA SER A 61 4.89 3.60 -11.83
C SER A 61 4.86 3.20 -13.32
N ALA A 62 5.92 3.57 -14.07
CA ALA A 62 6.05 3.51 -15.53
C ALA A 62 5.93 2.11 -16.16
N SER A 63 5.78 1.05 -15.36
CA SER A 63 5.49 -0.31 -15.83
C SER A 63 4.20 -0.42 -16.65
N CYS A 64 3.24 0.50 -16.52
CA CYS A 64 2.05 0.59 -17.39
C CYS A 64 2.33 1.24 -18.76
N GLY A 65 3.53 1.81 -18.98
CA GLY A 65 4.00 2.32 -20.27
C GLY A 65 3.62 3.78 -20.49
N LYS A 66 2.33 4.02 -20.77
CA LYS A 66 1.73 5.33 -21.03
C LYS A 66 0.44 5.46 -20.22
N GLY A 67 0.08 6.70 -19.86
CA GLY A 67 -1.15 7.02 -19.16
C GLY A 67 -1.24 6.41 -17.76
N GLN A 68 -0.16 6.44 -16.98
CA GLN A 68 -0.09 5.91 -15.62
C GLN A 68 0.49 6.93 -14.62
N LYS A 69 0.17 6.74 -13.33
CA LYS A 69 0.76 7.49 -12.20
C LYS A 69 0.44 6.78 -10.88
N CYS A 70 1.45 6.60 -10.00
CA CYS A 70 1.26 5.99 -8.69
C CYS A 70 0.41 6.88 -7.77
N CYS A 71 -0.24 6.28 -6.76
CA CYS A 71 -1.23 6.93 -5.92
C CYS A 71 -1.55 6.15 -4.62
N VAL A 72 -0.72 5.14 -4.27
CA VAL A 72 -0.99 4.17 -3.21
C VAL A 72 -1.15 4.86 -1.85
N TRP A 73 -2.13 4.39 -1.06
CA TRP A 73 -2.60 5.04 0.17
C TRP A 73 -2.23 4.27 1.44
N LEU A 74 -2.70 4.77 2.60
CA LEU A 74 -2.48 4.20 3.92
C LEU A 74 -3.81 3.71 4.51
N HIS A 75 -4.68 4.65 4.91
CA HIS A 75 -6.00 4.38 5.48
C HIS A 75 -6.97 5.52 5.12
N ASN A 1 10.28 -4.16 19.55
CA ASN A 1 9.26 -4.09 18.48
C ASN A 1 9.81 -4.69 17.18
N GLU A 2 9.10 -5.68 16.63
CA GLU A 2 9.43 -6.30 15.34
C GLU A 2 8.33 -6.00 14.32
N CYS A 3 7.06 -6.24 14.66
CA CYS A 3 5.93 -6.10 13.76
C CYS A 3 5.75 -4.65 13.27
N VAL A 4 5.88 -3.67 14.18
CA VAL A 4 5.85 -2.24 13.85
C VAL A 4 7.13 -1.83 13.10
N SER A 5 8.30 -2.35 13.52
CA SER A 5 9.61 -2.06 12.95
C SER A 5 9.73 -2.48 11.48
N LYS A 6 9.07 -3.59 11.11
CA LYS A 6 8.98 -4.10 9.73
C LYS A 6 8.03 -3.28 8.86
N GLY A 7 7.12 -2.49 9.45
CA GLY A 7 6.20 -1.59 8.75
C GLY A 7 4.79 -2.15 8.57
N PHE A 8 4.41 -3.21 9.29
CA PHE A 8 3.08 -3.83 9.23
C PHE A 8 2.03 -3.00 9.98
N GLY A 9 0.75 -3.43 9.90
CA GLY A 9 -0.40 -2.56 10.18
C GLY A 9 -1.33 -3.00 11.32
N CYS A 10 -0.99 -4.10 11.98
CA CYS A 10 -1.74 -4.80 13.02
C CYS A 10 -3.27 -4.75 12.82
N LEU A 11 -3.77 -5.32 11.70
CA LEU A 11 -5.20 -5.48 11.46
C LEU A 11 -5.80 -6.50 12.45
N PRO A 12 -7.12 -6.47 12.73
CA PRO A 12 -7.78 -7.47 13.56
C PRO A 12 -7.90 -8.81 12.82
N GLN A 13 -8.21 -9.88 13.57
CA GLN A 13 -8.44 -11.21 13.02
C GLN A 13 -9.61 -11.20 12.01
N SER A 14 -10.68 -10.43 12.30
CA SER A 14 -11.90 -10.32 11.51
C SER A 14 -11.72 -9.65 10.14
N ASP A 15 -10.57 -9.04 9.86
CA ASP A 15 -10.27 -8.37 8.59
C ASP A 15 -9.02 -8.98 7.93
N CYS A 16 -7.95 -9.21 8.70
CA CYS A 16 -6.73 -9.87 8.25
C CYS A 16 -7.02 -11.34 7.87
N PRO A 17 -6.79 -11.76 6.61
CA PRO A 17 -6.91 -13.16 6.22
C PRO A 17 -5.83 -14.01 6.90
N GLN A 18 -6.09 -15.31 7.08
CA GLN A 18 -5.31 -16.20 7.94
C GLN A 18 -3.91 -16.48 7.38
N GLU A 19 -3.73 -16.24 6.08
CA GLU A 19 -2.49 -16.33 5.32
C GLU A 19 -1.56 -15.13 5.58
N ALA A 20 -2.11 -13.92 5.72
CA ALA A 20 -1.36 -12.70 5.99
C ALA A 20 -0.95 -12.54 7.47
N ARG A 21 -1.46 -13.40 8.38
CA ARG A 21 -1.12 -13.37 9.80
C ARG A 21 0.33 -13.84 10.01
N LEU A 22 1.16 -12.93 10.54
CA LEU A 22 2.57 -13.14 10.85
C LEU A 22 2.77 -13.73 12.25
N SER A 23 4.04 -14.02 12.58
CA SER A 23 4.46 -14.65 13.84
C SER A 23 5.13 -13.68 14.82
N TYR A 24 5.40 -12.43 14.43
CA TYR A 24 5.94 -11.37 15.28
C TYR A 24 4.92 -10.90 16.33
N GLY A 25 5.37 -10.05 17.26
CA GLY A 25 4.55 -9.49 18.34
C GLY A 25 4.62 -7.95 18.38
N GLY A 26 3.85 -7.38 19.32
CA GLY A 26 3.78 -5.95 19.60
C GLY A 26 2.47 -5.28 19.18
N CYS A 27 1.55 -6.02 18.52
CA CYS A 27 0.22 -5.55 18.12
C CYS A 27 -0.76 -5.53 19.30
N SER A 28 -2.01 -5.11 19.02
CA SER A 28 -3.12 -5.11 19.98
C SER A 28 -4.10 -6.27 19.75
N THR A 29 -3.98 -6.97 18.60
CA THR A 29 -4.78 -8.12 18.21
C THR A 29 -3.88 -9.18 17.57
N VAL A 30 -3.41 -8.91 16.34
CA VAL A 30 -2.58 -9.80 15.53
C VAL A 30 -1.83 -8.96 14.49
N CYS A 31 -0.67 -9.44 14.03
CA CYS A 31 0.07 -8.86 12.91
C CYS A 31 -0.61 -9.19 11.57
N CYS A 32 -0.38 -8.33 10.57
CA CYS A 32 -0.90 -8.54 9.22
C CYS A 32 0.06 -7.93 8.19
N ASP A 33 0.68 -8.78 7.36
CA ASP A 33 1.64 -8.39 6.35
C ASP A 33 0.96 -7.64 5.20
N LEU A 34 1.19 -6.33 5.10
CA LEU A 34 0.57 -5.46 4.11
C LEU A 34 1.18 -5.63 2.71
N SER A 35 2.46 -6.04 2.59
CA SER A 35 3.20 -6.09 1.33
C SER A 35 2.78 -7.25 0.41
N LYS A 36 2.00 -8.20 0.93
CA LYS A 36 1.49 -9.40 0.25
C LYS A 36 -0.05 -9.48 0.34
N LEU A 37 -0.71 -8.34 0.62
CA LEU A 37 -2.14 -8.18 0.81
C LEU A 37 -2.66 -7.05 -0.09
N THR A 38 -1.95 -5.92 -0.11
CA THR A 38 -2.21 -4.74 -0.94
C THR A 38 -0.99 -4.38 -1.80
N GLY A 39 -1.17 -3.42 -2.72
CA GLY A 39 -0.17 -2.97 -3.68
C GLY A 39 -0.42 -1.50 -4.05
N CYS A 40 -0.99 -1.26 -5.24
CA CYS A 40 -1.35 0.09 -5.68
C CYS A 40 -2.76 0.45 -5.20
N LYS A 41 -3.78 -0.27 -5.70
CA LYS A 41 -5.19 0.05 -5.48
C LYS A 41 -6.07 -1.19 -5.22
N GLY A 42 -5.76 -2.36 -5.81
CA GLY A 42 -6.55 -3.57 -5.61
C GLY A 42 -6.00 -4.76 -6.41
N LYS A 43 -6.10 -4.67 -7.74
CA LYS A 43 -5.64 -5.71 -8.67
C LYS A 43 -4.11 -5.83 -8.71
N GLY A 44 -3.39 -4.74 -8.38
CA GLY A 44 -1.94 -4.69 -8.32
C GLY A 44 -1.42 -3.36 -8.89
N GLY A 45 -2.00 -2.92 -10.01
CA GLY A 45 -1.58 -1.75 -10.76
C GLY A 45 -0.46 -2.06 -11.77
N GLU A 46 -0.21 -1.10 -12.67
CA GLU A 46 0.78 -1.15 -13.73
C GLU A 46 1.45 0.21 -13.93
N CYS A 47 2.64 0.21 -14.52
CA CYS A 47 3.36 1.41 -14.91
C CYS A 47 2.84 1.91 -16.26
N ASN A 48 2.12 3.04 -16.23
CA ASN A 48 1.49 3.73 -17.37
C ASN A 48 1.93 5.20 -17.40
N PRO A 49 1.92 5.86 -18.57
CA PRO A 49 2.52 7.19 -18.78
C PRO A 49 1.82 8.30 -17.99
N LEU A 50 2.49 9.47 -17.87
CA LEU A 50 1.88 10.70 -17.36
C LEU A 50 0.69 11.15 -18.23
N ASP A 51 0.72 10.81 -19.54
CA ASP A 51 -0.33 11.11 -20.51
C ASP A 51 -1.65 10.37 -20.22
N ARG A 52 -1.62 9.29 -19.41
CA ARG A 52 -2.78 8.47 -19.07
C ARG A 52 -3.83 9.26 -18.24
N GLN A 53 -3.36 10.22 -17.43
CA GLN A 53 -4.17 11.19 -16.64
C GLN A 53 -5.07 10.57 -15.56
N CYS A 54 -5.06 9.25 -15.39
CA CYS A 54 -5.73 8.53 -14.31
C CYS A 54 -5.11 8.88 -12.94
N LYS A 55 -5.81 8.48 -11.86
CA LYS A 55 -5.35 8.61 -10.49
C LYS A 55 -4.09 7.76 -10.27
N GLU A 56 -3.08 8.34 -9.62
CA GLU A 56 -1.83 7.67 -9.25
C GLU A 56 -1.46 7.93 -7.78
N LEU A 57 -0.42 7.23 -7.33
CA LEU A 57 0.24 7.38 -6.04
C LEU A 57 1.76 7.46 -6.22
N GLN A 58 2.45 7.95 -5.18
CA GLN A 58 3.91 8.07 -5.10
C GLN A 58 4.59 6.81 -4.54
N ALA A 59 3.80 5.79 -4.16
CA ALA A 59 4.27 4.52 -3.63
C ALA A 59 5.02 3.72 -4.71
N GLU A 60 4.31 3.20 -5.72
CA GLU A 60 4.87 2.36 -6.78
C GLU A 60 5.51 3.17 -7.92
N SER A 61 5.05 4.40 -8.17
CA SER A 61 5.55 5.24 -9.24
C SER A 61 7.01 5.67 -9.05
N ALA A 62 7.49 5.65 -7.80
CA ALA A 62 8.88 5.89 -7.44
C ALA A 62 9.84 4.80 -7.99
N SER A 63 9.30 3.69 -8.52
CA SER A 63 10.03 2.66 -9.24
C SER A 63 9.73 2.69 -10.76
N CYS A 64 8.53 3.11 -11.18
CA CYS A 64 8.19 3.26 -12.60
C CYS A 64 9.08 4.29 -13.32
N GLY A 65 9.61 5.28 -12.59
CA GLY A 65 10.52 6.31 -13.10
C GLY A 65 9.77 7.51 -13.69
N LYS A 66 10.50 8.61 -13.93
CA LYS A 66 9.99 9.87 -14.44
C LYS A 66 9.39 9.70 -15.84
N GLY A 67 8.20 10.27 -16.02
CA GLY A 67 7.37 10.10 -17.21
C GLY A 67 6.31 9.01 -17.06
N GLN A 68 6.28 8.28 -15.93
CA GLN A 68 5.46 7.09 -15.75
C GLN A 68 5.03 6.91 -14.28
N LYS A 69 3.77 6.53 -14.07
CA LYS A 69 3.10 6.40 -12.77
C LYS A 69 2.32 5.09 -12.65
N CYS A 70 1.79 4.78 -11.44
CA CYS A 70 0.80 3.71 -11.30
C CYS A 70 -0.53 4.13 -11.94
N CYS A 71 -1.15 3.19 -12.66
CA CYS A 71 -2.54 3.22 -13.07
C CYS A 71 -3.13 1.81 -12.89
N VAL A 72 -4.46 1.68 -12.99
CA VAL A 72 -5.13 0.37 -13.04
C VAL A 72 -6.45 0.49 -13.82
N TRP A 73 -6.97 -0.66 -14.25
CA TRP A 73 -8.21 -0.80 -15.01
C TRP A 73 -9.22 -1.71 -14.31
N LEU A 74 -10.37 -1.91 -14.95
CA LEU A 74 -11.38 -2.91 -14.58
C LEU A 74 -11.29 -4.10 -15.54
N HIS A 75 -11.72 -5.28 -15.07
CA HIS A 75 -11.64 -6.55 -15.79
C HIS A 75 -12.54 -6.52 -17.04
N ASN A 1 7.77 -12.66 19.83
CA ASN A 1 7.41 -11.36 19.22
C ASN A 1 7.56 -11.45 17.69
N GLU A 2 6.59 -12.14 17.07
CA GLU A 2 6.59 -12.46 15.64
C GLU A 2 6.45 -11.20 14.78
N CYS A 3 5.57 -10.27 15.21
CA CYS A 3 5.26 -9.06 14.49
C CYS A 3 6.43 -8.06 14.50
N VAL A 4 7.16 -7.96 15.62
CA VAL A 4 8.34 -7.12 15.79
C VAL A 4 9.51 -7.63 14.94
N SER A 5 9.67 -8.96 14.83
CA SER A 5 10.70 -9.61 14.04
C SER A 5 10.63 -9.22 12.56
N LYS A 6 9.41 -9.07 12.02
CA LYS A 6 9.17 -8.71 10.62
C LYS A 6 9.39 -7.21 10.37
N GLY A 7 8.86 -6.35 11.25
CA GLY A 7 9.01 -4.90 11.17
C GLY A 7 8.14 -4.29 10.06
N PHE A 8 6.82 -4.41 10.20
CA PHE A 8 5.82 -3.74 9.37
C PHE A 8 5.37 -2.46 10.09
N GLY A 9 4.19 -2.47 10.73
CA GLY A 9 3.63 -1.35 11.47
C GLY A 9 2.55 -1.81 12.45
N CYS A 10 2.19 -0.91 13.38
CA CYS A 10 1.20 -1.14 14.42
C CYS A 10 0.12 -0.05 14.37
N LEU A 11 -0.51 0.10 13.20
CA LEU A 11 -1.65 0.98 13.00
C LEU A 11 -2.86 0.48 13.80
N PRO A 12 -3.81 1.37 14.16
CA PRO A 12 -5.07 0.97 14.77
C PRO A 12 -5.96 0.27 13.72
N GLN A 13 -6.94 -0.50 14.19
CA GLN A 13 -7.84 -1.29 13.33
C GLN A 13 -8.67 -0.39 12.39
N SER A 14 -9.10 0.78 12.84
CA SER A 14 -9.87 1.74 12.03
C SER A 14 -9.05 2.38 10.90
N ASP A 15 -7.71 2.41 11.00
CA ASP A 15 -6.82 2.91 9.96
C ASP A 15 -6.38 1.77 9.02
N CYS A 16 -5.89 0.66 9.59
CA CYS A 16 -5.42 -0.51 8.88
C CYS A 16 -6.56 -1.18 8.09
N PRO A 17 -6.47 -1.27 6.74
CA PRO A 17 -7.47 -1.97 5.95
C PRO A 17 -7.41 -3.48 6.23
N GLN A 18 -8.53 -4.17 6.00
CA GLN A 18 -8.79 -5.54 6.47
C GLN A 18 -7.99 -6.59 5.68
N GLU A 19 -7.47 -6.20 4.51
CA GLU A 19 -6.53 -6.92 3.67
C GLU A 19 -5.11 -6.93 4.26
N ALA A 20 -4.67 -5.80 4.84
CA ALA A 20 -3.33 -5.61 5.39
C ALA A 20 -3.16 -6.21 6.79
N ARG A 21 -4.24 -6.63 7.45
CA ARG A 21 -4.20 -7.23 8.79
C ARG A 21 -3.51 -8.60 8.74
N LEU A 22 -2.34 -8.68 9.37
CA LEU A 22 -1.54 -9.88 9.58
C LEU A 22 -2.11 -10.73 10.72
N SER A 23 -1.50 -11.90 10.94
CA SER A 23 -1.88 -12.88 11.97
C SER A 23 -0.83 -13.00 13.08
N TYR A 24 0.27 -12.23 13.00
CA TYR A 24 1.32 -12.19 14.02
C TYR A 24 0.86 -11.47 15.29
N GLY A 25 1.71 -11.54 16.33
CA GLY A 25 1.53 -10.85 17.61
C GLY A 25 2.80 -10.09 18.00
N GLY A 26 2.61 -8.89 18.58
CA GLY A 26 3.69 -8.03 19.09
C GLY A 26 3.37 -6.54 19.02
N CYS A 27 2.34 -6.12 18.28
CA CYS A 27 1.84 -4.74 18.24
C CYS A 27 0.97 -4.41 19.46
N SER A 28 0.47 -3.16 19.50
CA SER A 28 -0.34 -2.60 20.58
C SER A 28 -1.82 -2.46 20.16
N THR A 29 -2.13 -2.66 18.86
CA THR A 29 -3.47 -2.57 18.30
C THR A 29 -3.71 -3.72 17.32
N VAL A 30 -3.02 -3.70 16.16
CA VAL A 30 -3.01 -4.76 15.16
C VAL A 30 -1.77 -4.64 14.27
N CYS A 31 -1.22 -5.78 13.86
CA CYS A 31 -0.13 -5.91 12.90
C CYS A 31 -0.63 -5.61 11.48
N CYS A 32 -0.04 -4.58 10.85
CA CYS A 32 -0.51 -4.03 9.58
C CYS A 32 0.64 -4.01 8.55
N ASP A 33 0.56 -4.89 7.54
CA ASP A 33 1.53 -5.07 6.47
C ASP A 33 1.61 -3.83 5.57
N LEU A 34 2.71 -3.06 5.71
CA LEU A 34 2.96 -1.85 4.95
C LEU A 34 3.50 -2.12 3.54
N SER A 35 4.04 -3.33 3.28
CA SER A 35 4.68 -3.71 2.02
C SER A 35 3.68 -4.02 0.90
N LYS A 36 2.38 -4.13 1.22
CA LYS A 36 1.27 -4.29 0.28
C LYS A 36 0.30 -3.09 0.31
N LEU A 37 0.59 -2.09 1.15
CA LEU A 37 -0.23 -0.92 1.40
C LEU A 37 0.07 0.19 0.40
N THR A 38 1.37 0.49 0.19
CA THR A 38 1.87 1.51 -0.72
C THR A 38 1.82 1.07 -2.19
N GLY A 39 2.09 2.03 -3.09
CA GLY A 39 2.20 1.84 -4.53
C GLY A 39 1.10 2.60 -5.30
N CYS A 40 1.29 2.74 -6.62
CA CYS A 40 0.36 3.46 -7.49
C CYS A 40 -0.96 2.70 -7.62
N LYS A 41 -0.86 1.38 -7.87
CA LYS A 41 -1.98 0.45 -7.94
C LYS A 41 -2.42 -0.06 -6.55
N GLY A 42 -1.58 0.10 -5.52
CA GLY A 42 -1.85 -0.34 -4.15
C GLY A 42 -3.08 0.35 -3.57
N LYS A 43 -3.09 1.69 -3.64
CA LYS A 43 -4.24 2.54 -3.34
C LYS A 43 -5.13 2.78 -4.57
N GLY A 44 -4.59 2.62 -5.78
CA GLY A 44 -5.30 2.74 -7.05
C GLY A 44 -5.27 4.15 -7.65
N GLY A 45 -5.10 5.19 -6.82
CA GLY A 45 -4.92 6.57 -7.24
C GLY A 45 -6.12 7.18 -7.96
N GLU A 46 -5.86 8.29 -8.66
CA GLU A 46 -6.84 9.07 -9.44
C GLU A 46 -6.39 9.11 -10.90
N CYS A 47 -7.35 9.02 -11.83
CA CYS A 47 -7.10 8.98 -13.28
C CYS A 47 -7.05 10.38 -13.93
N ASN A 48 -6.87 11.43 -13.12
CA ASN A 48 -6.71 12.84 -13.46
C ASN A 48 -5.75 13.11 -14.65
N PRO A 49 -5.92 14.21 -15.39
CA PRO A 49 -5.11 14.54 -16.55
C PRO A 49 -3.67 14.92 -16.18
N LEU A 50 -2.77 14.87 -17.18
CA LEU A 50 -1.38 15.32 -17.07
C LEU A 50 -1.29 16.85 -16.81
N ASP A 51 -2.35 17.61 -17.09
CA ASP A 51 -2.44 19.05 -16.89
C ASP A 51 -2.49 19.42 -15.39
N ARG A 52 -2.96 18.51 -14.52
CA ARG A 52 -3.07 18.74 -13.08
C ARG A 52 -1.68 18.79 -12.42
N GLN A 53 -1.60 19.38 -11.21
CA GLN A 53 -0.38 19.49 -10.43
C GLN A 53 0.00 18.14 -9.81
N CYS A 54 0.93 17.44 -10.48
CA CYS A 54 1.57 16.19 -10.08
C CYS A 54 2.96 16.09 -10.75
N LYS A 55 3.87 15.33 -10.15
CA LYS A 55 5.20 15.05 -10.68
C LYS A 55 5.74 13.72 -10.11
N GLU A 56 5.50 12.60 -10.81
CA GLU A 56 6.06 11.29 -10.47
C GLU A 56 6.17 10.39 -11.72
N LEU A 57 6.55 9.12 -11.52
CA LEU A 57 6.71 8.11 -12.56
C LEU A 57 5.46 7.87 -13.40
N GLN A 58 5.69 7.32 -14.60
CA GLN A 58 4.67 6.89 -15.56
C GLN A 58 4.74 5.39 -15.86
N ALA A 59 5.78 4.67 -15.38
CA ALA A 59 5.99 3.24 -15.62
C ALA A 59 4.90 2.33 -15.04
N GLU A 60 4.11 2.83 -14.07
CA GLU A 60 2.99 2.12 -13.43
C GLU A 60 1.68 2.92 -13.53
N SER A 61 1.78 4.23 -13.80
CA SER A 61 0.64 5.13 -13.97
C SER A 61 -0.02 5.02 -15.36
N ALA A 62 0.72 4.50 -16.36
CA ALA A 62 0.30 4.43 -17.77
C ALA A 62 -0.85 3.45 -18.04
N SER A 63 -1.35 2.75 -17.00
CA SER A 63 -2.60 2.00 -17.04
C SER A 63 -3.79 2.91 -17.43
N CYS A 64 -3.90 4.11 -16.85
CA CYS A 64 -4.86 5.15 -17.25
C CYS A 64 -4.55 5.78 -18.62
N GLY A 65 -3.40 5.44 -19.24
CA GLY A 65 -3.01 5.84 -20.58
C GLY A 65 -1.93 6.92 -20.57
N LYS A 66 -1.72 7.54 -21.74
CA LYS A 66 -0.92 8.76 -21.95
C LYS A 66 -1.70 10.00 -21.48
N GLY A 67 -2.29 9.90 -20.28
CA GLY A 67 -3.19 10.86 -19.68
C GLY A 67 -3.13 10.87 -18.15
N GLN A 68 -2.24 10.09 -17.51
CA GLN A 68 -2.01 10.13 -16.08
C GLN A 68 -0.51 9.93 -15.75
N LYS A 69 -0.10 10.49 -14.61
CA LYS A 69 1.14 10.23 -13.90
C LYS A 69 0.81 10.00 -12.42
N CYS A 70 1.60 9.16 -11.73
CA CYS A 70 1.31 8.76 -10.36
C CYS A 70 1.31 9.98 -9.42
N CYS A 71 0.38 9.98 -8.44
CA CYS A 71 0.13 11.13 -7.57
C CYS A 71 -0.53 10.75 -6.24
N VAL A 72 -0.70 9.44 -5.96
CA VAL A 72 -1.33 8.91 -4.76
C VAL A 72 -0.36 8.91 -3.57
N TRP A 73 -0.92 8.84 -2.35
CA TRP A 73 -0.21 8.95 -1.08
C TRP A 73 -0.56 7.86 -0.06
N LEU A 74 0.08 7.91 1.11
CA LEU A 74 -0.26 7.15 2.31
C LEU A 74 -1.49 7.74 3.00
N HIS A 75 -2.17 6.90 3.79
CA HIS A 75 -3.27 7.26 4.67
C HIS A 75 -2.71 7.84 5.97
N ASN A 1 6.09 -16.41 12.95
CA ASN A 1 5.28 -15.24 12.55
C ASN A 1 4.65 -15.46 11.18
N GLU A 2 3.32 -15.34 11.09
CA GLU A 2 2.59 -15.47 9.84
C GLU A 2 2.79 -14.22 8.97
N CYS A 3 2.14 -13.10 9.31
CA CYS A 3 2.01 -11.93 8.45
C CYS A 3 3.32 -11.17 8.21
N VAL A 4 4.24 -11.24 9.18
CA VAL A 4 5.61 -10.72 9.06
C VAL A 4 6.31 -11.38 7.87
N SER A 5 6.24 -12.72 7.78
CA SER A 5 6.83 -13.52 6.72
C SER A 5 6.10 -13.36 5.37
N LYS A 6 4.80 -13.05 5.39
CA LYS A 6 3.99 -12.79 4.18
C LYS A 6 4.42 -11.50 3.47
N GLY A 7 5.02 -10.54 4.18
CA GLY A 7 5.50 -9.26 3.65
C GLY A 7 4.84 -8.02 4.27
N PHE A 8 3.89 -8.20 5.21
CA PHE A 8 3.18 -7.11 5.87
C PHE A 8 4.01 -6.45 6.98
N GLY A 9 3.49 -5.33 7.52
CA GLY A 9 4.32 -4.29 8.13
C GLY A 9 4.29 -4.13 9.64
N CYS A 10 3.39 -4.88 10.27
CA CYS A 10 3.01 -4.83 11.68
C CYS A 10 2.97 -3.41 12.26
N LEU A 11 2.22 -2.51 11.61
CA LEU A 11 1.96 -1.16 12.11
C LEU A 11 1.17 -1.25 13.43
N PRO A 12 1.26 -0.24 14.32
CA PRO A 12 0.51 -0.20 15.56
C PRO A 12 -0.99 -0.03 15.29
N GLN A 13 -1.83 -0.34 16.29
CA GLN A 13 -3.27 -0.13 16.23
C GLN A 13 -3.62 1.37 16.17
N SER A 14 -2.70 2.26 16.54
CA SER A 14 -2.82 3.71 16.36
C SER A 14 -2.75 4.11 14.88
N ASP A 15 -1.83 3.52 14.09
CA ASP A 15 -1.58 3.90 12.70
C ASP A 15 -2.46 3.12 11.72
N CYS A 16 -2.52 1.78 11.86
CA CYS A 16 -3.24 0.89 10.97
C CYS A 16 -4.76 1.16 11.03
N PRO A 17 -5.41 1.54 9.92
CA PRO A 17 -6.85 1.74 9.86
C PRO A 17 -7.57 0.39 9.94
N GLN A 18 -8.85 0.40 10.35
CA GLN A 18 -9.58 -0.79 10.80
C GLN A 18 -9.96 -1.72 9.64
N GLU A 19 -9.91 -1.20 8.42
CA GLU A 19 -10.08 -1.88 7.13
C GLU A 19 -8.89 -2.77 6.79
N ALA A 20 -7.66 -2.29 7.05
CA ALA A 20 -6.41 -2.95 6.74
C ALA A 20 -5.99 -4.01 7.77
N ARG A 21 -6.71 -4.13 8.90
CA ARG A 21 -6.39 -5.08 9.97
C ARG A 21 -6.68 -6.52 9.53
N LEU A 22 -5.62 -7.24 9.17
CA LEU A 22 -5.61 -8.68 8.87
C LEU A 22 -5.89 -9.51 10.13
N SER A 23 -6.09 -10.81 9.94
CA SER A 23 -6.50 -11.78 10.98
C SER A 23 -5.38 -12.78 11.33
N TYR A 24 -4.23 -12.71 10.64
CA TYR A 24 -3.00 -13.44 10.94
C TYR A 24 -2.41 -13.03 12.30
N GLY A 25 -1.33 -13.71 12.71
CA GLY A 25 -0.58 -13.44 13.93
C GLY A 25 0.91 -13.16 13.65
N GLY A 26 1.65 -12.87 14.72
CA GLY A 26 3.11 -12.76 14.73
C GLY A 26 3.65 -11.33 14.88
N CYS A 27 2.78 -10.31 14.92
CA CYS A 27 3.19 -8.91 15.11
C CYS A 27 3.52 -8.58 16.57
N SER A 28 3.98 -7.33 16.76
CA SER A 28 4.09 -6.70 18.07
C SER A 28 2.76 -6.04 18.47
N THR A 29 1.86 -5.82 17.50
CA THR A 29 0.65 -5.01 17.64
C THR A 29 -0.53 -5.60 16.86
N VAL A 30 -0.48 -5.53 15.52
CA VAL A 30 -1.55 -5.95 14.61
C VAL A 30 -0.99 -6.08 13.19
N CYS A 31 -1.38 -7.14 12.47
CA CYS A 31 -1.05 -7.35 11.06
C CYS A 31 -1.82 -6.35 10.19
N CYS A 32 -1.11 -5.62 9.32
CA CYS A 32 -1.65 -4.51 8.53
C CYS A 32 -1.28 -4.67 7.05
N ASP A 33 -2.28 -4.88 6.17
CA ASP A 33 -2.05 -5.03 4.73
C ASP A 33 -1.54 -3.73 4.09
N LEU A 34 -0.35 -3.82 3.47
CA LEU A 34 0.31 -2.71 2.79
C LEU A 34 0.06 -2.72 1.27
N SER A 35 -0.20 -3.91 0.69
CA SER A 35 -0.33 -4.14 -0.75
C SER A 35 -1.56 -3.48 -1.39
N LYS A 36 -2.50 -2.98 -0.57
CA LYS A 36 -3.78 -2.40 -0.98
C LYS A 36 -4.11 -1.09 -0.25
N LEU A 37 -3.18 -0.58 0.57
CA LEU A 37 -3.37 0.58 1.43
C LEU A 37 -3.45 1.88 0.62
N THR A 38 -2.58 2.06 -0.38
CA THR A 38 -2.46 3.28 -1.18
C THR A 38 -2.94 3.06 -2.61
N GLY A 39 -2.14 2.38 -3.46
CA GLY A 39 -2.48 2.09 -4.85
C GLY A 39 -1.22 1.94 -5.69
N CYS A 40 -0.84 3.00 -6.42
CA CYS A 40 0.29 3.04 -7.35
C CYS A 40 1.62 2.66 -6.68
N LYS A 41 1.80 3.10 -5.42
CA LYS A 41 3.02 2.97 -4.64
C LYS A 41 3.31 1.53 -4.18
N GLY A 42 2.37 0.59 -4.35
CA GLY A 42 2.53 -0.82 -3.99
C GLY A 42 3.64 -1.50 -4.79
N LYS A 43 3.47 -1.54 -6.12
CA LYS A 43 4.43 -2.05 -7.09
C LYS A 43 5.66 -1.14 -7.27
N GLY A 44 5.55 0.15 -6.92
CA GLY A 44 6.61 1.14 -7.05
C GLY A 44 6.36 2.11 -8.22
N GLY A 45 5.18 2.75 -8.23
CA GLY A 45 4.80 3.77 -9.20
C GLY A 45 4.17 5.01 -8.55
N GLU A 46 3.86 6.00 -9.39
CA GLU A 46 3.25 7.28 -9.02
C GLU A 46 2.19 7.75 -10.01
N CYS A 47 1.29 8.62 -9.53
CA CYS A 47 0.05 9.05 -10.18
C CYS A 47 0.22 10.44 -10.82
N ASN A 48 1.34 10.66 -11.53
CA ASN A 48 1.74 11.91 -12.18
C ASN A 48 0.78 12.34 -13.31
N PRO A 49 0.86 13.62 -13.75
CA PRO A 49 -0.02 14.18 -14.78
C PRO A 49 0.20 13.55 -16.17
N LEU A 50 -0.78 13.74 -17.06
CA LEU A 50 -0.68 13.39 -18.48
C LEU A 50 0.33 14.27 -19.23
N ASP A 51 0.69 15.44 -18.68
CA ASP A 51 1.70 16.36 -19.20
C ASP A 51 3.09 15.70 -19.17
N ARG A 52 3.39 14.95 -18.10
CA ARG A 52 4.60 14.15 -17.97
C ARG A 52 4.49 12.92 -18.86
N GLN A 53 5.52 12.62 -19.65
CA GLN A 53 5.55 11.43 -20.51
C GLN A 53 5.75 10.18 -19.68
N CYS A 54 4.80 9.25 -19.82
CA CYS A 54 4.80 7.93 -19.20
C CYS A 54 3.70 7.03 -19.79
N LYS A 55 3.80 5.73 -19.51
CA LYS A 55 2.80 4.73 -19.86
C LYS A 55 1.59 4.79 -18.91
N GLU A 56 0.49 4.12 -19.30
CA GLU A 56 -0.76 4.06 -18.56
C GLU A 56 -1.26 2.62 -18.47
N LEU A 57 -1.80 2.26 -17.30
CA LEU A 57 -2.20 0.92 -16.90
C LEU A 57 -3.59 0.93 -16.22
N GLN A 58 -4.55 0.23 -16.82
CA GLN A 58 -5.96 0.24 -16.41
C GLN A 58 -6.22 -0.31 -15.00
N ALA A 59 -5.27 -1.06 -14.43
CA ALA A 59 -5.35 -1.64 -13.08
C ALA A 59 -5.21 -0.60 -11.95
N GLU A 60 -4.64 0.58 -12.23
CA GLU A 60 -4.25 1.56 -11.20
C GLU A 60 -4.56 3.00 -11.63
N SER A 61 -4.39 3.32 -12.92
CA SER A 61 -4.67 4.63 -13.51
C SER A 61 -6.18 4.95 -13.55
N ALA A 62 -7.04 3.92 -13.51
CA ALA A 62 -8.49 4.09 -13.40
C ALA A 62 -8.91 4.73 -12.06
N SER A 63 -7.99 4.89 -11.10
CA SER A 63 -8.18 5.63 -9.86
C SER A 63 -7.56 7.05 -9.93
N CYS A 64 -6.51 7.27 -10.75
CA CYS A 64 -5.97 8.60 -11.02
C CYS A 64 -6.99 9.47 -11.77
N GLY A 65 -7.64 8.90 -12.80
CA GLY A 65 -8.67 9.56 -13.59
C GLY A 65 -8.13 10.70 -14.47
N LYS A 66 -9.05 11.36 -15.20
CA LYS A 66 -8.77 12.42 -16.17
C LYS A 66 -7.87 13.52 -15.57
N GLY A 67 -6.87 13.93 -16.37
CA GLY A 67 -5.84 14.89 -16.02
C GLY A 67 -4.50 14.23 -15.63
N GLN A 68 -4.52 13.00 -15.09
CA GLN A 68 -3.37 12.27 -14.59
C GLN A 68 -3.48 10.77 -14.90
N LYS A 69 -2.47 10.01 -14.46
CA LYS A 69 -2.33 8.58 -14.72
C LYS A 69 -1.28 7.95 -13.80
N CYS A 70 -1.43 6.65 -13.52
CA CYS A 70 -0.39 5.84 -12.91
C CYS A 70 0.67 5.47 -13.95
N CYS A 71 1.91 5.34 -13.49
CA CYS A 71 3.04 4.81 -14.23
C CYS A 71 3.99 4.13 -13.24
N VAL A 72 4.56 2.99 -13.63
CA VAL A 72 5.31 2.08 -12.77
C VAL A 72 6.62 1.67 -13.47
N TRP A 73 7.61 1.19 -12.70
CA TRP A 73 8.91 0.73 -13.19
C TRP A 73 9.24 -0.70 -12.74
N LEU A 74 10.43 -1.18 -13.12
CA LEU A 74 10.92 -2.54 -12.86
C LEU A 74 12.23 -2.58 -12.07
N HIS A 75 12.90 -1.43 -11.91
CA HIS A 75 14.19 -1.29 -11.26
C HIS A 75 14.09 -0.37 -10.04
N ASN A 1 9.48 -6.72 21.38
CA ASN A 1 8.68 -6.73 20.14
C ASN A 1 9.59 -6.64 18.90
N GLU A 2 9.11 -7.20 17.78
CA GLU A 2 9.86 -7.31 16.52
C GLU A 2 9.07 -6.73 15.34
N CYS A 3 7.75 -7.04 15.25
CA CYS A 3 6.88 -6.47 14.22
C CYS A 3 6.86 -4.94 14.29
N VAL A 4 6.88 -4.37 15.52
CA VAL A 4 6.97 -2.93 15.79
C VAL A 4 8.32 -2.38 15.32
N SER A 5 9.42 -3.09 15.59
CA SER A 5 10.78 -2.68 15.22
C SER A 5 10.98 -2.59 13.70
N LYS A 6 10.34 -3.48 12.94
CA LYS A 6 10.34 -3.49 11.48
C LYS A 6 9.37 -2.46 10.87
N GLY A 7 8.47 -1.87 11.67
CA GLY A 7 7.56 -0.78 11.30
C GLY A 7 6.12 -1.21 11.00
N PHE A 8 5.80 -2.51 11.14
CA PHE A 8 4.48 -3.08 10.93
C PHE A 8 3.54 -2.86 12.14
N GLY A 9 2.29 -3.35 12.05
CA GLY A 9 1.24 -3.18 13.04
C GLY A 9 0.77 -4.51 13.65
N CYS A 10 -0.12 -4.43 14.65
CA CYS A 10 -0.70 -5.56 15.38
C CYS A 10 -2.22 -5.64 15.21
N LEU A 11 -2.73 -5.41 13.99
CA LEU A 11 -4.15 -5.53 13.69
C LEU A 11 -4.61 -6.99 13.89
N PRO A 12 -5.84 -7.22 14.38
CA PRO A 12 -6.32 -8.54 14.75
C PRO A 12 -6.65 -9.41 13.53
N GLN A 13 -6.83 -10.71 13.82
CA GLN A 13 -7.17 -11.74 12.84
C GLN A 13 -8.56 -11.52 12.21
N SER A 14 -9.47 -10.83 12.92
CA SER A 14 -10.82 -10.51 12.48
C SER A 14 -10.88 -9.34 11.47
N ASP A 15 -9.79 -8.58 11.30
CA ASP A 15 -9.78 -7.33 10.52
C ASP A 15 -8.84 -7.46 9.33
N CYS A 16 -7.52 -7.57 9.57
CA CYS A 16 -6.54 -7.76 8.52
C CYS A 16 -6.78 -9.05 7.71
N PRO A 17 -6.24 -9.14 6.47
CA PRO A 17 -6.35 -10.32 5.63
C PRO A 17 -5.28 -11.37 5.98
N GLN A 18 -5.42 -12.57 5.39
CA GLN A 18 -4.61 -13.75 5.66
C GLN A 18 -3.29 -13.78 4.87
N GLU A 19 -3.09 -12.82 3.96
CA GLU A 19 -1.91 -12.66 3.10
C GLU A 19 -0.86 -11.75 3.74
N ALA A 20 -1.30 -10.76 4.54
CA ALA A 20 -0.47 -9.80 5.25
C ALA A 20 0.21 -10.38 6.52
N ARG A 21 0.02 -11.68 6.78
CA ARG A 21 0.33 -12.31 8.06
C ARG A 21 1.78 -12.75 8.17
N LEU A 22 2.57 -11.96 8.90
CA LEU A 22 3.97 -12.21 9.23
C LEU A 22 4.13 -13.29 10.31
N SER A 23 5.39 -13.64 10.64
CA SER A 23 5.75 -14.70 11.59
C SER A 23 6.90 -14.30 12.54
N TYR A 24 7.18 -13.00 12.69
CA TYR A 24 8.10 -12.40 13.66
C TYR A 24 7.64 -12.66 15.10
N GLY A 25 7.02 -11.65 15.70
CA GLY A 25 6.40 -11.62 17.02
C GLY A 25 6.35 -10.19 17.57
N GLY A 26 5.76 -10.02 18.77
CA GLY A 26 5.70 -8.75 19.47
C GLY A 26 4.36 -8.03 19.33
N CYS A 27 3.26 -8.77 19.35
CA CYS A 27 1.89 -8.26 19.30
C CYS A 27 1.00 -8.92 20.36
N SER A 28 -0.28 -8.52 20.41
CA SER A 28 -1.26 -9.02 21.37
C SER A 28 -2.31 -9.93 20.72
N THR A 29 -2.29 -10.05 19.38
CA THR A 29 -3.12 -10.95 18.58
C THR A 29 -2.28 -11.63 17.51
N VAL A 30 -1.82 -10.83 16.53
CA VAL A 30 -1.11 -11.23 15.32
C VAL A 30 -0.48 -9.97 14.69
N CYS A 31 0.48 -10.12 13.78
CA CYS A 31 1.07 -9.02 13.02
C CYS A 31 0.43 -8.88 11.63
N CYS A 32 0.53 -7.68 11.05
CA CYS A 32 0.00 -7.33 9.73
C CYS A 32 0.93 -6.31 9.06
N ASP A 33 1.51 -6.67 7.89
CA ASP A 33 2.48 -5.85 7.16
C ASP A 33 1.85 -4.59 6.52
N LEU A 34 1.95 -3.46 7.22
CA LEU A 34 1.45 -2.16 6.78
C LEU A 34 2.21 -1.57 5.58
N SER A 35 3.34 -2.17 5.17
CA SER A 35 4.18 -1.73 4.07
C SER A 35 3.97 -2.55 2.79
N LYS A 36 3.18 -3.64 2.86
CA LYS A 36 2.90 -4.57 1.77
C LYS A 36 1.39 -4.75 1.51
N LEU A 37 0.56 -4.05 2.28
CA LEU A 37 -0.90 -4.13 2.27
C LEU A 37 -1.51 -3.38 1.07
N THR A 38 -0.91 -2.24 0.68
CA THR A 38 -1.37 -1.37 -0.39
C THR A 38 -0.23 -1.05 -1.39
N GLY A 39 -0.61 -0.44 -2.52
CA GLY A 39 0.28 -0.11 -3.63
C GLY A 39 -0.46 -0.21 -4.97
N CYS A 40 0.31 -0.25 -6.06
CA CYS A 40 -0.21 -0.65 -7.37
C CYS A 40 -0.40 -2.17 -7.42
N LYS A 41 0.69 -2.94 -7.33
CA LYS A 41 0.75 -4.41 -7.48
C LYS A 41 0.09 -4.94 -8.77
N GLY A 42 -0.11 -4.07 -9.78
CA GLY A 42 -0.59 -4.40 -11.11
C GLY A 42 0.55 -4.92 -12.01
N LYS A 43 0.41 -4.73 -13.33
CA LYS A 43 1.36 -5.20 -14.34
C LYS A 43 2.72 -4.51 -14.23
N GLY A 44 2.75 -3.24 -13.81
CA GLY A 44 3.95 -2.45 -13.55
C GLY A 44 3.88 -1.00 -13.99
N GLY A 45 2.89 -0.64 -14.83
CA GLY A 45 2.70 0.71 -15.38
C GLY A 45 3.52 0.95 -16.65
N GLU A 46 3.26 2.09 -17.29
CA GLU A 46 3.88 2.55 -18.52
C GLU A 46 4.25 4.03 -18.46
N CYS A 47 4.99 4.49 -19.49
CA CYS A 47 5.60 5.81 -19.61
C CYS A 47 4.60 6.94 -19.95
N ASN A 48 3.32 6.78 -19.60
CA ASN A 48 2.29 7.82 -19.72
C ASN A 48 2.70 9.10 -18.96
N PRO A 49 2.18 10.27 -19.38
CA PRO A 49 2.58 11.57 -18.83
C PRO A 49 2.02 11.78 -17.42
N LEU A 50 2.62 12.76 -16.71
CA LEU A 50 2.18 13.24 -15.41
C LEU A 50 0.85 14.00 -15.48
N ASP A 51 0.41 14.39 -16.68
CA ASP A 51 -0.88 15.04 -16.92
C ASP A 51 -2.05 14.07 -16.70
N ARG A 52 -1.86 12.77 -16.96
CA ARG A 52 -2.87 11.75 -16.76
C ARG A 52 -3.07 11.49 -15.25
N GLN A 53 -4.33 11.41 -14.82
CA GLN A 53 -4.74 11.25 -13.42
C GLN A 53 -4.64 9.78 -12.99
N CYS A 54 -3.59 9.47 -12.20
CA CYS A 54 -3.29 8.16 -11.64
C CYS A 54 -2.29 8.30 -10.47
N LYS A 55 -2.15 7.23 -9.67
CA LYS A 55 -1.28 7.19 -8.48
C LYS A 55 0.21 7.23 -8.88
N GLU A 56 1.07 7.57 -7.91
CA GLU A 56 2.50 7.81 -8.09
C GLU A 56 3.31 7.10 -7.00
N LEU A 57 4.26 6.26 -7.45
CA LEU A 57 5.24 5.53 -6.65
C LEU A 57 6.65 5.75 -7.19
N GLN A 58 7.66 5.28 -6.44
CA GLN A 58 9.08 5.40 -6.76
C GLN A 58 9.72 4.04 -7.04
N ALA A 59 8.97 2.95 -6.86
CA ALA A 59 9.43 1.57 -6.95
C ALA A 59 9.66 1.10 -8.40
N GLU A 60 8.83 1.57 -9.35
CA GLU A 60 8.88 1.21 -10.77
C GLU A 60 8.66 2.44 -11.67
N SER A 61 7.78 3.35 -11.25
CA SER A 61 7.36 4.54 -11.97
C SER A 61 8.28 5.73 -11.62
N ALA A 62 9.59 5.48 -11.68
CA ALA A 62 10.66 6.44 -11.45
C ALA A 62 11.71 6.40 -12.57
N SER A 63 11.62 5.44 -13.52
CA SER A 63 12.57 5.26 -14.61
C SER A 63 11.86 5.06 -15.95
N CYS A 64 11.50 6.16 -16.61
CA CYS A 64 11.30 6.20 -18.06
C CYS A 64 11.82 7.50 -18.70
N GLY A 65 11.36 8.67 -18.25
CA GLY A 65 11.81 9.97 -18.76
C GLY A 65 10.82 11.09 -18.43
N LYS A 66 9.75 11.20 -19.23
CA LYS A 66 8.70 12.21 -19.14
C LYS A 66 7.68 11.85 -18.05
N GLY A 67 8.17 11.85 -16.80
CA GLY A 67 7.48 11.58 -15.57
C GLY A 67 6.58 10.36 -15.66
N GLN A 68 7.23 9.19 -15.56
CA GLN A 68 6.53 7.92 -15.46
C GLN A 68 5.70 7.91 -14.17
N LYS A 69 4.45 7.47 -14.29
CA LYS A 69 3.56 7.19 -13.16
C LYS A 69 2.68 5.96 -13.43
N CYS A 70 2.66 5.05 -12.45
CA CYS A 70 1.89 3.80 -12.44
C CYS A 70 0.40 4.05 -12.72
N CYS A 71 -0.13 3.45 -13.80
CA CYS A 71 -1.47 3.71 -14.29
C CYS A 71 -1.97 2.54 -15.17
N VAL A 72 -2.55 1.49 -14.56
CA VAL A 72 -2.97 0.25 -15.26
C VAL A 72 -4.44 -0.15 -14.95
N TRP A 73 -5.20 0.72 -14.30
CA TRP A 73 -6.62 0.56 -14.00
C TRP A 73 -7.48 1.00 -15.19
N LEU A 74 -8.80 0.87 -15.04
CA LEU A 74 -9.79 1.29 -16.02
C LEU A 74 -10.12 2.77 -15.87
N HIS A 75 -10.18 3.27 -14.62
CA HIS A 75 -10.54 4.64 -14.27
C HIS A 75 -9.66 5.13 -13.13
N ASN A 1 12.19 -11.86 17.12
CA ASN A 1 10.87 -11.26 16.88
C ASN A 1 10.56 -11.28 15.39
N GLU A 2 9.68 -12.21 14.95
CA GLU A 2 9.37 -12.40 13.53
C GLU A 2 8.72 -11.16 12.91
N CYS A 3 7.85 -10.49 13.68
CA CYS A 3 7.11 -9.30 13.27
C CYS A 3 8.05 -8.14 12.93
N VAL A 4 9.05 -7.88 13.79
CA VAL A 4 10.03 -6.79 13.67
C VAL A 4 11.11 -7.14 12.64
N SER A 5 11.46 -8.43 12.48
CA SER A 5 12.37 -8.92 11.46
C SER A 5 11.82 -8.70 10.05
N LYS A 6 10.51 -8.94 9.84
CA LYS A 6 9.81 -8.67 8.59
C LYS A 6 9.57 -7.17 8.35
N GLY A 7 9.68 -6.33 9.40
CA GLY A 7 9.64 -4.87 9.31
C GLY A 7 8.27 -4.26 9.58
N PHE A 8 7.32 -5.05 10.11
CA PHE A 8 5.95 -4.62 10.43
C PHE A 8 5.86 -3.94 11.80
N GLY A 9 4.63 -3.50 12.14
CA GLY A 9 4.30 -2.80 13.37
C GLY A 9 3.33 -3.59 14.25
N CYS A 10 3.06 -3.05 15.44
CA CYS A 10 2.23 -3.65 16.49
C CYS A 10 1.08 -2.73 16.89
N LEU A 11 0.32 -2.27 15.88
CA LEU A 11 -0.93 -1.56 16.07
C LEU A 11 -1.97 -2.48 16.74
N PRO A 12 -2.94 -1.94 17.48
CA PRO A 12 -4.02 -2.72 18.07
C PRO A 12 -5.02 -3.20 17.01
N GLN A 13 -5.85 -4.18 17.39
CA GLN A 13 -6.99 -4.67 16.63
C GLN A 13 -8.05 -3.57 16.42
N SER A 14 -8.13 -2.60 17.34
CA SER A 14 -8.99 -1.42 17.25
C SER A 14 -8.59 -0.50 16.08
N ASP A 15 -7.29 -0.41 15.77
CA ASP A 15 -6.75 0.44 14.72
C ASP A 15 -6.77 -0.29 13.38
N CYS A 16 -5.90 -1.31 13.21
CA CYS A 16 -5.77 -2.06 11.97
C CYS A 16 -6.99 -2.93 11.70
N PRO A 17 -7.41 -3.11 10.42
CA PRO A 17 -8.56 -3.90 10.03
C PRO A 17 -8.32 -5.40 10.20
N GLN A 18 -9.37 -6.22 10.06
CA GLN A 18 -9.38 -7.64 10.40
C GLN A 18 -8.54 -8.49 9.43
N GLU A 19 -8.34 -7.98 8.22
CA GLU A 19 -7.60 -8.60 7.12
C GLU A 19 -6.08 -8.41 7.25
N ALA A 20 -5.64 -7.24 7.73
CA ALA A 20 -4.23 -6.90 7.94
C ALA A 20 -3.60 -7.66 9.13
N ARG A 21 -4.39 -8.38 9.93
CA ARG A 21 -3.94 -9.13 11.11
C ARG A 21 -3.15 -10.37 10.70
N LEU A 22 -1.81 -10.26 10.81
CA LEU A 22 -0.84 -11.33 10.58
C LEU A 22 -0.93 -12.42 11.66
N SER A 23 -0.22 -13.53 11.40
CA SER A 23 -0.17 -14.71 12.28
C SER A 23 1.07 -14.75 13.18
N TYR A 24 2.08 -13.90 12.95
CA TYR A 24 3.31 -13.84 13.72
C TYR A 24 3.07 -13.30 15.14
N GLY A 25 4.05 -13.53 16.01
CA GLY A 25 4.09 -13.02 17.38
C GLY A 25 5.23 -12.02 17.60
N GLY A 26 5.26 -11.43 18.79
CA GLY A 26 6.25 -10.45 19.22
C GLY A 26 5.67 -9.07 19.51
N CYS A 27 4.37 -8.86 19.28
CA CYS A 27 3.64 -7.63 19.58
C CYS A 27 3.03 -7.65 20.98
N SER A 28 2.35 -6.54 21.32
CA SER A 28 1.58 -6.39 22.56
C SER A 28 0.09 -6.65 22.33
N THR A 29 -0.35 -6.69 21.06
CA THR A 29 -1.74 -6.79 20.63
C THR A 29 -1.86 -7.68 19.39
N VAL A 30 -1.40 -7.20 18.23
CA VAL A 30 -1.47 -7.90 16.95
C VAL A 30 -0.42 -7.32 15.98
N CYS A 31 0.15 -8.18 15.13
CA CYS A 31 0.99 -7.80 14.00
C CYS A 31 0.12 -7.30 12.85
N CYS A 32 0.48 -6.14 12.28
CA CYS A 32 -0.25 -5.49 11.18
C CYS A 32 0.70 -5.26 10.00
N ASP A 33 0.40 -5.87 8.84
CA ASP A 33 1.22 -5.78 7.62
C ASP A 33 1.18 -4.38 6.98
N LEU A 34 2.06 -3.49 7.44
CA LEU A 34 2.16 -2.11 6.98
C LEU A 34 2.55 -1.99 5.51
N SER A 35 3.33 -2.95 4.98
CA SER A 35 3.74 -3.00 3.59
C SER A 35 2.54 -3.20 2.66
N LYS A 36 1.53 -3.96 3.10
CA LYS A 36 0.37 -4.34 2.29
C LYS A 36 -0.88 -3.51 2.61
N LEU A 37 -0.74 -2.60 3.58
CA LEU A 37 -1.76 -1.64 4.03
C LEU A 37 -1.81 -0.45 3.07
N THR A 38 -0.64 0.10 2.71
CA THR A 38 -0.46 1.20 1.77
C THR A 38 -0.58 0.75 0.30
N GLY A 39 -0.58 1.72 -0.62
CA GLY A 39 -0.65 1.52 -2.07
C GLY A 39 0.24 2.52 -2.80
N CYS A 40 -0.36 3.38 -3.64
CA CYS A 40 0.31 4.40 -4.44
C CYS A 40 1.04 5.46 -3.61
N LYS A 41 0.66 5.65 -2.33
CA LYS A 41 1.40 6.48 -1.37
C LYS A 41 2.87 6.04 -1.20
N GLY A 42 3.19 4.77 -1.47
CA GLY A 42 4.54 4.21 -1.45
C GLY A 42 4.94 3.75 -2.85
N LYS A 43 5.40 4.67 -3.69
CA LYS A 43 5.96 4.40 -5.01
C LYS A 43 7.39 3.89 -4.83
N GLY A 44 8.32 4.80 -4.55
CA GLY A 44 9.77 4.55 -4.63
C GLY A 44 10.26 4.32 -6.06
N GLY A 45 9.37 4.45 -7.06
CA GLY A 45 9.64 4.16 -8.47
C GLY A 45 10.15 5.40 -9.21
N GLU A 46 9.49 5.77 -10.31
CA GLU A 46 9.91 6.80 -11.23
C GLU A 46 8.75 7.68 -11.72
N CYS A 47 9.09 8.81 -12.36
CA CYS A 47 8.15 9.81 -12.86
C CYS A 47 8.17 9.83 -14.39
N ASN A 48 7.42 8.89 -14.97
CA ASN A 48 7.21 8.74 -16.41
C ASN A 48 6.04 9.62 -16.89
N PRO A 49 5.91 9.84 -18.21
CA PRO A 49 4.90 10.72 -18.79
C PRO A 49 3.47 10.18 -18.64
N LEU A 50 2.48 11.04 -18.92
CA LEU A 50 1.06 10.67 -18.97
C LEU A 50 0.74 9.68 -20.10
N ASP A 51 1.63 9.58 -21.10
CA ASP A 51 1.56 8.64 -22.22
C ASP A 51 1.66 7.19 -21.74
N ARG A 52 2.33 6.96 -20.59
CA ARG A 52 2.59 5.65 -20.03
C ARG A 52 1.28 5.04 -19.49
N GLN A 53 0.98 3.81 -19.91
CA GLN A 53 -0.21 3.09 -19.46
C GLN A 53 0.00 2.57 -18.03
N CYS A 54 -0.60 3.29 -17.07
CA CYS A 54 -0.58 2.98 -15.65
C CYS A 54 -1.72 3.72 -14.91
N LYS A 55 -1.80 3.50 -13.58
CA LYS A 55 -2.82 4.05 -12.67
C LYS A 55 -2.84 5.59 -12.68
N GLU A 56 -3.90 6.17 -12.13
CA GLU A 56 -4.11 7.62 -12.01
C GLU A 56 -4.73 7.94 -10.64
N LEU A 57 -4.10 8.88 -9.94
CA LEU A 57 -4.52 9.41 -8.63
C LEU A 57 -4.06 10.86 -8.50
N GLN A 58 -5.01 11.80 -8.41
CA GLN A 58 -4.73 13.21 -8.17
C GLN A 58 -4.10 13.49 -6.79
N ALA A 59 -4.22 12.56 -5.83
CA ALA A 59 -3.68 12.67 -4.47
C ALA A 59 -2.16 12.45 -4.39
N GLU A 60 -1.53 11.85 -5.42
CA GLU A 60 -0.13 11.43 -5.42
C GLU A 60 0.64 11.93 -6.63
N SER A 61 0.09 11.72 -7.83
CA SER A 61 0.73 12.11 -9.09
C SER A 61 0.93 13.62 -9.25
N ALA A 62 0.19 14.43 -8.47
CA ALA A 62 0.34 15.88 -8.38
C ALA A 62 1.69 16.34 -7.82
N SER A 63 2.48 15.42 -7.23
CA SER A 63 3.85 15.66 -6.78
C SER A 63 4.77 15.99 -7.97
N CYS A 64 4.69 15.23 -9.06
CA CYS A 64 5.34 15.56 -10.34
C CYS A 64 4.49 16.54 -11.18
N GLY A 65 3.22 16.76 -10.83
CA GLY A 65 2.32 17.68 -11.51
C GLY A 65 1.59 17.02 -12.70
N LYS A 66 1.03 17.85 -13.59
CA LYS A 66 0.30 17.48 -14.80
C LYS A 66 1.21 16.98 -15.94
N GLY A 67 2.14 16.08 -15.59
CA GLY A 67 3.02 15.36 -16.49
C GLY A 67 3.33 13.93 -16.00
N GLN A 68 2.65 13.46 -14.93
CA GLN A 68 2.77 12.11 -14.41
C GLN A 68 1.42 11.62 -13.87
N LYS A 69 1.33 10.29 -13.73
CA LYS A 69 0.25 9.52 -13.13
C LYS A 69 0.86 8.31 -12.40
N CYS A 70 0.24 7.83 -11.30
CA CYS A 70 0.78 6.77 -10.43
C CYS A 70 1.19 5.53 -11.26
N CYS A 71 2.50 5.30 -11.39
CA CYS A 71 3.06 4.33 -12.34
C CYS A 71 3.85 3.20 -11.65
N VAL A 72 3.60 3.00 -10.34
CA VAL A 72 4.36 2.13 -9.46
C VAL A 72 3.37 1.39 -8.56
N TRP A 73 3.32 0.06 -8.68
CA TRP A 73 2.51 -0.82 -7.85
C TRP A 73 3.33 -1.39 -6.68
N LEU A 74 2.65 -2.13 -5.80
CA LEU A 74 3.21 -2.58 -4.53
C LEU A 74 4.10 -3.81 -4.75
N HIS A 75 3.50 -4.89 -5.28
CA HIS A 75 4.16 -6.18 -5.56
C HIS A 75 5.20 -6.06 -6.68
N ASN A 1 10.41 -6.55 21.83
CA ASN A 1 9.58 -6.47 20.62
C ASN A 1 10.47 -6.34 19.38
N GLU A 2 10.71 -7.49 18.73
CA GLU A 2 11.53 -7.62 17.52
C GLU A 2 10.91 -6.87 16.34
N CYS A 3 9.57 -6.88 16.23
CA CYS A 3 8.78 -6.16 15.23
C CYS A 3 9.05 -4.65 15.32
N VAL A 4 8.86 -4.07 16.51
CA VAL A 4 8.99 -2.64 16.79
C VAL A 4 10.45 -2.19 16.66
N SER A 5 11.41 -3.06 17.03
CA SER A 5 12.85 -2.84 16.89
C SER A 5 13.26 -2.67 15.42
N LYS A 6 12.70 -3.49 14.52
CA LYS A 6 12.90 -3.40 13.08
C LYS A 6 12.12 -2.26 12.42
N GLY A 7 11.15 -1.66 13.13
CA GLY A 7 10.36 -0.52 12.71
C GLY A 7 8.95 -0.88 12.21
N PHE A 8 8.61 -2.17 12.17
CA PHE A 8 7.29 -2.69 11.82
C PHE A 8 6.29 -2.52 12.97
N GLY A 9 5.04 -2.91 12.71
CA GLY A 9 3.93 -2.85 13.67
C GLY A 9 3.46 -4.24 14.10
N CYS A 10 2.50 -4.25 15.02
CA CYS A 10 1.79 -5.44 15.48
C CYS A 10 0.29 -5.21 15.30
N LEU A 11 -0.19 -5.31 14.05
CA LEU A 11 -1.60 -5.20 13.69
C LEU A 11 -2.31 -6.52 14.03
N PRO A 12 -3.65 -6.51 14.25
CA PRO A 12 -4.41 -7.72 14.51
C PRO A 12 -4.48 -8.61 13.26
N GLN A 13 -4.78 -9.90 13.47
CA GLN A 13 -4.86 -10.90 12.39
C GLN A 13 -6.02 -10.61 11.41
N SER A 14 -7.02 -9.83 11.82
CA SER A 14 -8.10 -9.36 10.93
C SER A 14 -7.55 -8.37 9.89
N ASP A 15 -6.90 -7.29 10.35
CA ASP A 15 -6.37 -6.22 9.50
C ASP A 15 -5.15 -6.69 8.69
N CYS A 16 -4.10 -7.22 9.35
CA CYS A 16 -2.87 -7.67 8.72
C CYS A 16 -3.13 -8.81 7.73
N PRO A 17 -2.90 -8.64 6.42
CA PRO A 17 -3.06 -9.71 5.43
C PRO A 17 -1.99 -10.78 5.63
N GLN A 18 -2.25 -12.01 5.17
CA GLN A 18 -1.48 -13.20 5.51
C GLN A 18 -0.10 -13.24 4.84
N GLU A 19 0.08 -12.43 3.80
CA GLU A 19 1.31 -12.17 3.07
C GLU A 19 2.28 -11.31 3.88
N ALA A 20 1.80 -10.29 4.59
CA ALA A 20 2.59 -9.32 5.33
C ALA A 20 3.05 -9.86 6.70
N ARG A 21 2.53 -11.00 7.16
CA ARG A 21 2.87 -11.61 8.44
C ARG A 21 4.33 -12.08 8.45
N LEU A 22 5.13 -11.52 9.37
CA LEU A 22 6.53 -11.89 9.60
C LEU A 22 6.63 -13.00 10.65
N SER A 23 7.86 -13.51 10.84
CA SER A 23 8.19 -14.55 11.82
C SER A 23 8.56 -13.95 13.19
N TYR A 24 8.82 -12.63 13.27
CA TYR A 24 9.19 -11.91 14.47
C TYR A 24 8.09 -11.92 15.54
N GLY A 25 8.45 -11.55 16.77
CA GLY A 25 7.62 -11.65 17.97
C GLY A 25 7.63 -10.38 18.82
N GLY A 26 7.08 -10.52 20.04
CA GLY A 26 6.85 -9.45 21.00
C GLY A 26 5.47 -8.79 20.86
N CYS A 27 4.74 -9.08 19.77
CA CYS A 27 3.37 -8.62 19.55
C CYS A 27 2.39 -9.25 20.54
N SER A 28 1.14 -8.77 20.51
CA SER A 28 -0.01 -9.28 21.24
C SER A 28 -1.02 -10.04 20.35
N THR A 29 -0.80 -10.02 19.03
CA THR A 29 -1.62 -10.65 18.01
C THR A 29 -0.73 -11.30 16.94
N VAL A 30 -0.09 -10.49 16.09
CA VAL A 30 0.80 -10.91 15.00
C VAL A 30 1.63 -9.70 14.53
N CYS A 31 2.80 -9.96 13.94
CA CYS A 31 3.63 -8.93 13.28
C CYS A 31 3.03 -8.57 11.91
N CYS A 32 3.39 -7.40 11.36
CA CYS A 32 2.96 -6.98 10.04
C CYS A 32 4.00 -6.06 9.39
N ASP A 33 4.57 -6.49 8.26
CA ASP A 33 5.57 -5.73 7.48
C ASP A 33 4.90 -4.55 6.77
N LEU A 34 4.92 -3.38 7.43
CA LEU A 34 4.29 -2.15 6.94
C LEU A 34 4.98 -1.57 5.70
N SER A 35 6.26 -1.91 5.48
CA SER A 35 7.10 -1.36 4.41
C SER A 35 6.73 -1.90 3.01
N LYS A 36 5.95 -2.99 2.94
CA LYS A 36 5.44 -3.60 1.70
C LYS A 36 3.94 -3.86 1.74
N LEU A 37 3.24 -3.37 2.77
CA LEU A 37 1.80 -3.40 2.90
C LEU A 37 1.18 -2.33 1.99
N THR A 38 1.60 -1.07 2.13
CA THR A 38 1.10 0.10 1.41
C THR A 38 2.08 0.55 0.31
N GLY A 39 1.67 1.56 -0.48
CA GLY A 39 2.42 2.06 -1.63
C GLY A 39 1.97 3.48 -2.01
N CYS A 40 1.60 3.68 -3.29
CA CYS A 40 1.15 4.97 -3.81
C CYS A 40 -0.24 5.34 -3.27
N LYS A 41 -1.27 4.57 -3.68
CA LYS A 41 -2.67 4.95 -3.57
C LYS A 41 -3.55 3.82 -3.01
N GLY A 42 -3.44 2.59 -3.55
CA GLY A 42 -4.21 1.43 -3.12
C GLY A 42 -3.56 0.10 -3.49
N LYS A 43 -3.37 -0.14 -4.80
CA LYS A 43 -2.75 -1.34 -5.36
C LYS A 43 -1.25 -1.41 -5.02
N GLY A 44 -0.54 -0.28 -5.17
CA GLY A 44 0.89 -0.14 -4.93
C GLY A 44 1.55 0.94 -5.80
N GLY A 45 0.96 1.24 -6.96
CA GLY A 45 1.51 2.08 -8.02
C GLY A 45 2.14 1.24 -9.12
N GLU A 46 2.23 1.84 -10.31
CA GLU A 46 2.78 1.24 -11.52
C GLU A 46 3.67 2.25 -12.24
N CYS A 47 4.84 1.80 -12.71
CA CYS A 47 5.75 2.60 -13.50
C CYS A 47 5.31 2.58 -14.96
N ASN A 48 4.53 3.60 -15.37
CA ASN A 48 3.99 3.79 -16.72
C ASN A 48 4.44 5.14 -17.30
N PRO A 49 4.51 5.25 -18.64
CA PRO A 49 5.10 6.39 -19.33
C PRO A 49 4.29 7.67 -19.14
N LEU A 50 4.96 8.81 -19.30
CA LEU A 50 4.35 10.13 -19.13
C LEU A 50 3.31 10.44 -20.22
N ASP A 51 3.37 9.72 -21.35
CA ASP A 51 2.46 9.84 -22.49
C ASP A 51 1.05 9.35 -22.18
N ARG A 52 0.90 8.41 -21.22
CA ARG A 52 -0.38 7.82 -20.86
C ARG A 52 -1.19 8.79 -20.01
N GLN A 53 -2.48 8.95 -20.34
CA GLN A 53 -3.43 9.83 -19.66
C GLN A 53 -3.71 9.30 -18.25
N CYS A 54 -3.02 9.88 -17.26
CA CYS A 54 -3.10 9.50 -15.85
C CYS A 54 -2.45 10.56 -14.95
N LYS A 55 -2.60 10.36 -13.62
CA LYS A 55 -2.02 11.22 -12.59
C LYS A 55 -0.48 11.10 -12.56
N GLU A 56 0.18 12.02 -11.85
CA GLU A 56 1.63 12.15 -11.74
C GLU A 56 2.01 12.58 -10.32
N LEU A 57 3.09 11.99 -9.80
CA LEU A 57 3.62 12.24 -8.46
C LEU A 57 5.15 12.13 -8.43
N GLN A 58 5.82 13.27 -8.71
CA GLN A 58 7.28 13.35 -8.59
C GLN A 58 7.79 13.25 -7.14
N ALA A 59 6.91 13.31 -6.14
CA ALA A 59 7.24 13.20 -4.71
C ALA A 59 7.09 11.77 -4.16
N GLU A 60 6.56 10.80 -4.94
CA GLU A 60 6.26 9.44 -4.49
C GLU A 60 6.65 8.42 -5.56
N SER A 61 6.10 8.57 -6.77
CA SER A 61 6.29 7.67 -7.89
C SER A 61 7.73 7.64 -8.42
N ALA A 62 8.52 8.70 -8.13
CA ALA A 62 9.90 8.90 -8.56
C ALA A 62 10.88 7.82 -8.12
N SER A 63 10.48 6.85 -7.28
CA SER A 63 11.27 5.69 -6.91
C SER A 63 11.77 4.89 -8.14
N CYS A 64 11.04 4.90 -9.26
CA CYS A 64 11.52 4.44 -10.56
C CYS A 64 12.55 5.45 -11.10
N GLY A 65 12.08 6.61 -11.61
CA GLY A 65 12.95 7.71 -12.04
C GLY A 65 12.39 8.46 -13.25
N LYS A 66 12.24 7.76 -14.38
CA LYS A 66 11.73 8.29 -15.64
C LYS A 66 10.66 7.35 -16.21
N GLY A 67 9.64 7.96 -16.84
CA GLY A 67 8.50 7.27 -17.44
C GLY A 67 7.77 6.37 -16.45
N GLN A 68 7.47 6.87 -15.24
CA GLN A 68 7.05 6.06 -14.10
C GLN A 68 5.77 6.44 -13.36
N LYS A 69 5.12 7.50 -13.83
CA LYS A 69 4.01 8.20 -13.18
C LYS A 69 2.98 7.28 -12.51
N CYS A 70 2.68 7.52 -11.23
CA CYS A 70 1.73 6.74 -10.44
C CYS A 70 0.34 6.82 -11.09
N CYS A 71 -0.10 5.68 -11.62
CA CYS A 71 -1.33 5.53 -12.38
C CYS A 71 -2.11 4.35 -11.80
N VAL A 72 -2.86 4.62 -10.73
CA VAL A 72 -3.65 3.65 -9.96
C VAL A 72 -5.12 4.03 -10.10
N TRP A 73 -5.97 3.05 -10.42
CA TRP A 73 -7.39 3.24 -10.70
C TRP A 73 -8.22 3.01 -9.45
N LEU A 74 -9.54 3.25 -9.57
CA LEU A 74 -10.49 2.93 -8.52
C LEU A 74 -10.85 1.43 -8.50
N HIS A 75 -11.70 1.05 -7.52
CA HIS A 75 -12.20 -0.33 -7.35
C HIS A 75 -13.05 -0.77 -8.55
N ASN A 1 8.28 -11.64 19.39
CA ASN A 1 7.68 -10.48 18.69
C ASN A 1 7.89 -10.58 17.17
N GLU A 2 7.28 -11.60 16.55
CA GLU A 2 7.43 -11.92 15.12
C GLU A 2 7.00 -10.78 14.20
N CYS A 3 5.94 -10.03 14.59
CA CYS A 3 5.40 -8.91 13.84
C CYS A 3 6.42 -7.76 13.71
N VAL A 4 7.23 -7.53 14.75
CA VAL A 4 8.33 -6.57 14.78
C VAL A 4 9.54 -7.11 14.01
N SER A 5 9.88 -8.40 14.17
CA SER A 5 11.03 -9.06 13.56
C SER A 5 10.98 -9.06 12.03
N LYS A 6 9.77 -9.26 11.46
CA LYS A 6 9.52 -9.21 10.02
C LYS A 6 9.57 -7.79 9.44
N GLY A 7 9.52 -6.75 10.29
CA GLY A 7 9.64 -5.34 9.92
C GLY A 7 8.31 -4.59 9.80
N PHE A 8 7.18 -5.27 10.02
CA PHE A 8 5.85 -4.67 10.03
C PHE A 8 5.60 -3.86 11.32
N GLY A 9 4.43 -3.21 11.39
CA GLY A 9 4.04 -2.33 12.49
C GLY A 9 2.88 -2.90 13.31
N CYS A 10 2.50 -2.14 14.35
CA CYS A 10 1.39 -2.44 15.24
C CYS A 10 0.51 -1.18 15.40
N LEU A 11 -0.17 -0.79 14.32
CA LEU A 11 -1.23 0.22 14.35
C LEU A 11 -2.42 -0.32 15.17
N PRO A 12 -3.27 0.56 15.76
CA PRO A 12 -4.48 0.14 16.45
C PRO A 12 -5.54 -0.35 15.46
N GLN A 13 -6.58 -1.01 15.98
CA GLN A 13 -7.74 -1.45 15.20
C GLN A 13 -8.52 -0.25 14.63
N SER A 14 -8.38 0.94 15.23
CA SER A 14 -9.02 2.19 14.81
C SER A 14 -8.40 2.80 13.54
N ASP A 15 -7.19 2.39 13.15
CA ASP A 15 -6.43 2.97 12.04
C ASP A 15 -6.01 1.92 11.00
N CYS A 16 -5.62 0.71 11.44
CA CYS A 16 -5.27 -0.40 10.57
C CYS A 16 -6.54 -0.95 9.87
N PRO A 17 -6.55 -1.04 8.53
CA PRO A 17 -7.64 -1.70 7.81
C PRO A 17 -7.60 -3.21 8.06
N GLN A 18 -8.75 -3.87 7.96
CA GLN A 18 -8.97 -5.24 8.42
C GLN A 18 -8.30 -6.29 7.53
N GLU A 19 -7.89 -5.88 6.32
CA GLU A 19 -7.14 -6.63 5.33
C GLU A 19 -5.65 -6.77 5.69
N ALA A 20 -5.03 -5.68 6.18
CA ALA A 20 -3.61 -5.60 6.52
C ALA A 20 -3.27 -6.30 7.85
N ARG A 21 -4.26 -6.67 8.67
CA ARG A 21 -4.06 -7.30 9.98
C ARG A 21 -3.44 -8.69 9.85
N LEU A 22 -2.16 -8.83 10.22
CA LEU A 22 -1.39 -10.07 10.12
C LEU A 22 -1.76 -11.07 11.23
N SER A 23 -1.20 -12.28 11.11
CA SER A 23 -1.39 -13.39 12.04
C SER A 23 -0.34 -13.41 13.17
N TYR A 24 0.73 -12.61 13.06
CA TYR A 24 1.85 -12.57 14.01
C TYR A 24 1.47 -11.93 15.35
N GLY A 25 2.41 -11.95 16.30
CA GLY A 25 2.28 -11.39 17.64
C GLY A 25 3.46 -10.48 18.03
N GLY A 26 3.36 -9.91 19.23
CA GLY A 26 4.32 -8.98 19.81
C GLY A 26 3.78 -7.54 19.96
N CYS A 27 2.62 -7.24 19.35
CA CYS A 27 1.95 -5.94 19.40
C CYS A 27 1.27 -5.70 20.77
N SER A 28 0.66 -4.50 20.90
CA SER A 28 -0.12 -4.09 22.07
C SER A 28 -1.61 -3.85 21.71
N THR A 29 -1.96 -3.96 20.43
CA THR A 29 -3.30 -3.76 19.89
C THR A 29 -3.58 -4.83 18.81
N VAL A 30 -2.97 -4.68 17.64
CA VAL A 30 -3.06 -5.57 16.48
C VAL A 30 -1.87 -5.30 15.55
N CYS A 31 -1.52 -6.26 14.68
CA CYS A 31 -0.53 -6.06 13.62
C CYS A 31 -1.11 -5.23 12.46
N CYS A 32 -0.22 -4.70 11.62
CA CYS A 32 -0.57 -4.06 10.36
C CYS A 32 0.58 -4.20 9.36
N ASP A 33 0.34 -4.86 8.23
CA ASP A 33 1.28 -5.01 7.12
C ASP A 33 1.48 -3.66 6.43
N LEU A 34 2.59 -2.99 6.75
CA LEU A 34 2.94 -1.67 6.24
C LEU A 34 3.27 -1.71 4.74
N SER A 35 3.70 -2.86 4.22
CA SER A 35 3.97 -3.09 2.79
C SER A 35 2.68 -3.24 1.96
N LYS A 36 1.50 -3.26 2.62
CA LYS A 36 0.17 -3.28 1.99
C LYS A 36 -0.68 -2.07 2.42
N LEU A 37 -0.06 -1.10 3.10
CA LEU A 37 -0.70 0.09 3.66
C LEU A 37 -0.34 1.34 2.85
N THR A 38 0.91 1.41 2.37
CA THR A 38 1.46 2.46 1.53
C THR A 38 2.01 1.90 0.22
N GLY A 39 1.97 2.72 -0.85
CA GLY A 39 2.40 2.36 -2.19
C GLY A 39 1.39 1.46 -2.92
N CYS A 40 1.67 1.22 -4.21
CA CYS A 40 0.86 0.39 -5.11
C CYS A 40 1.17 -1.10 -4.93
N LYS A 41 2.45 -1.46 -4.80
CA LYS A 41 2.94 -2.82 -4.50
C LYS A 41 4.07 -2.81 -3.46
N GLY A 42 4.89 -1.76 -3.42
CA GLY A 42 6.05 -1.62 -2.54
C GLY A 42 7.34 -1.91 -3.31
N LYS A 43 7.68 -1.01 -4.25
CA LYS A 43 8.86 -1.05 -5.11
C LYS A 43 9.54 0.32 -5.07
N GLY A 44 8.86 1.35 -5.60
CA GLY A 44 9.31 2.74 -5.59
C GLY A 44 8.15 3.71 -5.86
N GLY A 45 7.36 3.44 -6.91
CA GLY A 45 6.21 4.25 -7.30
C GLY A 45 6.63 5.43 -8.19
N GLU A 46 6.42 5.29 -9.51
CA GLU A 46 6.84 6.29 -10.50
C GLU A 46 5.99 7.56 -10.39
N CYS A 47 6.59 8.71 -10.75
CA CYS A 47 5.97 10.04 -10.76
C CYS A 47 5.78 10.57 -12.21
N ASN A 48 5.61 9.63 -13.14
CA ASN A 48 5.02 9.78 -14.47
C ASN A 48 3.70 10.59 -14.48
N PRO A 49 3.38 11.31 -15.57
CA PRO A 49 2.26 12.25 -15.64
C PRO A 49 0.90 11.55 -15.74
N LEU A 50 -0.18 12.27 -15.38
CA LEU A 50 -1.55 11.76 -15.42
C LEU A 50 -2.05 11.40 -16.83
N ASP A 51 -1.39 11.91 -17.87
CA ASP A 51 -1.70 11.65 -19.28
C ASP A 51 -1.37 10.21 -19.69
N ARG A 52 -0.37 9.58 -19.04
CA ARG A 52 0.11 8.24 -19.40
C ARG A 52 -0.90 7.18 -18.96
N GLN A 53 -1.11 6.16 -19.81
CA GLN A 53 -2.09 5.08 -19.62
C GLN A 53 -1.63 4.12 -18.52
N CYS A 54 -2.25 4.22 -17.34
CA CYS A 54 -2.10 3.33 -16.20
C CYS A 54 -3.26 3.53 -15.21
N LYS A 55 -3.28 2.74 -14.12
CA LYS A 55 -4.25 2.85 -13.04
C LYS A 55 -4.04 4.15 -12.23
N GLU A 56 -5.05 4.57 -11.46
CA GLU A 56 -5.03 5.75 -10.62
C GLU A 56 -5.89 5.53 -9.37
N LEU A 57 -5.34 5.92 -8.21
CA LEU A 57 -5.92 5.79 -6.88
C LEU A 57 -5.49 6.99 -6.04
N GLN A 58 -6.41 7.89 -5.68
CA GLN A 58 -6.10 9.11 -4.94
C GLN A 58 -5.54 8.85 -3.53
N ALA A 59 -5.79 7.65 -2.97
CA ALA A 59 -5.29 7.23 -1.68
C ALA A 59 -3.78 6.97 -1.70
N GLU A 60 -3.25 6.44 -2.82
CA GLU A 60 -1.88 5.93 -2.94
C GLU A 60 -1.00 6.87 -3.80
N SER A 61 -1.61 7.55 -4.78
CA SER A 61 -0.94 8.47 -5.70
C SER A 61 -0.78 9.89 -5.15
N ALA A 62 -1.33 10.16 -3.95
CA ALA A 62 -1.16 11.43 -3.24
C ALA A 62 0.27 11.65 -2.75
N SER A 63 1.15 10.64 -2.85
CA SER A 63 2.55 10.68 -2.44
C SER A 63 3.35 11.74 -3.21
N CYS A 64 3.37 11.68 -4.56
CA CYS A 64 3.98 12.73 -5.37
C CYS A 64 3.05 13.96 -5.52
N GLY A 65 1.77 13.84 -5.14
CA GLY A 65 0.76 14.89 -5.28
C GLY A 65 0.16 14.94 -6.69
N LYS A 66 -0.53 16.06 -6.97
CA LYS A 66 -1.16 16.38 -8.25
C LYS A 66 -0.15 16.30 -9.42
N GLY A 67 -0.30 15.25 -10.23
CA GLY A 67 0.57 14.94 -11.37
C GLY A 67 0.97 13.46 -11.42
N GLN A 68 0.83 12.71 -10.32
CA GLN A 68 1.16 11.29 -10.24
C GLN A 68 -0.10 10.44 -10.09
N LYS A 69 -0.04 9.22 -10.65
CA LYS A 69 -1.06 8.19 -10.56
C LYS A 69 -0.41 6.84 -10.18
N CYS A 70 -1.19 5.95 -9.56
CA CYS A 70 -0.72 4.65 -9.05
C CYS A 70 -0.34 3.72 -10.20
N CYS A 71 0.97 3.69 -10.52
CA CYS A 71 1.54 2.94 -11.62
C CYS A 71 2.89 2.36 -11.21
N VAL A 72 2.95 1.03 -11.08
CA VAL A 72 4.18 0.30 -10.74
C VAL A 72 4.16 -1.09 -11.41
N TRP A 73 5.35 -1.68 -11.58
CA TRP A 73 5.56 -3.03 -12.08
C TRP A 73 6.52 -3.78 -11.17
N LEU A 74 6.79 -5.06 -11.49
CA LEU A 74 7.69 -5.94 -10.74
C LEU A 74 9.08 -6.07 -11.42
N HIS A 75 9.18 -5.64 -12.70
CA HIS A 75 10.39 -5.65 -13.52
C HIS A 75 10.50 -4.32 -14.26
N ASN A 1 3.36 -16.87 12.30
CA ASN A 1 3.50 -15.71 11.40
C ASN A 1 2.91 -16.03 10.03
N GLU A 2 1.90 -15.23 9.65
CA GLU A 2 1.09 -15.38 8.44
C GLU A 2 1.17 -14.09 7.60
N CYS A 3 1.17 -12.93 8.26
CA CYS A 3 1.27 -11.60 7.66
C CYS A 3 2.65 -11.33 7.03
N VAL A 4 3.71 -11.98 7.54
CA VAL A 4 5.05 -12.03 6.94
C VAL A 4 4.98 -12.74 5.57
N SER A 5 4.41 -13.95 5.53
CA SER A 5 4.34 -14.79 4.33
C SER A 5 3.55 -14.12 3.21
N LYS A 6 2.50 -13.35 3.56
CA LYS A 6 1.72 -12.54 2.64
C LYS A 6 2.52 -11.33 2.17
N GLY A 7 2.99 -10.49 3.11
CA GLY A 7 3.85 -9.33 2.87
C GLY A 7 3.18 -8.01 3.23
N PHE A 8 2.65 -7.88 4.46
CA PHE A 8 2.00 -6.69 5.00
C PHE A 8 2.76 -6.12 6.19
N GLY A 9 2.26 -5.02 6.77
CA GLY A 9 2.91 -4.28 7.86
C GLY A 9 2.29 -4.60 9.22
N CYS A 10 2.99 -4.16 10.28
CA CYS A 10 2.55 -4.24 11.67
C CYS A 10 2.48 -2.83 12.25
N LEU A 11 1.35 -2.17 11.99
CA LEU A 11 1.00 -0.87 12.58
C LEU A 11 0.06 -1.12 13.76
N PRO A 12 -0.03 -0.21 14.74
CA PRO A 12 -1.00 -0.30 15.82
C PRO A 12 -2.41 0.01 15.32
N GLN A 13 -3.41 -0.40 16.12
CA GLN A 13 -4.82 -0.11 15.90
C GLN A 13 -5.09 1.42 15.96
N SER A 14 -4.29 2.18 16.71
CA SER A 14 -4.36 3.63 16.80
C SER A 14 -3.85 4.36 15.53
N ASP A 15 -3.09 3.67 14.66
CA ASP A 15 -2.60 4.21 13.38
C ASP A 15 -3.53 3.78 12.24
N CYS A 16 -3.58 2.47 11.93
CA CYS A 16 -4.41 1.92 10.87
C CYS A 16 -5.90 1.95 11.25
N PRO A 17 -6.80 2.23 10.29
CA PRO A 17 -8.24 2.31 10.52
C PRO A 17 -8.85 0.93 10.77
N GLN A 18 -10.14 0.90 11.13
CA GLN A 18 -10.88 -0.29 11.57
C GLN A 18 -11.22 -1.27 10.44
N GLU A 19 -10.69 -1.04 9.22
CA GLU A 19 -11.00 -1.75 7.99
C GLU A 19 -9.76 -2.37 7.32
N ALA A 20 -8.62 -1.67 7.37
CA ALA A 20 -7.32 -2.20 6.92
C ALA A 20 -6.80 -3.35 7.79
N ARG A 21 -7.36 -3.53 9.00
CA ARG A 21 -7.02 -4.59 9.96
C ARG A 21 -7.41 -5.96 9.41
N LEU A 22 -6.40 -6.76 9.07
CA LEU A 22 -6.54 -8.15 8.62
C LEU A 22 -6.88 -9.09 9.77
N SER A 23 -7.25 -10.33 9.41
CA SER A 23 -7.63 -11.39 10.35
C SER A 23 -6.52 -12.44 10.55
N TYR A 24 -5.42 -12.34 9.80
CA TYR A 24 -4.16 -13.06 10.02
C TYR A 24 -3.50 -12.62 11.35
N GLY A 25 -2.38 -13.26 11.71
CA GLY A 25 -1.61 -12.95 12.92
C GLY A 25 -0.10 -13.03 12.72
N GLY A 26 0.62 -12.63 13.78
CA GLY A 26 2.08 -12.70 13.90
C GLY A 26 2.77 -11.33 14.01
N CYS A 27 2.02 -10.22 13.91
CA CYS A 27 2.46 -8.88 14.29
C CYS A 27 2.52 -8.71 15.82
N SER A 28 2.87 -7.50 16.28
CA SER A 28 2.97 -7.18 17.72
C SER A 28 1.72 -6.46 18.23
N THR A 29 0.83 -6.02 17.32
CA THR A 29 -0.42 -5.33 17.60
C THR A 29 -1.51 -5.86 16.68
N VAL A 30 -1.44 -5.53 15.38
CA VAL A 30 -2.40 -5.90 14.35
C VAL A 30 -1.73 -5.85 12.97
N CYS A 31 -2.10 -6.77 12.08
CA CYS A 31 -1.67 -6.77 10.68
C CYS A 31 -2.52 -5.78 9.88
N CYS A 32 -1.86 -4.93 9.07
CA CYS A 32 -2.49 -3.85 8.32
C CYS A 32 -2.13 -3.98 6.84
N ASP A 33 -3.14 -4.23 5.98
CA ASP A 33 -2.98 -4.40 4.54
C ASP A 33 -2.58 -3.06 3.90
N LEU A 34 -1.27 -2.91 3.61
CA LEU A 34 -0.68 -1.68 3.09
C LEU A 34 -1.12 -1.40 1.64
N SER A 35 -1.46 -2.45 0.88
CA SER A 35 -2.03 -2.37 -0.47
C SER A 35 -3.50 -1.91 -0.47
N LYS A 36 -4.15 -1.85 0.71
CA LYS A 36 -5.51 -1.33 0.91
C LYS A 36 -5.52 -0.16 1.91
N LEU A 37 -4.36 0.49 2.09
CA LEU A 37 -4.15 1.66 2.93
C LEU A 37 -3.73 2.84 2.04
N THR A 38 -2.61 2.67 1.32
CA THR A 38 -2.06 3.65 0.38
C THR A 38 -2.61 3.43 -1.04
N GLY A 39 -2.59 4.49 -1.85
CA GLY A 39 -3.14 4.53 -3.20
C GLY A 39 -3.80 5.88 -3.50
N CYS A 40 -4.41 6.00 -4.69
CA CYS A 40 -5.25 7.16 -5.07
C CYS A 40 -6.46 7.34 -4.14
N LYS A 41 -6.94 6.26 -3.49
CA LYS A 41 -7.92 6.28 -2.41
C LYS A 41 -7.47 7.06 -1.16
N GLY A 42 -6.18 7.43 -1.06
CA GLY A 42 -5.62 8.20 0.04
C GLY A 42 -6.10 9.65 0.00
N LYS A 43 -5.39 10.50 -0.75
CA LYS A 43 -5.71 11.92 -0.90
C LYS A 43 -6.79 12.11 -1.98
N GLY A 44 -6.55 11.57 -3.19
CA GLY A 44 -7.50 11.60 -4.30
C GLY A 44 -6.87 11.33 -5.68
N GLY A 45 -5.54 11.43 -5.80
CA GLY A 45 -4.80 11.21 -7.05
C GLY A 45 -4.51 12.50 -7.82
N GLU A 46 -3.78 12.36 -8.93
CA GLU A 46 -3.44 13.45 -9.85
C GLU A 46 -3.38 12.95 -11.30
N CYS A 47 -3.55 13.89 -12.24
CA CYS A 47 -3.43 13.73 -13.68
C CYS A 47 -1.97 13.89 -14.18
N ASN A 48 -0.98 13.70 -13.30
CA ASN A 48 0.45 13.78 -13.62
C ASN A 48 0.83 12.76 -14.72
N PRO A 49 1.82 13.06 -15.58
CA PRO A 49 2.09 12.35 -16.82
C PRO A 49 2.64 10.93 -16.60
N LEU A 50 2.64 10.13 -17.68
CA LEU A 50 3.24 8.80 -17.72
C LEU A 50 4.75 8.82 -17.45
N ASP A 51 5.42 9.96 -17.69
CA ASP A 51 6.84 10.19 -17.43
C ASP A 51 7.18 10.30 -15.94
N ARG A 52 6.16 10.47 -15.07
CA ARG A 52 6.32 10.53 -13.62
C ARG A 52 6.49 9.11 -13.04
N GLN A 53 7.16 9.01 -11.88
CA GLN A 53 7.43 7.75 -11.19
C GLN A 53 6.47 7.61 -10.01
N CYS A 54 5.42 6.80 -10.20
CA CYS A 54 4.34 6.53 -9.24
C CYS A 54 3.47 5.35 -9.72
N LYS A 55 2.69 4.77 -8.78
CA LYS A 55 1.89 3.56 -8.97
C LYS A 55 0.56 3.86 -9.66
N GLU A 56 0.40 3.43 -10.91
CA GLU A 56 -0.90 3.43 -11.61
C GLU A 56 -1.76 2.24 -11.16
N LEU A 57 -3.09 2.40 -11.22
CA LEU A 57 -4.09 1.36 -10.94
C LEU A 57 -5.31 1.38 -11.89
N GLN A 58 -5.16 2.05 -13.04
CA GLN A 58 -6.03 2.11 -14.23
C GLN A 58 -7.52 2.40 -13.99
N ALA A 59 -7.83 3.02 -12.86
CA ALA A 59 -9.17 3.19 -12.31
C ALA A 59 -9.43 4.65 -11.95
N GLU A 60 -8.79 5.13 -10.88
CA GLU A 60 -8.82 6.53 -10.44
C GLU A 60 -8.18 7.45 -11.48
N SER A 61 -7.12 6.96 -12.13
CA SER A 61 -6.37 7.64 -13.18
C SER A 61 -7.15 7.79 -14.49
N ALA A 62 -8.05 6.83 -14.80
CA ALA A 62 -8.75 6.71 -16.08
C ALA A 62 -9.75 7.86 -16.35
N SER A 63 -9.98 8.74 -15.37
CA SER A 63 -10.76 9.98 -15.53
C SER A 63 -10.14 10.91 -16.58
N CYS A 64 -8.81 11.06 -16.58
CA CYS A 64 -8.05 11.80 -17.59
C CYS A 64 -7.83 11.01 -18.89
N GLY A 65 -8.12 9.71 -18.91
CA GLY A 65 -8.07 8.84 -20.07
C GLY A 65 -6.68 8.22 -20.24
N LYS A 66 -5.87 8.81 -21.13
CA LYS A 66 -4.50 8.39 -21.46
C LYS A 66 -3.55 9.60 -21.43
N GLY A 67 -2.25 9.30 -21.32
CA GLY A 67 -1.17 10.27 -21.19
C GLY A 67 -0.79 10.57 -19.74
N GLN A 68 -1.56 10.07 -18.76
CA GLN A 68 -1.33 10.23 -17.33
C GLN A 68 -1.23 8.88 -16.59
N LYS A 69 -0.99 8.94 -15.28
CA LYS A 69 -1.11 7.84 -14.32
C LYS A 69 -1.59 8.35 -12.96
N CYS A 70 -2.08 7.44 -12.08
CA CYS A 70 -2.33 7.76 -10.68
C CYS A 70 -0.99 8.13 -10.04
N CYS A 71 -0.94 9.33 -9.45
CA CYS A 71 0.28 9.87 -8.85
C CYS A 71 -0.07 10.59 -7.56
N VAL A 72 0.26 9.96 -6.43
CA VAL A 72 0.04 10.45 -5.08
C VAL A 72 1.19 10.01 -4.18
N TRP A 73 1.52 10.86 -3.20
CA TRP A 73 2.64 10.70 -2.28
C TRP A 73 2.14 10.45 -0.86
N LEU A 74 3.09 10.23 0.06
CA LEU A 74 2.84 10.03 1.49
C LEU A 74 2.66 11.39 2.19
N HIS A 75 2.64 11.37 3.54
CA HIS A 75 2.48 12.54 4.41
C HIS A 75 3.52 13.64 4.18
N ASN A 1 5.73 -10.43 22.46
CA ASN A 1 5.47 -9.82 21.14
C ASN A 1 6.74 -9.79 20.29
N GLU A 2 6.57 -10.00 18.98
CA GLU A 2 7.64 -10.06 17.99
C GLU A 2 7.47 -9.02 16.90
N CYS A 3 6.24 -8.83 16.40
CA CYS A 3 5.92 -7.82 15.39
C CYS A 3 6.18 -6.40 15.92
N VAL A 4 5.95 -6.17 17.23
CA VAL A 4 6.28 -4.93 17.94
C VAL A 4 7.80 -4.69 17.91
N SER A 5 8.59 -5.70 18.26
CA SER A 5 10.05 -5.64 18.30
C SER A 5 10.67 -5.41 16.92
N LYS A 6 10.04 -5.92 15.85
CA LYS A 6 10.48 -5.80 14.47
C LYS A 6 10.05 -4.47 13.82
N GLY A 7 9.21 -3.65 14.49
CA GLY A 7 8.83 -2.31 14.05
C GLY A 7 7.51 -2.23 13.28
N PHE A 8 6.69 -3.29 13.33
CA PHE A 8 5.41 -3.42 12.64
C PHE A 8 4.22 -3.12 13.56
N GLY A 9 2.99 -3.27 13.03
CA GLY A 9 1.74 -3.02 13.73
C GLY A 9 0.81 -4.24 13.73
N CYS A 10 -0.27 -4.16 14.53
CA CYS A 10 -1.29 -5.20 14.67
C CYS A 10 -2.62 -4.70 14.11
N LEU A 11 -2.76 -4.72 12.78
CA LEU A 11 -4.01 -4.41 12.09
C LEU A 11 -4.93 -5.64 12.12
N PRO A 12 -6.26 -5.49 11.98
CA PRO A 12 -7.19 -6.60 11.84
C PRO A 12 -7.01 -7.27 10.46
N GLN A 13 -7.50 -8.51 10.34
CA GLN A 13 -7.48 -9.28 9.09
C GLN A 13 -8.33 -8.60 8.00
N SER A 14 -9.40 -7.87 8.40
CA SER A 14 -10.24 -7.09 7.50
C SER A 14 -9.47 -5.95 6.81
N ASP A 15 -8.52 -5.32 7.50
CA ASP A 15 -7.69 -4.24 6.95
C ASP A 15 -6.46 -4.80 6.23
N CYS A 16 -5.62 -5.57 6.93
CA CYS A 16 -4.36 -6.11 6.44
C CYS A 16 -4.61 -7.15 5.32
N PRO A 17 -4.13 -6.93 4.09
CA PRO A 17 -4.25 -7.89 3.00
C PRO A 17 -3.33 -9.10 3.22
N GLN A 18 -3.60 -10.20 2.51
CA GLN A 18 -3.03 -11.52 2.79
C GLN A 18 -1.54 -11.65 2.39
N GLU A 19 -1.06 -10.70 1.59
CA GLU A 19 0.32 -10.51 1.14
C GLU A 19 1.23 -9.99 2.26
N ALA A 20 0.67 -9.14 3.14
CA ALA A 20 1.36 -8.42 4.20
C ALA A 20 1.32 -9.11 5.56
N ARG A 21 0.55 -10.21 5.69
CA ARG A 21 0.46 -11.00 6.92
C ARG A 21 1.76 -11.78 7.17
N LEU A 22 2.56 -11.31 8.14
CA LEU A 22 3.80 -11.93 8.59
C LEU A 22 3.56 -13.26 9.32
N SER A 23 4.65 -13.99 9.56
CA SER A 23 4.64 -15.28 10.26
C SER A 23 4.91 -15.14 11.78
N TYR A 24 5.40 -13.98 12.22
CA TYR A 24 5.54 -13.59 13.63
C TYR A 24 4.17 -13.49 14.32
N GLY A 25 4.17 -13.33 15.64
CA GLY A 25 2.97 -13.28 16.47
C GLY A 25 3.10 -12.36 17.69
N GLY A 26 2.02 -12.33 18.48
CA GLY A 26 1.85 -11.54 19.71
C GLY A 26 0.70 -10.53 19.64
N CYS A 27 0.15 -10.28 18.44
CA CYS A 27 -0.97 -9.36 18.20
C CYS A 27 -2.30 -9.88 18.76
N SER A 28 -3.35 -9.05 18.64
CA SER A 28 -4.71 -9.40 19.05
C SER A 28 -5.49 -10.04 17.89
N THR A 29 -4.98 -9.89 16.66
CA THR A 29 -5.58 -10.36 15.42
C THR A 29 -4.50 -10.97 14.52
N VAL A 30 -3.67 -10.13 13.90
CA VAL A 30 -2.63 -10.49 12.94
C VAL A 30 -1.64 -9.32 12.82
N CYS A 31 -0.43 -9.59 12.31
CA CYS A 31 0.56 -8.55 12.02
C CYS A 31 0.44 -8.05 10.58
N CYS A 32 1.03 -6.89 10.29
CA CYS A 32 1.06 -6.29 8.96
C CYS A 32 2.37 -5.52 8.77
N ASP A 33 3.17 -5.90 7.76
CA ASP A 33 4.44 -5.24 7.43
C ASP A 33 4.20 -3.84 6.84
N LEU A 34 4.21 -2.82 7.71
CA LEU A 34 3.90 -1.44 7.37
C LEU A 34 4.92 -0.82 6.39
N SER A 35 6.18 -1.28 6.43
CA SER A 35 7.27 -0.87 5.54
C SER A 35 7.13 -1.39 4.10
N LYS A 36 6.14 -2.27 3.84
CA LYS A 36 5.87 -2.87 2.54
C LYS A 36 4.43 -2.62 2.06
N LEU A 37 3.65 -1.89 2.86
CA LEU A 37 2.27 -1.49 2.59
C LEU A 37 2.25 -0.06 2.03
N THR A 38 2.83 0.88 2.78
CA THR A 38 2.86 2.33 2.52
C THR A 38 3.57 2.69 1.21
N GLY A 39 3.38 3.95 0.80
CA GLY A 39 4.02 4.58 -0.36
C GLY A 39 3.37 5.93 -0.64
N CYS A 40 2.49 5.97 -1.66
CA CYS A 40 1.79 7.18 -2.08
C CYS A 40 0.67 7.58 -1.12
N LYS A 41 -0.11 6.62 -0.61
CA LYS A 41 -1.27 6.86 0.25
C LYS A 41 -1.38 5.78 1.32
N GLY A 42 -1.80 4.56 0.94
CA GLY A 42 -2.08 3.45 1.83
C GLY A 42 -1.50 2.15 1.28
N LYS A 43 -2.08 1.68 0.17
CA LYS A 43 -1.61 0.52 -0.60
C LYS A 43 -0.30 0.75 -1.37
N GLY A 44 0.13 2.02 -1.49
CA GLY A 44 1.40 2.42 -2.08
C GLY A 44 1.30 2.96 -3.50
N GLY A 45 0.24 2.62 -4.24
CA GLY A 45 -0.05 3.09 -5.59
C GLY A 45 0.77 2.39 -6.68
N GLU A 46 0.44 2.70 -7.95
CA GLU A 46 0.99 2.05 -9.14
C GLU A 46 1.33 3.05 -10.27
N CYS A 47 2.03 2.54 -11.28
CA CYS A 47 2.64 3.27 -12.39
C CYS A 47 1.75 3.30 -13.65
N ASN A 48 0.42 3.34 -13.46
CA ASN A 48 -0.60 3.32 -14.51
C ASN A 48 -0.48 4.52 -15.47
N PRO A 49 -0.99 4.38 -16.71
CA PRO A 49 -0.81 5.35 -17.80
C PRO A 49 -1.48 6.69 -17.49
N LEU A 50 -1.03 7.74 -18.18
CA LEU A 50 -1.58 9.11 -18.09
C LEU A 50 -3.05 9.18 -18.53
N ASP A 51 -3.52 8.20 -19.32
CA ASP A 51 -4.91 8.03 -19.75
C ASP A 51 -5.86 7.72 -18.60
N ARG A 52 -5.34 7.12 -17.51
CA ARG A 52 -6.12 6.73 -16.34
C ARG A 52 -6.52 7.97 -15.52
N GLN A 53 -7.66 7.88 -14.82
CA GLN A 53 -8.23 8.96 -14.00
C GLN A 53 -8.65 8.39 -12.65
N CYS A 54 -7.82 8.65 -11.64
CA CYS A 54 -7.90 8.12 -10.28
C CYS A 54 -7.32 9.16 -9.34
N LYS A 55 -6.00 9.13 -9.11
CA LYS A 55 -5.22 10.12 -8.38
C LYS A 55 -3.82 10.23 -9.00
N GLU A 56 -3.09 11.28 -8.64
CA GLU A 56 -1.69 11.45 -8.98
C GLU A 56 -0.91 12.08 -7.80
N LEU A 57 0.43 11.96 -7.86
CA LEU A 57 1.35 12.40 -6.82
C LEU A 57 2.78 12.33 -7.40
N GLN A 58 3.37 13.51 -7.61
CA GLN A 58 4.65 13.70 -8.30
C GLN A 58 5.86 13.14 -7.52
N ALA A 59 5.73 12.91 -6.21
CA ALA A 59 6.83 12.43 -5.35
C ALA A 59 7.41 11.08 -5.77
N GLU A 60 6.61 10.22 -6.42
CA GLU A 60 7.01 8.89 -6.89
C GLU A 60 6.71 8.69 -8.37
N SER A 61 5.66 9.35 -8.89
CA SER A 61 5.24 9.21 -10.29
C SER A 61 6.21 9.84 -11.30
N ALA A 62 7.03 10.81 -10.86
CA ALA A 62 7.98 11.56 -11.70
C ALA A 62 9.10 10.71 -12.31
N SER A 63 9.20 9.43 -11.92
CA SER A 63 10.02 8.41 -12.56
C SER A 63 9.14 7.20 -12.92
N CYS A 64 8.23 7.40 -13.89
CA CYS A 64 7.42 6.35 -14.51
C CYS A 64 7.42 6.38 -16.05
N GLY A 65 7.60 7.55 -16.67
CA GLY A 65 7.59 7.75 -18.12
C GLY A 65 6.20 7.53 -18.70
N LYS A 66 5.91 6.29 -19.13
CA LYS A 66 4.65 5.83 -19.72
C LYS A 66 3.55 5.60 -18.67
N GLY A 67 3.44 6.52 -17.70
CA GLY A 67 2.41 6.50 -16.67
C GLY A 67 2.76 7.33 -15.46
N GLN A 68 2.99 8.64 -15.64
CA GLN A 68 3.32 9.57 -14.58
C GLN A 68 2.05 10.12 -13.91
N LYS A 69 1.53 9.27 -13.03
CA LYS A 69 0.50 9.53 -12.02
C LYS A 69 0.42 8.36 -11.05
N CYS A 70 0.67 8.63 -9.75
CA CYS A 70 0.55 7.61 -8.70
C CYS A 70 -0.93 7.29 -8.42
N CYS A 71 -1.48 6.33 -9.17
CA CYS A 71 -2.86 5.87 -9.13
C CYS A 71 -3.05 4.88 -7.98
N VAL A 72 -4.12 5.06 -7.17
CA VAL A 72 -4.49 4.12 -6.12
C VAL A 72 -6.01 4.20 -5.84
N TRP A 73 -6.56 3.17 -5.18
CA TRP A 73 -7.98 3.05 -4.81
C TRP A 73 -8.12 2.71 -3.31
N LEU A 74 -9.38 2.61 -2.84
CA LEU A 74 -9.75 2.24 -1.47
C LEU A 74 -9.49 0.74 -1.19
N HIS A 75 -9.87 0.28 0.01
CA HIS A 75 -9.67 -1.07 0.52
C HIS A 75 -10.19 -2.18 -0.40
N ASN A 1 7.90 -16.54 11.79
CA ASN A 1 7.17 -15.39 11.20
C ASN A 1 6.78 -15.66 9.75
N GLU A 2 5.70 -15.01 9.30
CA GLU A 2 5.18 -15.11 7.93
C GLU A 2 5.14 -13.73 7.28
N CYS A 3 4.54 -12.74 7.95
CA CYS A 3 4.35 -11.37 7.45
C CYS A 3 5.69 -10.68 7.19
N VAL A 4 6.71 -10.93 8.04
CA VAL A 4 8.09 -10.45 7.88
C VAL A 4 8.73 -11.08 6.64
N SER A 5 8.52 -12.40 6.42
CA SER A 5 9.07 -13.13 5.29
C SER A 5 8.55 -12.60 3.95
N LYS A 6 7.26 -12.22 3.88
CA LYS A 6 6.64 -11.63 2.70
C LYS A 6 7.13 -10.19 2.45
N GLY A 7 7.51 -9.45 3.51
CA GLY A 7 8.07 -8.10 3.44
C GLY A 7 7.18 -7.02 4.08
N PHE A 8 5.99 -7.37 4.57
CA PHE A 8 5.03 -6.49 5.24
C PHE A 8 5.51 -6.08 6.65
N GLY A 9 4.68 -5.28 7.35
CA GLY A 9 4.96 -4.76 8.68
C GLY A 9 3.84 -5.06 9.69
N CYS A 10 4.14 -4.75 10.96
CA CYS A 10 3.29 -5.02 12.12
C CYS A 10 2.80 -3.70 12.72
N LEU A 11 1.72 -3.16 12.13
CA LEU A 11 1.01 -1.98 12.61
C LEU A 11 -0.05 -2.42 13.65
N PRO A 12 -0.46 -1.52 14.56
CA PRO A 12 -1.59 -1.78 15.44
C PRO A 12 -2.92 -1.72 14.67
N GLN A 13 -3.98 -2.24 15.28
CA GLN A 13 -5.34 -2.25 14.73
C GLN A 13 -5.91 -0.83 14.57
N SER A 14 -5.42 0.14 15.37
CA SER A 14 -5.83 1.55 15.28
C SER A 14 -5.32 2.23 14.01
N ASP A 15 -4.11 1.88 13.54
CA ASP A 15 -3.51 2.42 12.32
C ASP A 15 -3.95 1.63 11.08
N CYS A 16 -3.77 0.30 11.09
CA CYS A 16 -4.10 -0.57 9.96
C CYS A 16 -5.61 -0.62 9.73
N PRO A 17 -6.11 -0.20 8.54
CA PRO A 17 -7.53 -0.29 8.20
C PRO A 17 -7.94 -1.75 8.02
N GLN A 18 -9.24 -2.03 8.14
CA GLN A 18 -9.79 -3.38 8.31
C GLN A 18 -9.76 -4.20 7.02
N GLU A 19 -9.56 -3.53 5.88
CA GLU A 19 -9.39 -4.08 4.55
C GLU A 19 -7.98 -4.65 4.34
N ALA A 20 -6.95 -3.94 4.86
CA ALA A 20 -5.54 -4.28 4.72
C ALA A 20 -5.05 -5.39 5.68
N ARG A 21 -5.92 -5.87 6.58
CA ARG A 21 -5.59 -6.91 7.56
C ARG A 21 -5.48 -8.28 6.88
N LEU A 22 -4.24 -8.77 6.77
CA LEU A 22 -3.87 -10.06 6.19
C LEU A 22 -4.33 -11.24 7.08
N SER A 23 -4.21 -12.46 6.52
CA SER A 23 -4.57 -13.72 7.17
C SER A 23 -3.35 -14.46 7.75
N TYR A 24 -2.12 -14.02 7.41
CA TYR A 24 -0.85 -14.46 8.00
C TYR A 24 -0.77 -14.06 9.48
N GLY A 25 0.30 -14.51 10.17
CA GLY A 25 0.53 -14.22 11.58
C GLY A 25 2.01 -14.09 11.95
N GLY A 26 2.24 -13.76 13.22
CA GLY A 26 3.56 -13.61 13.85
C GLY A 26 3.85 -12.19 14.34
N CYS A 27 3.04 -11.19 13.94
CA CYS A 27 3.13 -9.81 14.43
C CYS A 27 2.71 -9.69 15.91
N SER A 28 2.85 -8.48 16.45
CA SER A 28 2.53 -8.15 17.83
C SER A 28 1.06 -7.82 18.00
N THR A 29 0.40 -7.41 16.91
CA THR A 29 -0.94 -6.87 16.89
C THR A 29 -1.70 -7.38 15.67
N VAL A 30 -1.30 -6.98 14.45
CA VAL A 30 -1.90 -7.37 13.18
C VAL A 30 -0.91 -7.12 12.02
N CYS A 31 -0.95 -7.97 10.99
CA CYS A 31 -0.19 -7.81 9.75
C CYS A 31 -0.98 -6.95 8.76
N CYS A 32 -0.30 -5.94 8.19
CA CYS A 32 -0.90 -4.95 7.30
C CYS A 32 -0.14 -4.92 5.96
N ASP A 33 -0.86 -5.05 4.83
CA ASP A 33 -0.27 -5.15 3.50
C ASP A 33 0.23 -3.81 2.95
N LEU A 34 1.44 -3.40 3.38
CA LEU A 34 2.07 -2.11 3.06
C LEU A 34 2.34 -1.91 1.56
N SER A 35 2.52 -3.00 0.79
CA SER A 35 2.82 -2.97 -0.63
C SER A 35 1.65 -2.42 -1.47
N LYS A 36 0.43 -2.42 -0.92
CA LYS A 36 -0.80 -2.02 -1.58
C LYS A 36 -1.71 -1.14 -0.72
N LEU A 37 -1.21 -0.70 0.45
CA LEU A 37 -1.85 0.26 1.34
C LEU A 37 -1.88 1.65 0.69
N THR A 38 -0.74 2.06 0.11
CA THR A 38 -0.49 3.39 -0.41
C THR A 38 -0.33 3.39 -1.93
N GLY A 39 0.78 2.83 -2.43
CA GLY A 39 1.15 2.89 -3.84
C GLY A 39 2.18 1.83 -4.24
N CYS A 40 2.79 2.01 -5.41
CA CYS A 40 3.75 1.11 -6.05
C CYS A 40 4.82 0.64 -5.05
N LYS A 41 5.54 1.57 -4.42
CA LYS A 41 6.46 1.37 -3.30
C LYS A 41 7.63 0.40 -3.58
N GLY A 42 7.91 0.07 -4.86
CA GLY A 42 8.94 -0.86 -5.29
C GLY A 42 10.36 -0.35 -5.02
N LYS A 43 10.75 0.74 -5.70
CA LYS A 43 12.10 1.31 -5.66
C LYS A 43 12.13 2.80 -5.29
N GLY A 44 11.05 3.55 -5.52
CA GLY A 44 11.01 5.00 -5.31
C GLY A 44 10.30 5.78 -6.41
N GLY A 45 9.46 5.13 -7.22
CA GLY A 45 8.71 5.71 -8.32
C GLY A 45 7.58 6.65 -7.88
N GLU A 46 6.64 6.89 -8.80
CA GLU A 46 5.57 7.87 -8.67
C GLU A 46 4.25 7.30 -9.23
N CYS A 47 3.14 7.60 -8.53
CA CYS A 47 1.80 7.43 -9.06
C CYS A 47 1.34 8.71 -9.78
N ASN A 48 0.99 8.59 -11.07
CA ASN A 48 0.41 9.63 -11.93
C ASN A 48 -0.73 9.05 -12.77
N PRO A 49 -1.69 9.88 -13.22
CA PRO A 49 -2.99 9.45 -13.76
C PRO A 49 -2.88 8.64 -15.06
N LEU A 50 -3.99 7.96 -15.42
CA LEU A 50 -4.11 7.13 -16.63
C LEU A 50 -3.91 7.91 -17.94
N ASP A 51 -3.96 9.25 -17.90
CA ASP A 51 -3.74 10.14 -19.04
C ASP A 51 -2.27 10.55 -19.24
N ARG A 52 -1.37 10.18 -18.31
CA ARG A 52 0.01 10.67 -18.27
C ARG A 52 0.89 10.19 -19.45
N GLN A 53 0.53 9.08 -20.12
CA GLN A 53 1.25 8.48 -21.26
C GLN A 53 2.62 7.89 -20.90
N CYS A 54 3.03 7.94 -19.62
CA CYS A 54 4.32 7.50 -19.11
C CYS A 54 4.56 5.99 -19.30
N LYS A 55 4.12 5.17 -18.33
CA LYS A 55 4.16 3.72 -18.34
C LYS A 55 3.04 3.17 -17.44
N GLU A 56 2.67 1.90 -17.63
CA GLU A 56 1.70 1.15 -16.85
C GLU A 56 2.32 -0.18 -16.38
N LEU A 57 2.00 -0.57 -15.15
CA LEU A 57 2.41 -1.80 -14.49
C LEU A 57 1.22 -2.36 -13.70
N GLN A 58 0.55 -3.42 -14.16
CA GLN A 58 -0.51 -4.06 -13.37
C GLN A 58 0.00 -4.67 -12.05
N ALA A 59 1.30 -4.97 -11.93
CA ALA A 59 1.94 -5.48 -10.73
C ALA A 59 2.15 -4.43 -9.63
N GLU A 60 2.07 -3.12 -9.96
CA GLU A 60 2.46 -2.02 -9.07
C GLU A 60 1.36 -0.95 -8.98
N SER A 61 0.78 -0.57 -10.12
CA SER A 61 -0.18 0.53 -10.26
C SER A 61 -1.49 0.28 -9.54
N ALA A 62 -1.89 -1.00 -9.41
CA ALA A 62 -3.11 -1.43 -8.75
C ALA A 62 -3.13 -1.10 -7.25
N SER A 63 -1.97 -0.76 -6.64
CA SER A 63 -1.83 -0.30 -5.27
C SER A 63 -2.46 1.09 -5.07
N CYS A 64 -2.11 2.06 -5.92
CA CYS A 64 -2.77 3.36 -6.01
C CYS A 64 -4.19 3.22 -6.59
N GLY A 65 -4.44 2.19 -7.41
CA GLY A 65 -5.76 1.80 -7.91
C GLY A 65 -5.91 2.01 -9.42
N LYS A 66 -7.11 1.67 -9.91
CA LYS A 66 -7.58 1.75 -11.30
C LYS A 66 -7.92 3.18 -11.74
N GLY A 67 -7.02 4.13 -11.41
CA GLY A 67 -7.07 5.54 -11.77
C GLY A 67 -5.68 6.12 -12.05
N GLN A 68 -4.59 5.34 -11.90
CA GLN A 68 -3.23 5.74 -12.21
C GLN A 68 -2.47 4.64 -12.98
N LYS A 69 -1.27 4.98 -13.47
CA LYS A 69 -0.31 4.12 -14.17
C LYS A 69 1.14 4.51 -13.80
N CYS A 70 1.86 3.53 -13.24
CA CYS A 70 3.14 3.73 -12.53
C CYS A 70 4.31 3.83 -13.51
N CYS A 71 5.09 4.93 -13.39
CA CYS A 71 6.25 5.24 -14.23
C CYS A 71 7.49 4.36 -13.96
N VAL A 72 7.52 3.60 -12.87
CA VAL A 72 8.69 2.82 -12.43
C VAL A 72 8.95 1.61 -13.34
N TRP A 73 10.09 0.92 -13.14
CA TRP A 73 10.52 -0.27 -13.86
C TRP A 73 10.77 -1.45 -12.91
N LEU A 74 11.14 -2.61 -13.47
CA LEU A 74 11.44 -3.86 -12.77
C LEU A 74 12.84 -4.37 -13.17
N HIS A 75 13.40 -5.23 -12.31
CA HIS A 75 14.77 -5.76 -12.30
C HIS A 75 15.86 -4.71 -12.57
N ASN A 1 5.48 -12.14 16.75
CA ASN A 1 4.44 -11.26 16.19
C ASN A 1 3.83 -11.90 14.96
N GLU A 2 2.54 -12.26 15.03
CA GLU A 2 1.84 -13.00 13.98
C GLU A 2 1.73 -12.21 12.67
N CYS A 3 1.47 -10.90 12.77
CA CYS A 3 1.35 -9.99 11.63
C CYS A 3 2.67 -9.88 10.85
N VAL A 4 3.82 -9.95 11.55
CA VAL A 4 5.17 -9.97 10.98
C VAL A 4 5.49 -11.35 10.39
N SER A 5 5.14 -12.43 11.10
CA SER A 5 5.41 -13.82 10.74
C SER A 5 4.79 -14.19 9.38
N LYS A 6 3.52 -13.80 9.17
CA LYS A 6 2.79 -14.00 7.93
C LYS A 6 3.32 -13.15 6.76
N GLY A 7 4.17 -12.15 7.04
CA GLY A 7 4.89 -11.34 6.04
C GLY A 7 4.21 -9.99 5.74
N PHE A 8 3.15 -9.64 6.48
CA PHE A 8 2.41 -8.39 6.32
C PHE A 8 3.11 -7.21 7.02
N GLY A 9 2.52 -6.01 6.86
CA GLY A 9 3.07 -4.75 7.34
C GLY A 9 2.22 -4.14 8.46
N CYS A 10 2.69 -3.01 8.99
CA CYS A 10 2.02 -2.23 10.03
C CYS A 10 1.98 -0.74 9.64
N LEU A 11 1.12 -0.43 8.65
CA LEU A 11 0.84 0.93 8.21
C LEU A 11 -0.07 1.64 9.24
N PRO A 12 -0.11 2.99 9.25
CA PRO A 12 -1.06 3.73 10.08
C PRO A 12 -2.48 3.56 9.56
N GLN A 13 -3.47 3.84 10.42
CA GLN A 13 -4.89 3.81 10.08
C GLN A 13 -5.25 4.88 9.03
N SER A 14 -4.43 5.93 8.88
CA SER A 14 -4.58 6.98 7.88
C SER A 14 -4.26 6.53 6.44
N ASP A 15 -3.55 5.40 6.26
CA ASP A 15 -3.13 4.88 4.96
C ASP A 15 -3.75 3.51 4.68
N CYS A 16 -3.72 2.59 5.67
CA CYS A 16 -4.31 1.27 5.56
C CYS A 16 -5.85 1.38 5.47
N PRO A 17 -6.49 0.91 4.37
CA PRO A 17 -7.94 0.88 4.23
C PRO A 17 -8.54 -0.20 5.15
N GLN A 18 -9.84 -0.10 5.42
CA GLN A 18 -10.52 -0.85 6.49
C GLN A 18 -10.77 -2.33 6.13
N GLU A 19 -10.62 -2.66 4.85
CA GLU A 19 -10.62 -3.99 4.27
C GLU A 19 -9.34 -4.76 4.60
N ALA A 20 -8.19 -4.10 4.51
CA ALA A 20 -6.86 -4.68 4.70
C ALA A 20 -6.48 -4.90 6.17
N ARG A 21 -7.27 -4.37 7.12
CA ARG A 21 -7.01 -4.43 8.56
C ARG A 21 -7.23 -5.84 9.10
N LEU A 22 -6.13 -6.56 9.34
CA LEU A 22 -6.12 -7.94 9.81
C LEU A 22 -6.44 -8.04 11.30
N SER A 23 -6.71 -9.26 11.76
CA SER A 23 -7.04 -9.61 13.14
C SER A 23 -5.79 -9.90 13.99
N TYR A 24 -4.61 -10.05 13.37
CA TYR A 24 -3.35 -10.31 14.05
C TYR A 24 -2.86 -9.09 14.85
N GLY A 25 -1.81 -9.31 15.65
CA GLY A 25 -1.16 -8.30 16.48
C GLY A 25 0.35 -8.22 16.26
N GLY A 26 0.98 -7.29 16.97
CA GLY A 26 2.42 -7.01 16.94
C GLY A 26 2.77 -5.65 16.33
N CYS A 27 1.79 -4.95 15.74
CA CYS A 27 1.95 -3.61 15.19
C CYS A 27 1.95 -2.54 16.27
N SER A 28 2.18 -1.28 15.85
CA SER A 28 2.16 -0.08 16.68
C SER A 28 1.01 0.86 16.29
N THR A 29 0.27 0.54 15.23
CA THR A 29 -0.89 1.30 14.73
C THR A 29 -2.01 0.32 14.33
N VAL A 30 -1.84 -0.42 13.22
CA VAL A 30 -2.76 -1.44 12.72
C VAL A 30 -2.03 -2.32 11.68
N CYS A 31 -2.45 -3.58 11.52
CA CYS A 31 -1.99 -4.47 10.46
C CYS A 31 -2.51 -4.04 9.08
N CYS A 32 -1.81 -4.46 8.02
CA CYS A 32 -2.21 -4.24 6.63
C CYS A 32 -1.62 -5.34 5.73
N ASP A 33 -2.47 -6.13 5.07
CA ASP A 33 -2.06 -7.21 4.18
C ASP A 33 -1.45 -6.69 2.85
N LEU A 34 -0.13 -6.49 2.84
CA LEU A 34 0.60 -5.88 1.73
C LEU A 34 0.47 -6.66 0.42
N SER A 35 0.45 -8.00 0.49
CA SER A 35 0.33 -8.89 -0.66
C SER A 35 -1.09 -8.94 -1.26
N LYS A 36 -2.08 -8.27 -0.63
CA LYS A 36 -3.48 -8.22 -1.07
C LYS A 36 -4.03 -6.79 -1.13
N LEU A 37 -3.17 -5.79 -0.90
CA LEU A 37 -3.51 -4.39 -0.70
C LEU A 37 -4.02 -3.74 -1.98
N THR A 38 -3.28 -3.94 -3.09
CA THR A 38 -3.46 -3.39 -4.43
C THR A 38 -4.16 -2.02 -4.45
N GLY A 39 -3.36 -0.97 -4.21
CA GLY A 39 -3.78 0.43 -4.22
C GLY A 39 -2.59 1.38 -4.35
N CYS A 40 -2.89 2.64 -4.70
CA CYS A 40 -1.87 3.63 -5.05
C CYS A 40 -1.06 4.09 -3.85
N LYS A 41 -1.72 4.32 -2.70
CA LYS A 41 -1.09 4.66 -1.42
C LYS A 41 -0.26 3.51 -0.83
N GLY A 42 -0.44 2.27 -1.34
CA GLY A 42 0.32 1.08 -0.95
C GLY A 42 1.83 1.18 -1.24
N LYS A 43 2.21 2.09 -2.15
CA LYS A 43 3.58 2.45 -2.51
C LYS A 43 3.84 3.95 -2.35
N GLY A 44 2.77 4.76 -2.38
CA GLY A 44 2.84 6.22 -2.32
C GLY A 44 3.17 6.77 -3.70
N GLY A 45 2.21 6.65 -4.63
CA GLY A 45 2.38 7.02 -6.03
C GLY A 45 2.49 8.54 -6.25
N GLU A 46 2.95 8.90 -7.45
CA GLU A 46 3.15 10.29 -7.88
C GLU A 46 1.86 10.89 -8.46
N CYS A 47 1.85 12.22 -8.64
CA CYS A 47 0.77 12.94 -9.27
C CYS A 47 1.22 13.51 -10.62
N ASN A 48 0.70 12.90 -11.69
CA ASN A 48 0.93 13.24 -13.09
C ASN A 48 -0.44 13.36 -13.79
N PRO A 49 -0.50 14.07 -14.95
CA PRO A 49 -1.76 14.39 -15.61
C PRO A 49 -2.45 13.16 -16.22
N LEU A 50 -3.70 13.38 -16.67
CA LEU A 50 -4.47 12.45 -17.49
C LEU A 50 -3.71 12.01 -18.76
N ASP A 51 -2.94 12.94 -19.35
CA ASP A 51 -2.21 12.76 -20.61
C ASP A 51 -0.88 11.99 -20.44
N ARG A 52 -0.58 11.48 -19.23
CA ARG A 52 0.62 10.68 -18.93
C ARG A 52 0.65 9.32 -19.67
N GLN A 53 -0.46 8.88 -20.27
CA GLN A 53 -0.60 7.67 -21.09
C GLN A 53 -0.58 6.37 -20.25
N CYS A 54 -0.47 6.49 -18.92
CA CYS A 54 -0.68 5.42 -17.94
C CYS A 54 -2.11 4.87 -18.01
N LYS A 55 -2.33 3.70 -17.37
CA LYS A 55 -3.58 2.95 -17.48
C LYS A 55 -3.98 2.38 -16.12
N GLU A 56 -4.80 3.14 -15.37
CA GLU A 56 -5.39 2.74 -14.09
C GLU A 56 -6.69 3.53 -13.84
N LEU A 57 -7.26 3.36 -12.65
CA LEU A 57 -8.44 4.08 -12.17
C LEU A 57 -8.26 5.60 -12.20
N GLN A 58 -9.39 6.30 -12.33
CA GLN A 58 -9.45 7.74 -12.57
C GLN A 58 -10.45 8.45 -11.63
N ALA A 59 -11.07 7.70 -10.71
CA ALA A 59 -12.03 8.19 -9.73
C ALA A 59 -11.31 8.85 -8.53
N GLU A 60 -10.79 8.02 -7.60
CA GLU A 60 -10.16 8.45 -6.35
C GLU A 60 -8.83 9.18 -6.58
N SER A 61 -8.11 8.77 -7.62
CA SER A 61 -6.82 9.34 -8.03
C SER A 61 -6.97 10.82 -8.45
N ALA A 62 -8.12 11.24 -9.01
CA ALA A 62 -8.31 12.57 -9.59
C ALA A 62 -8.26 13.73 -8.59
N SER A 63 -8.25 13.43 -7.28
CA SER A 63 -8.15 14.39 -6.19
C SER A 63 -6.89 15.26 -6.23
N CYS A 64 -5.86 14.89 -7.00
CA CYS A 64 -4.59 15.60 -7.07
C CYS A 64 -4.60 16.87 -7.96
N GLY A 65 -5.60 17.00 -8.86
CA GLY A 65 -5.83 18.22 -9.63
C GLY A 65 -6.21 17.93 -11.08
N LYS A 66 -5.19 17.66 -11.93
CA LYS A 66 -5.29 17.49 -13.38
C LYS A 66 -5.80 16.09 -13.77
N GLY A 67 -7.02 15.77 -13.30
CA GLY A 67 -7.77 14.52 -13.43
C GLY A 67 -6.98 13.25 -13.08
N GLN A 68 -5.93 13.41 -12.26
CA GLN A 68 -4.82 12.48 -12.01
C GLN A 68 -5.29 11.03 -11.91
N LYS A 69 -4.42 10.13 -12.38
CA LYS A 69 -4.67 8.71 -12.44
C LYS A 69 -3.44 7.95 -11.96
N CYS A 70 -3.67 6.97 -11.09
CA CYS A 70 -2.63 6.14 -10.49
C CYS A 70 -1.70 5.56 -11.56
N CYS A 71 -0.39 5.70 -11.33
CA CYS A 71 0.66 5.39 -12.29
C CYS A 71 1.85 4.68 -11.62
N VAL A 72 1.60 4.06 -10.45
CA VAL A 72 2.55 3.18 -9.75
C VAL A 72 2.87 1.97 -10.64
N TRP A 73 4.14 1.54 -10.65
CA TRP A 73 4.65 0.37 -11.34
C TRP A 73 5.37 -0.55 -10.36
N LEU A 74 5.81 -1.71 -10.87
CA LEU A 74 6.62 -2.66 -10.10
C LEU A 74 8.09 -2.19 -10.03
N HIS A 75 8.85 -2.77 -9.08
CA HIS A 75 10.29 -2.53 -8.93
C HIS A 75 11.07 -3.20 -10.07
N ASN A 1 6.86 -15.59 9.49
CA ASN A 1 6.19 -14.29 9.27
C ASN A 1 5.00 -14.45 8.31
N GLU A 2 3.86 -14.84 8.89
CA GLU A 2 2.66 -15.22 8.14
C GLU A 2 2.06 -14.07 7.32
N CYS A 3 2.00 -12.84 7.89
CA CYS A 3 1.52 -11.65 7.20
C CYS A 3 2.35 -11.37 5.93
N VAL A 4 3.67 -11.34 6.09
CA VAL A 4 4.66 -11.02 5.05
C VAL A 4 4.66 -12.08 3.96
N SER A 5 4.48 -13.36 4.32
CA SER A 5 4.46 -14.49 3.40
C SER A 5 3.29 -14.43 2.41
N LYS A 6 2.12 -13.93 2.87
CA LYS A 6 0.95 -13.69 2.02
C LYS A 6 1.10 -12.41 1.20
N GLY A 7 2.02 -11.51 1.60
CA GLY A 7 2.35 -10.25 0.93
C GLY A 7 1.85 -9.01 1.69
N PHE A 8 1.07 -9.20 2.75
CA PHE A 8 0.52 -8.18 3.62
C PHE A 8 1.61 -7.52 4.49
N GLY A 9 1.20 -6.48 5.24
CA GLY A 9 2.07 -5.67 6.08
C GLY A 9 1.54 -5.54 7.51
N CYS A 10 2.27 -4.73 8.30
CA CYS A 10 2.05 -4.55 9.74
C CYS A 10 1.89 -3.06 10.07
N LEU A 11 0.90 -2.41 9.45
CA LEU A 11 0.52 -1.02 9.69
C LEU A 11 -0.04 -0.86 11.12
N PRO A 12 -0.01 0.34 11.73
CA PRO A 12 -0.53 0.57 13.07
C PRO A 12 -2.07 0.50 13.07
N GLN A 13 -2.65 0.34 14.26
CA GLN A 13 -4.11 0.39 14.45
C GLN A 13 -4.69 1.78 14.17
N SER A 14 -3.84 2.83 14.13
CA SER A 14 -4.18 4.19 13.74
C SER A 14 -4.43 4.34 12.23
N ASP A 15 -3.79 3.52 11.38
CA ASP A 15 -3.85 3.60 9.92
C ASP A 15 -4.68 2.46 9.34
N CYS A 16 -4.43 1.22 9.78
CA CYS A 16 -5.21 0.04 9.47
C CYS A 16 -6.62 0.17 10.09
N PRO A 17 -7.71 0.14 9.29
CA PRO A 17 -9.08 0.15 9.80
C PRO A 17 -9.41 -1.20 10.48
N GLN A 18 -10.56 -1.28 11.17
CA GLN A 18 -10.94 -2.41 12.02
C GLN A 18 -11.44 -3.63 11.22
N GLU A 19 -11.70 -3.46 9.93
CA GLU A 19 -12.17 -4.46 8.97
C GLU A 19 -11.01 -5.27 8.38
N ALA A 20 -9.88 -4.61 8.11
CA ALA A 20 -8.69 -5.15 7.48
C ALA A 20 -7.80 -5.97 8.42
N ARG A 21 -8.17 -6.06 9.71
CA ARG A 21 -7.39 -6.72 10.76
C ARG A 21 -7.49 -8.25 10.65
N LEU A 22 -6.47 -8.85 10.01
CA LEU A 22 -6.35 -10.30 9.76
C LEU A 22 -6.11 -11.07 11.06
N SER A 23 -6.22 -12.39 10.98
CA SER A 23 -6.07 -13.32 12.10
C SER A 23 -4.61 -13.71 12.37
N TYR A 24 -3.70 -13.46 11.42
CA TYR A 24 -2.28 -13.75 11.49
C TYR A 24 -1.57 -12.91 12.57
N GLY A 25 -0.33 -13.31 12.88
CA GLY A 25 0.52 -12.66 13.87
C GLY A 25 1.98 -12.58 13.42
N GLY A 26 2.81 -11.96 14.27
CA GLY A 26 4.23 -11.70 14.05
C GLY A 26 4.55 -10.22 13.85
N CYS A 27 3.52 -9.38 13.66
CA CYS A 27 3.63 -7.92 13.57
C CYS A 27 4.07 -7.27 14.89
N SER A 28 4.26 -5.95 14.85
CA SER A 28 4.57 -5.11 16.00
C SER A 28 3.33 -4.35 16.51
N THR A 29 2.25 -4.35 15.70
CA THR A 29 1.03 -3.58 15.93
C THR A 29 -0.18 -4.43 15.55
N VAL A 30 -0.43 -4.64 14.25
CA VAL A 30 -1.58 -5.40 13.72
C VAL A 30 -1.31 -5.76 12.25
N CYS A 31 -1.75 -6.95 11.82
CA CYS A 31 -1.72 -7.39 10.42
C CYS A 31 -2.82 -6.67 9.63
N CYS A 32 -2.52 -6.23 8.39
CA CYS A 32 -3.45 -5.46 7.56
C CYS A 32 -3.41 -5.95 6.11
N ASP A 33 -4.57 -6.31 5.54
CA ASP A 33 -4.69 -6.81 4.16
C ASP A 33 -4.52 -5.69 3.12
N LEU A 34 -3.26 -5.35 2.81
CA LEU A 34 -2.90 -4.27 1.89
C LEU A 34 -3.38 -4.50 0.44
N SER A 35 -3.44 -5.77 0.02
CA SER A 35 -3.92 -6.18 -1.30
C SER A 35 -5.44 -6.02 -1.47
N LYS A 36 -6.17 -5.78 -0.37
CA LYS A 36 -7.62 -5.63 -0.31
C LYS A 36 -8.07 -4.31 0.34
N LEU A 37 -7.11 -3.44 0.68
CA LEU A 37 -7.31 -2.12 1.26
C LEU A 37 -7.63 -1.11 0.15
N THR A 38 -6.85 -1.16 -0.94
CA THR A 38 -6.92 -0.26 -2.09
C THR A 38 -6.70 -1.02 -3.40
N GLY A 39 -5.66 -1.86 -3.47
CA GLY A 39 -5.28 -2.66 -4.63
C GLY A 39 -3.92 -2.23 -5.23
N CYS A 40 -3.57 -0.94 -5.14
CA CYS A 40 -2.27 -0.42 -5.58
C CYS A 40 -1.15 -0.74 -4.60
N LYS A 41 -1.54 -1.00 -3.34
CA LYS A 41 -0.74 -1.69 -2.33
C LYS A 41 0.53 -0.92 -1.92
N GLY A 42 0.53 0.41 -2.11
CA GLY A 42 1.61 1.31 -1.73
C GLY A 42 1.06 2.69 -1.39
N LYS A 43 1.17 3.10 -0.13
CA LYS A 43 0.82 4.39 0.45
C LYS A 43 -0.66 4.76 0.35
N GLY A 44 -1.48 3.78 -0.04
CA GLY A 44 -2.90 3.90 -0.33
C GLY A 44 -3.17 4.20 -1.82
N GLY A 45 -2.14 4.56 -2.60
CA GLY A 45 -2.17 4.76 -4.04
C GLY A 45 -2.89 6.07 -4.45
N GLU A 46 -2.12 7.05 -4.92
CA GLU A 46 -2.63 8.26 -5.59
C GLU A 46 -3.09 7.94 -7.03
N CYS A 47 -3.60 8.96 -7.74
CA CYS A 47 -4.15 8.82 -9.09
C CYS A 47 -3.69 10.00 -9.99
N ASN A 48 -2.36 10.15 -10.12
CA ASN A 48 -1.69 11.19 -10.92
C ASN A 48 -1.94 11.00 -12.42
N PRO A 49 -1.77 12.07 -13.24
CA PRO A 49 -2.05 12.04 -14.67
C PRO A 49 -1.10 11.12 -15.46
N LEU A 50 -1.48 10.79 -16.70
CA LEU A 50 -0.63 10.05 -17.65
C LEU A 50 0.58 10.86 -18.10
N ASP A 51 0.57 12.18 -17.90
CA ASP A 51 1.71 13.08 -18.13
C ASP A 51 2.89 12.81 -17.19
N ARG A 52 2.62 12.24 -15.99
CA ARG A 52 3.64 12.01 -14.95
C ARG A 52 4.63 10.92 -15.39
N GLN A 53 5.88 11.03 -14.93
CA GLN A 53 6.97 10.11 -15.28
C GLN A 53 7.05 8.90 -14.33
N CYS A 54 6.06 8.72 -13.44
CA CYS A 54 5.93 7.58 -12.55
C CYS A 54 5.82 6.25 -13.31
N LYS A 55 5.92 5.16 -12.55
CA LYS A 55 6.04 3.78 -13.01
C LYS A 55 5.33 2.89 -12.00
N GLU A 56 4.24 2.24 -12.44
CA GLU A 56 3.32 1.53 -11.56
C GLU A 56 2.59 0.39 -12.27
N LEU A 57 1.79 -0.36 -11.50
CA LEU A 57 0.92 -1.43 -11.96
C LEU A 57 -0.10 -0.96 -13.00
N GLN A 58 -0.32 -1.81 -14.01
CA GLN A 58 -1.32 -1.67 -15.07
C GLN A 58 -2.77 -1.97 -14.61
N ALA A 59 -2.97 -2.50 -13.40
CA ALA A 59 -4.29 -2.83 -12.86
C ALA A 59 -5.06 -1.55 -12.46
N GLU A 60 -4.64 -0.89 -11.37
CA GLU A 60 -5.26 0.32 -10.83
C GLU A 60 -5.13 1.52 -11.76
N SER A 61 -4.07 1.56 -12.58
CA SER A 61 -3.85 2.63 -13.56
C SER A 61 -4.92 2.64 -14.66
N ALA A 62 -5.29 1.45 -15.17
CA ALA A 62 -6.36 1.28 -16.13
C ALA A 62 -7.75 1.54 -15.51
N SER A 63 -7.86 1.47 -14.17
CA SER A 63 -9.06 1.78 -13.40
C SER A 63 -9.12 3.27 -12.96
N CYS A 64 -8.00 4.00 -12.99
CA CYS A 64 -7.92 5.43 -12.68
C CYS A 64 -8.64 6.25 -13.76
N GLY A 65 -8.43 5.94 -15.05
CA GLY A 65 -9.18 6.49 -16.17
C GLY A 65 -8.31 6.77 -17.40
N LYS A 66 -8.96 7.19 -18.51
CA LYS A 66 -8.32 7.65 -19.73
C LYS A 66 -7.86 9.11 -19.54
N GLY A 67 -6.79 9.28 -18.77
CA GLY A 67 -6.19 10.56 -18.42
C GLY A 67 -5.26 10.49 -17.21
N GLN A 68 -5.37 9.44 -16.38
CA GLN A 68 -4.63 9.24 -15.15
C GLN A 68 -4.32 7.77 -14.88
N LYS A 69 -3.53 7.53 -13.82
CA LYS A 69 -2.95 6.24 -13.46
C LYS A 69 -2.60 6.18 -11.97
N CYS A 70 -2.39 4.96 -11.41
CA CYS A 70 -1.83 4.82 -10.06
C CYS A 70 -0.35 5.26 -10.06
N CYS A 71 0.12 5.72 -8.89
CA CYS A 71 1.52 6.00 -8.60
C CYS A 71 1.79 5.83 -7.09
N VAL A 72 3.06 5.63 -6.73
CA VAL A 72 3.59 5.54 -5.36
C VAL A 72 5.01 6.16 -5.37
N TRP A 73 5.53 6.56 -4.20
CA TRP A 73 6.86 7.15 -3.99
C TRP A 73 7.12 8.45 -4.77
N LEU A 74 6.04 9.10 -5.22
CA LEU A 74 6.03 10.31 -6.03
C LEU A 74 6.67 11.48 -5.28
N HIS A 75 7.75 12.01 -5.84
CA HIS A 75 8.53 13.09 -5.26
C HIS A 75 9.46 13.70 -6.32
N ASN A 1 11.70 -2.20 17.28
CA ASN A 1 10.36 -2.63 16.82
C ASN A 1 10.49 -3.37 15.51
N GLU A 2 10.49 -4.70 15.56
CA GLU A 2 10.70 -5.55 14.38
C GLU A 2 9.53 -5.42 13.39
N CYS A 3 8.30 -5.31 13.92
CA CYS A 3 7.07 -5.24 13.16
C CYS A 3 6.99 -3.96 12.31
N VAL A 4 7.41 -2.81 12.86
CA VAL A 4 7.45 -1.53 12.13
C VAL A 4 8.65 -1.48 11.19
N SER A 5 9.81 -1.98 11.62
CA SER A 5 11.05 -2.00 10.85
C SER A 5 10.94 -2.82 9.55
N LYS A 6 10.19 -3.94 9.60
CA LYS A 6 9.91 -4.78 8.44
C LYS A 6 8.85 -4.18 7.49
N GLY A 7 8.22 -3.06 7.87
CA GLY A 7 7.32 -2.29 7.00
C GLY A 7 5.84 -2.69 7.12
N PHE A 8 5.43 -3.24 8.27
CA PHE A 8 4.07 -3.72 8.52
C PHE A 8 3.35 -2.84 9.55
N GLY A 9 2.06 -3.13 9.76
CA GLY A 9 1.13 -2.33 10.55
C GLY A 9 0.57 -3.08 11.75
N CYS A 10 -0.25 -2.36 12.54
CA CYS A 10 -0.91 -2.84 13.75
C CYS A 10 -2.42 -2.68 13.63
N LEU A 11 -3.02 -3.50 12.74
CA LEU A 11 -4.47 -3.65 12.60
C LEU A 11 -5.02 -4.43 13.81
N PRO A 12 -6.31 -4.27 14.16
CA PRO A 12 -6.96 -5.07 15.20
C PRO A 12 -7.19 -6.51 14.69
N GLN A 13 -7.43 -7.45 15.61
CA GLN A 13 -7.76 -8.84 15.28
C GLN A 13 -9.11 -8.95 14.54
N SER A 14 -10.02 -7.97 14.73
CA SER A 14 -11.29 -7.89 14.04
C SER A 14 -11.13 -7.72 12.52
N ASP A 15 -10.14 -6.92 12.09
CA ASP A 15 -9.91 -6.58 10.69
C ASP A 15 -8.81 -7.48 10.07
N CYS A 16 -7.67 -7.64 10.76
CA CYS A 16 -6.52 -8.41 10.30
C CYS A 16 -6.89 -9.89 10.11
N PRO A 17 -6.80 -10.45 8.90
CA PRO A 17 -7.07 -11.87 8.65
C PRO A 17 -5.96 -12.73 9.27
N GLN A 18 -6.29 -14.01 9.52
CA GLN A 18 -5.48 -14.92 10.35
C GLN A 18 -4.25 -15.46 9.60
N GLU A 19 -4.18 -15.23 8.28
CA GLU A 19 -3.08 -15.52 7.39
C GLU A 19 -1.96 -14.47 7.49
N ALA A 20 -2.33 -13.19 7.67
CA ALA A 20 -1.42 -12.05 7.76
C ALA A 20 -0.77 -11.88 9.14
N ARG A 21 -1.16 -12.68 10.14
CA ARG A 21 -0.66 -12.56 11.53
C ARG A 21 0.77 -13.10 11.65
N LEU A 22 1.74 -12.17 11.68
CA LEU A 22 3.17 -12.41 11.78
C LEU A 22 3.60 -12.92 13.16
N SER A 23 4.89 -13.25 13.31
CA SER A 23 5.50 -13.70 14.57
C SER A 23 6.26 -12.59 15.31
N TYR A 24 6.42 -11.40 14.72
CA TYR A 24 7.06 -10.25 15.34
C TYR A 24 6.16 -9.62 16.42
N GLY A 25 6.73 -8.64 17.16
CA GLY A 25 6.03 -7.81 18.12
C GLY A 25 6.37 -6.33 17.96
N GLY A 26 5.63 -5.48 18.68
CA GLY A 26 5.73 -4.04 18.65
C GLY A 26 4.39 -3.32 18.37
N CYS A 27 3.26 -4.05 18.45
CA CYS A 27 1.90 -3.52 18.26
C CYS A 27 1.13 -3.47 19.57
N SER A 28 -0.10 -2.93 19.50
CA SER A 28 -1.01 -2.78 20.64
C SER A 28 -2.22 -3.72 20.52
N THR A 29 -2.33 -4.46 19.41
CA THR A 29 -3.37 -5.46 19.15
C THR A 29 -2.73 -6.70 18.51
N VAL A 30 -2.30 -6.62 17.24
CA VAL A 30 -1.68 -7.71 16.50
C VAL A 30 -0.88 -7.16 15.31
N CYS A 31 0.27 -7.78 15.00
CA CYS A 31 1.07 -7.51 13.80
C CYS A 31 0.39 -8.08 12.57
N CYS A 32 0.24 -7.26 11.53
CA CYS A 32 -0.50 -7.59 10.30
C CYS A 32 0.33 -7.24 9.06
N ASP A 33 0.73 -8.27 8.31
CA ASP A 33 1.50 -8.21 7.08
C ASP A 33 0.71 -7.50 5.98
N LEU A 34 1.15 -6.28 5.64
CA LEU A 34 0.52 -5.40 4.65
C LEU A 34 0.95 -5.73 3.20
N SER A 35 2.08 -6.43 3.00
CA SER A 35 2.62 -6.72 1.66
C SER A 35 1.90 -7.88 0.94
N LYS A 36 1.06 -8.64 1.67
CA LYS A 36 0.16 -9.67 1.14
C LYS A 36 -1.32 -9.26 1.22
N LEU A 37 -1.58 -8.01 1.65
CA LEU A 37 -2.90 -7.44 1.89
C LEU A 37 -3.26 -6.42 0.81
N THR A 38 -2.28 -5.58 0.42
CA THR A 38 -2.42 -4.54 -0.59
C THR A 38 -1.06 -4.24 -1.27
N GLY A 39 -1.07 -3.37 -2.29
CA GLY A 39 0.10 -2.77 -2.92
C GLY A 39 0.48 -3.41 -4.26
N CYS A 40 1.42 -2.77 -4.97
CA CYS A 40 2.02 -3.26 -6.20
C CYS A 40 2.96 -4.45 -5.93
N LYS A 41 3.94 -4.25 -5.02
CA LYS A 41 4.94 -5.21 -4.57
C LYS A 41 5.69 -5.97 -5.68
N GLY A 42 5.81 -5.35 -6.86
CA GLY A 42 6.45 -5.90 -8.05
C GLY A 42 5.39 -6.35 -9.05
N LYS A 43 5.26 -7.67 -9.25
CA LYS A 43 4.37 -8.37 -10.17
C LYS A 43 4.65 -8.11 -11.66
N GLY A 44 5.75 -7.40 -11.93
CA GLY A 44 6.14 -6.89 -13.25
C GLY A 44 5.88 -5.38 -13.39
N GLY A 45 5.38 -4.72 -12.34
CA GLY A 45 5.05 -3.30 -12.30
C GLY A 45 6.27 -2.38 -12.38
N GLU A 46 6.00 -1.07 -12.56
CA GLU A 46 7.03 -0.08 -12.87
C GLU A 46 6.68 1.36 -12.43
N CYS A 47 7.59 2.30 -12.71
CA CYS A 47 7.47 3.75 -12.44
C CYS A 47 7.40 4.51 -13.77
N ASN A 48 6.19 4.57 -14.35
CA ASN A 48 5.86 5.37 -15.53
C ASN A 48 5.45 6.80 -15.16
N PRO A 49 5.41 7.74 -16.13
CA PRO A 49 5.10 9.15 -15.90
C PRO A 49 3.66 9.37 -15.45
N LEU A 50 3.45 10.44 -14.66
CA LEU A 50 2.14 10.94 -14.26
C LEU A 50 1.31 11.45 -15.45
N ASP A 51 1.97 11.73 -16.58
CA ASP A 51 1.36 12.12 -17.85
C ASP A 51 0.56 10.96 -18.47
N ARG A 52 0.92 9.70 -18.13
CA ARG A 52 0.21 8.51 -18.58
C ARG A 52 -0.98 8.22 -17.65
N GLN A 53 -2.17 8.04 -18.27
CA GLN A 53 -3.45 7.85 -17.60
C GLN A 53 -3.50 6.50 -16.86
N CYS A 54 -3.43 6.56 -15.52
CA CYS A 54 -3.50 5.43 -14.60
C CYS A 54 -3.97 5.92 -13.21
N LYS A 55 -3.89 5.04 -12.20
CA LYS A 55 -4.18 5.30 -10.79
C LYS A 55 -2.93 5.03 -9.94
N GLU A 56 -3.02 5.34 -8.63
CA GLU A 56 -1.95 5.18 -7.65
C GLU A 56 -2.46 4.57 -6.34
N LEU A 57 -1.52 4.04 -5.54
CA LEU A 57 -1.76 3.29 -4.31
C LEU A 57 -0.81 3.66 -3.14
N GLN A 58 -0.23 4.88 -3.20
CA GLN A 58 0.49 5.64 -2.18
C GLN A 58 1.64 4.93 -1.47
N ALA A 59 2.18 3.90 -2.12
CA ALA A 59 3.16 2.97 -1.58
C ALA A 59 4.43 2.99 -2.43
N GLU A 60 4.50 2.17 -3.50
CA GLU A 60 5.62 2.20 -4.45
C GLU A 60 5.53 3.42 -5.38
N SER A 61 4.31 3.93 -5.60
CA SER A 61 4.00 5.19 -6.27
C SER A 61 4.33 6.44 -5.45
N ALA A 62 5.10 6.28 -4.35
CA ALA A 62 5.62 7.36 -3.52
C ALA A 62 7.16 7.33 -3.39
N SER A 63 7.82 6.26 -3.87
CA SER A 63 9.25 6.05 -3.73
C SER A 63 10.07 6.71 -4.85
N CYS A 64 9.66 6.54 -6.12
CA CYS A 64 10.39 6.93 -7.31
C CYS A 64 10.56 8.46 -7.51
N GLY A 65 9.90 9.30 -6.70
CA GLY A 65 9.94 10.76 -6.76
C GLY A 65 8.99 11.33 -7.83
N LYS A 66 8.72 12.65 -7.76
CA LYS A 66 7.72 13.35 -8.57
C LYS A 66 7.86 13.01 -10.06
N GLY A 67 6.79 12.41 -10.61
CA GLY A 67 6.76 11.84 -11.95
C GLY A 67 6.53 10.33 -11.95
N GLN A 68 6.21 9.70 -10.80
CA GLN A 68 5.91 8.28 -10.69
C GLN A 68 4.42 8.01 -10.49
N LYS A 69 3.99 6.82 -10.91
CA LYS A 69 2.75 6.15 -10.56
C LYS A 69 2.92 4.63 -10.73
N CYS A 70 1.98 3.83 -10.20
CA CYS A 70 2.05 2.37 -10.19
C CYS A 70 0.76 1.75 -10.75
N CYS A 71 0.91 0.77 -11.65
CA CYS A 71 -0.16 0.22 -12.48
C CYS A 71 -0.10 -1.31 -12.45
N VAL A 72 -0.59 -1.91 -11.36
CA VAL A 72 -0.47 -3.34 -11.09
C VAL A 72 -1.82 -3.86 -10.60
N TRP A 73 -2.59 -4.43 -11.53
CA TRP A 73 -3.93 -4.95 -11.32
C TRP A 73 -3.90 -6.48 -11.12
N LEU A 74 -5.07 -7.09 -10.92
CA LEU A 74 -5.27 -8.53 -10.69
C LEU A 74 -6.16 -9.16 -11.78
N HIS A 75 -6.34 -10.49 -11.70
CA HIS A 75 -7.11 -11.29 -12.64
C HIS A 75 -8.58 -10.83 -12.72
N ASN A 1 0.13 -17.30 11.81
CA ASN A 1 -0.07 -15.86 11.55
C ASN A 1 -0.38 -15.61 10.06
N GLU A 2 -1.20 -14.59 9.81
CA GLU A 2 -1.71 -14.25 8.47
C GLU A 2 -1.34 -12.81 8.08
N CYS A 3 -1.50 -11.86 9.00
CA CYS A 3 -1.15 -10.45 8.81
C CYS A 3 0.33 -10.28 8.46
N VAL A 4 1.21 -10.81 9.32
CA VAL A 4 2.66 -10.74 9.21
C VAL A 4 3.17 -11.66 8.09
N SER A 5 2.45 -12.75 7.78
CA SER A 5 2.74 -13.66 6.69
C SER A 5 2.55 -12.99 5.32
N LYS A 6 1.51 -12.14 5.19
CA LYS A 6 1.30 -11.26 4.03
C LYS A 6 2.25 -10.06 4.01
N GLY A 7 2.98 -9.80 5.10
CA GLY A 7 4.04 -8.78 5.18
C GLY A 7 3.59 -7.43 5.75
N PHE A 8 2.31 -7.30 6.15
CA PHE A 8 1.77 -6.11 6.80
C PHE A 8 2.26 -5.99 8.26
N GLY A 9 1.89 -4.87 8.90
CA GLY A 9 2.23 -4.54 10.28
C GLY A 9 1.04 -4.70 11.22
N CYS A 10 1.34 -4.68 12.52
CA CYS A 10 0.36 -4.79 13.61
C CYS A 10 0.43 -3.52 14.46
N LEU A 11 -0.02 -2.39 13.88
CA LEU A 11 -0.12 -1.09 14.53
C LEU A 11 -1.28 -1.11 15.55
N PRO A 12 -1.28 -0.25 16.58
CA PRO A 12 -2.39 -0.13 17.52
C PRO A 12 -3.62 0.48 16.85
N GLN A 13 -4.79 0.30 17.47
CA GLN A 13 -6.07 0.86 17.00
C GLN A 13 -6.07 2.40 17.02
N SER A 14 -5.23 3.02 17.87
CA SER A 14 -5.02 4.46 17.91
C SER A 14 -4.34 4.98 16.63
N ASP A 15 -3.28 4.32 16.16
CA ASP A 15 -2.50 4.72 15.00
C ASP A 15 -3.17 4.32 13.69
N CYS A 16 -3.53 3.04 13.54
CA CYS A 16 -4.19 2.48 12.37
C CYS A 16 -5.61 3.04 12.21
N PRO A 17 -5.95 3.72 11.09
CA PRO A 17 -7.30 4.20 10.82
C PRO A 17 -8.25 3.02 10.54
N GLN A 18 -9.56 3.27 10.64
CA GLN A 18 -10.61 2.25 10.69
C GLN A 18 -10.81 1.55 9.33
N GLU A 19 -10.38 2.21 8.25
CA GLU A 19 -10.37 1.75 6.86
C GLU A 19 -9.26 0.73 6.60
N ALA A 20 -8.07 0.94 7.19
CA ALA A 20 -6.90 0.11 7.01
C ALA A 20 -6.91 -1.18 7.86
N ARG A 21 -7.91 -1.35 8.74
CA ARG A 21 -8.07 -2.52 9.59
C ARG A 21 -8.46 -3.75 8.76
N LEU A 22 -7.49 -4.63 8.49
CA LEU A 22 -7.67 -5.88 7.75
C LEU A 22 -8.44 -6.92 8.57
N SER A 23 -8.82 -8.01 7.89
CA SER A 23 -9.56 -9.15 8.46
C SER A 23 -8.63 -10.26 8.96
N TYR A 24 -7.32 -10.19 8.66
CA TYR A 24 -6.32 -11.17 9.04
C TYR A 24 -6.02 -11.16 10.55
N GLY A 25 -5.46 -12.27 11.04
CA GLY A 25 -5.05 -12.49 12.43
C GLY A 25 -3.53 -12.60 12.59
N GLY A 26 -3.09 -12.80 13.84
CA GLY A 26 -1.71 -13.00 14.22
C GLY A 26 -1.08 -11.78 14.92
N CYS A 27 -1.79 -10.65 15.00
CA CYS A 27 -1.35 -9.44 15.70
C CYS A 27 -1.63 -9.49 17.21
N SER A 28 -1.22 -8.43 17.90
CA SER A 28 -1.47 -8.21 19.33
C SER A 28 -2.38 -6.99 19.57
N THR A 29 -2.79 -6.29 18.49
CA THR A 29 -3.70 -5.15 18.50
C THR A 29 -4.68 -5.25 17.33
N VAL A 30 -4.21 -4.99 16.10
CA VAL A 30 -4.97 -4.99 14.85
C VAL A 30 -3.99 -4.97 13.67
N CYS A 31 -4.31 -5.67 12.57
CA CYS A 31 -3.54 -5.63 11.32
C CYS A 31 -3.83 -4.33 10.56
N CYS A 32 -2.81 -3.78 9.88
CA CYS A 32 -2.91 -2.52 9.17
C CYS A 32 -2.22 -2.62 7.80
N ASP A 33 -2.98 -2.43 6.71
CA ASP A 33 -2.45 -2.46 5.33
C ASP A 33 -1.50 -1.28 5.06
N LEU A 34 -0.19 -1.51 5.26
CA LEU A 34 0.83 -0.49 5.03
C LEU A 34 0.97 -0.15 3.53
N SER A 35 0.65 -1.11 2.65
CA SER A 35 0.71 -0.97 1.20
C SER A 35 -0.49 -0.21 0.61
N LYS A 36 -1.55 0.04 1.40
CA LYS A 36 -2.80 0.69 0.96
C LYS A 36 -3.26 1.81 1.89
N LEU A 37 -2.43 2.17 2.87
CA LEU A 37 -2.70 3.17 3.92
C LEU A 37 -2.80 4.59 3.34
N THR A 38 -1.97 4.89 2.34
CA THR A 38 -1.79 6.23 1.75
C THR A 38 -2.18 6.27 0.26
N GLY A 39 -1.88 5.20 -0.49
CA GLY A 39 -2.18 5.09 -1.91
C GLY A 39 -1.36 6.05 -2.78
N CYS A 40 -1.84 6.28 -4.02
CA CYS A 40 -1.33 7.31 -4.91
C CYS A 40 -1.59 8.69 -4.30
N LYS A 41 -2.87 9.06 -4.17
CA LYS A 41 -3.39 10.34 -3.68
C LYS A 41 -2.86 11.58 -4.42
N GLY A 42 -2.26 11.39 -5.60
CA GLY A 42 -1.62 12.40 -6.44
C GLY A 42 -0.10 12.42 -6.28
N LYS A 43 0.40 12.10 -5.08
CA LYS A 43 1.79 11.89 -4.68
C LYS A 43 2.69 13.12 -4.84
N GLY A 44 2.08 14.26 -5.11
CA GLY A 44 2.73 15.54 -5.41
C GLY A 44 3.00 15.76 -6.91
N GLY A 45 2.50 14.86 -7.78
CA GLY A 45 2.61 14.90 -9.23
C GLY A 45 1.77 16.00 -9.90
N GLU A 46 1.52 15.84 -11.21
CA GLU A 46 0.70 16.77 -11.98
C GLU A 46 -0.37 16.06 -12.81
N CYS A 47 -1.28 16.84 -13.41
CA CYS A 47 -2.33 16.33 -14.28
C CYS A 47 -1.94 16.48 -15.75
N ASN A 48 -1.63 15.34 -16.37
CA ASN A 48 -1.13 15.17 -17.73
C ASN A 48 -1.86 13.97 -18.39
N PRO A 49 -1.94 13.90 -19.73
CA PRO A 49 -2.78 12.92 -20.45
C PRO A 49 -2.30 11.47 -20.29
N LEU A 50 -3.17 10.52 -20.64
CA LEU A 50 -2.94 9.07 -20.58
C LEU A 50 -1.77 8.62 -21.49
N ASP A 51 -1.41 9.41 -22.51
CA ASP A 51 -0.36 9.13 -23.49
C ASP A 51 0.98 9.84 -23.16
N ARG A 52 1.13 10.45 -21.98
CA ARG A 52 2.36 11.07 -21.47
C ARG A 52 3.42 10.04 -21.01
N GLN A 53 3.46 8.89 -21.67
CA GLN A 53 4.32 7.72 -21.47
C GLN A 53 4.09 6.98 -20.14
N CYS A 54 3.29 7.54 -19.23
CA CYS A 54 2.95 6.98 -17.92
C CYS A 54 1.97 5.81 -18.06
N LYS A 55 2.09 4.85 -17.13
CA LYS A 55 1.18 3.72 -16.98
C LYS A 55 1.13 3.27 -15.52
N GLU A 56 -0.06 3.40 -14.91
CA GLU A 56 -0.35 3.01 -13.52
C GLU A 56 -1.87 2.83 -13.34
N LEU A 57 -2.31 2.60 -12.10
CA LEU A 57 -3.71 2.49 -11.69
C LEU A 57 -4.55 3.73 -12.04
N GLN A 58 -5.88 3.54 -12.11
CA GLN A 58 -6.89 4.55 -12.32
C GLN A 58 -7.92 4.63 -11.19
N ALA A 59 -7.80 3.79 -10.16
CA ALA A 59 -8.65 3.75 -8.97
C ALA A 59 -8.52 4.99 -8.06
N GLU A 60 -7.54 5.87 -8.30
CA GLU A 60 -7.28 7.08 -7.52
C GLU A 60 -7.02 8.29 -8.43
N SER A 61 -6.23 8.09 -9.49
CA SER A 61 -5.81 9.12 -10.44
C SER A 61 -6.96 9.76 -11.23
N ALA A 62 -8.14 9.12 -11.24
CA ALA A 62 -9.41 9.61 -11.76
C ALA A 62 -9.92 10.90 -11.07
N SER A 63 -9.20 11.40 -10.05
CA SER A 63 -9.43 12.67 -9.39
C SER A 63 -9.40 13.87 -10.37
N CYS A 64 -8.48 13.88 -11.35
CA CYS A 64 -8.45 14.91 -12.40
C CYS A 64 -9.53 14.70 -13.46
N GLY A 65 -10.12 13.49 -13.51
CA GLY A 65 -11.04 13.03 -14.54
C GLY A 65 -10.36 12.03 -15.48
N LYS A 66 -11.11 11.62 -16.51
CA LYS A 66 -10.67 10.74 -17.59
C LYS A 66 -9.58 11.44 -18.41
N GLY A 67 -8.32 11.08 -18.12
CA GLY A 67 -7.13 11.68 -18.70
C GLY A 67 -5.90 11.54 -17.80
N GLN A 68 -6.07 11.38 -16.48
CA GLN A 68 -4.98 11.35 -15.52
C GLN A 68 -4.73 9.92 -15.01
N LYS A 69 -3.44 9.60 -14.91
CA LYS A 69 -2.86 8.37 -14.39
C LYS A 69 -1.71 8.67 -13.41
N CYS A 70 -1.64 7.93 -12.30
CA CYS A 70 -0.66 8.12 -11.24
C CYS A 70 0.78 8.03 -11.80
N CYS A 71 1.52 9.16 -11.82
CA CYS A 71 2.80 9.27 -12.52
C CYS A 71 3.83 10.05 -11.70
N VAL A 72 4.36 9.46 -10.63
CA VAL A 72 5.33 10.05 -9.73
C VAL A 72 6.34 9.00 -9.31
N TRP A 73 7.60 9.17 -9.72
CA TRP A 73 8.73 8.29 -9.43
C TRP A 73 9.32 8.50 -8.03
N LEU A 74 8.87 9.55 -7.34
CA LEU A 74 9.24 9.92 -5.98
C LEU A 74 8.42 9.11 -4.96
N HIS A 75 8.92 9.05 -3.72
CA HIS A 75 8.30 8.43 -2.54
C HIS A 75 7.70 7.05 -2.84
#